data_5CA3
#
_entry.id   5CA3
#
_cell.length_a   57.423
_cell.length_b   136.911
_cell.length_c   81.518
_cell.angle_alpha   90.00
_cell.angle_beta   100.72
_cell.angle_gamma   90.00
#
_symmetry.space_group_name_H-M   'P 1 21 1'
#
loop_
_entity.id
_entity.type
_entity.pdbx_description
1 polymer 'Glucosidase YgjK'
2 branched beta-D-galactopyranose-(1-4)-alpha-D-glucopyranose
3 non-polymer 'CALCIUM ION'
4 non-polymer 'MAGNESIUM ION'
5 non-polymer beta-D-glucopyranose
6 non-polymer alpha-D-glucopyranose
7 water water
#
_entity_poly.entity_id   1
_entity_poly.type   'polypeptide(L)'
_entity_poly.pdbx_seq_one_letter_code
;NADNYKNVINRTGAPQYMKDYDYDDHQRFNPFFDLGAWHGHLLPDGPNTMGGFPGVALLTEEYINFMASNFDRLTVWQDG
KKVDFTLEAYSIPGALVQKLTAKDVQVEMTLRFATPRTSLLETKITSNKPLDLVWDGELLEKLEAKEGKPLSDKTIAGEY
PDYQRKISATRDGLKVTFGKVRATWDLLTSGESEYQVHKSLPVQTEINGNRFTSKAHINGSTTLYTTYSHLLTAQEVSKE
QMQIRDILARPAFYLTASQQRWEEYLKKGLTNPDATPEQTRVAVKAIETLNGNWRSPGGAVKFNTVTPSVTGRWFSGNQT
WPWNTWKQAFAMAHFNPDIAKENIRAVFSWQIQPGDSVRPQDVGFVPDLIAWNLSPERGGDGGNWNERNTKPSLAAWSVM
EVYNVTQDKTWVAEMYPKLVAYHDWWLRNRDHNGNGVPEYGATRDKAHNTESGEMLFTVKKGDKEETQSGLNNYARVVEK
GQYDSLEIPAQVAASWESGRDDAAVFGFIDKEQLDKYVANGGKRSDWTVKFAENRSQDGTLLGYSLLQESVDQASYMYSD
NHYLAEMATILGKPEEAKRYRQLAQQLADYINTCMFDPTTQFYYDVRIEDKPLANGCAGKPIVERGKGPEGWSPLFNGAA
TQANADAVVKVMLDPKEFNTFVPLGTAALTNPAFGADIYWRGRVWVDQFWFGLKGMERYGYRDDALKLADTFFRHAKGLT
ADGPIQENYNPLTGAQQGAPNFSWSAAHLYMLYNDFFRKQ
;
_entity_poly.pdbx_strand_id   A,B
#
# COMPACT_ATOMS: atom_id res chain seq x y z
N ASN A 1 50.15 9.17 14.49
CA ASN A 1 50.24 10.39 13.65
C ASN A 1 49.07 10.50 12.65
N ALA A 2 48.13 11.39 12.97
CA ALA A 2 46.96 11.62 12.13
C ALA A 2 47.30 12.01 10.69
N ASP A 3 48.45 12.66 10.50
CA ASP A 3 48.89 13.09 9.17
C ASP A 3 49.24 11.96 8.21
N ASN A 4 49.42 10.74 8.72
CA ASN A 4 49.64 9.58 7.87
C ASN A 4 48.39 9.14 7.09
N TYR A 5 47.22 9.67 7.45
CA TYR A 5 45.95 9.19 6.90
C TYR A 5 45.13 10.31 6.30
N LYS A 6 45.60 10.86 5.19
CA LYS A 6 44.92 12.00 4.58
C LYS A 6 43.81 11.50 3.68
N ASN A 7 42.66 12.16 3.71
CA ASN A 7 41.55 11.93 2.79
C ASN A 7 41.06 10.47 2.74
N VAL A 8 40.88 9.84 3.89
CA VAL A 8 40.40 8.46 3.91
C VAL A 8 38.97 8.39 3.37
N ILE A 9 38.17 9.41 3.68
CA ILE A 9 36.87 9.61 3.06
C ILE A 9 36.91 10.94 2.31
N ASN A 10 36.24 11.01 1.17
CA ASN A 10 36.10 12.25 0.43
C ASN A 10 35.18 13.21 1.17
N ARG A 11 35.77 14.27 1.71
CA ARG A 11 35.01 15.29 2.44
C ARG A 11 34.91 16.61 1.69
N THR A 12 35.13 16.59 0.37
CA THR A 12 34.95 17.79 -0.45
C THR A 12 33.48 17.93 -0.84
N GLY A 13 33.06 19.17 -1.09
CA GLY A 13 31.72 19.39 -1.61
C GLY A 13 31.34 20.85 -1.57
N ALA A 14 30.46 21.25 -2.48
CA ALA A 14 29.91 22.60 -2.50
C ALA A 14 28.39 22.48 -2.64
N PRO A 15 27.68 22.26 -1.53
CA PRO A 15 26.22 22.08 -1.63
C PRO A 15 25.50 23.31 -2.17
N GLN A 16 24.47 23.06 -2.97
CA GLN A 16 23.66 24.14 -3.54
C GLN A 16 22.21 24.08 -3.09
N TYR A 17 21.88 23.10 -2.25
CA TYR A 17 20.50 22.87 -1.80
C TYR A 17 20.56 22.48 -0.35
N MET A 18 19.52 22.82 0.41
CA MET A 18 19.45 22.39 1.82
C MET A 18 19.49 20.87 1.93
N LYS A 19 18.76 20.22 1.04
CA LYS A 19 18.73 18.77 0.89
C LYS A 19 19.43 18.43 -0.42
N ASP A 20 20.75 18.22 -0.35
CA ASP A 20 21.55 17.96 -1.54
C ASP A 20 21.81 16.47 -1.52
N TYR A 21 20.78 15.75 -1.93
CA TYR A 21 20.70 14.31 -1.67
C TYR A 21 21.27 13.44 -2.77
N ASP A 22 21.59 12.21 -2.39
CA ASP A 22 21.95 11.17 -3.32
C ASP A 22 20.67 10.43 -3.73
N TYR A 23 20.84 9.35 -4.47
CA TYR A 23 19.72 8.58 -5.01
C TYR A 23 18.71 8.14 -3.94
N ASP A 24 19.21 7.87 -2.73
CA ASP A 24 18.38 7.33 -1.64
C ASP A 24 18.08 8.32 -0.50
N ASP A 25 18.11 9.61 -0.84
CA ASP A 25 17.73 10.73 0.04
C ASP A 25 18.75 11.05 1.13
N HIS A 26 19.97 10.55 0.99
CA HIS A 26 21.01 10.85 2.00
C HIS A 26 21.84 12.04 1.50
N GLN A 27 22.32 12.88 2.41
CA GLN A 27 23.18 13.99 1.97
C GLN A 27 24.41 13.41 1.25
N ARG A 28 24.68 13.92 0.05
CA ARG A 28 25.64 13.30 -0.86
C ARG A 28 27.10 13.71 -0.63
N PHE A 29 27.32 14.53 0.41
CA PHE A 29 28.64 14.93 0.85
C PHE A 29 28.85 14.45 2.30
N ASN A 30 30.10 14.39 2.74
CA ASN A 30 30.48 13.75 4.00
C ASN A 30 31.17 14.76 4.93
N PRO A 31 30.39 15.63 5.60
CA PRO A 31 31.01 16.64 6.43
C PRO A 31 31.74 16.06 7.65
N PHE A 32 32.69 16.83 8.15
CA PHE A 32 33.46 16.48 9.34
C PHE A 32 32.74 17.00 10.58
N PHE A 33 32.38 16.07 11.48
CA PHE A 33 31.81 16.38 12.80
C PHE A 33 32.71 15.76 13.85
N ASP A 34 32.82 16.39 15.03
CA ASP A 34 33.62 15.84 16.13
C ASP A 34 33.05 16.34 17.45
N LEU A 35 33.42 15.68 18.55
CA LEU A 35 33.05 16.04 19.92
C LEU A 35 31.56 16.00 20.19
N GLY A 36 30.82 15.29 19.34
CA GLY A 36 29.37 15.27 19.42
C GLY A 36 28.70 16.58 19.03
N ALA A 37 29.39 17.43 18.29
CA ALA A 37 28.80 18.71 17.89
C ALA A 37 27.63 18.54 16.92
N TRP A 38 26.83 19.59 16.79
CA TRP A 38 25.61 19.58 16.00
C TRP A 38 25.74 20.42 14.73
N HIS A 39 26.97 20.54 14.25
CA HIS A 39 27.25 21.12 12.95
C HIS A 39 28.51 20.50 12.41
N GLY A 40 28.64 20.55 11.09
CA GLY A 40 29.74 19.91 10.38
C GLY A 40 30.20 20.74 9.21
N HIS A 41 31.40 20.42 8.71
CA HIS A 41 32.06 21.21 7.68
C HIS A 41 32.62 20.36 6.54
N LEU A 42 32.69 20.94 5.35
CA LEU A 42 33.24 20.27 4.18
C LEU A 42 34.50 20.99 3.72
N LEU A 43 35.32 20.28 2.93
CA LEU A 43 36.47 20.87 2.26
C LEU A 43 36.06 21.57 0.97
N PRO A 44 36.77 22.64 0.60
CA PRO A 44 36.52 23.26 -0.70
C PRO A 44 36.76 22.29 -1.84
N ASP A 45 35.99 22.42 -2.91
CA ASP A 45 36.11 21.51 -4.06
C ASP A 45 36.94 22.11 -5.20
N GLY A 46 37.40 23.35 -5.03
CA GLY A 46 38.11 24.05 -6.09
C GLY A 46 38.08 25.56 -5.90
N PRO A 47 38.38 26.33 -6.96
CA PRO A 47 38.50 27.79 -6.91
C PRO A 47 37.27 28.52 -6.41
N ASN A 48 36.09 27.96 -6.67
CA ASN A 48 34.84 28.61 -6.31
C ASN A 48 34.59 28.62 -4.81
N THR A 49 35.23 27.71 -4.08
CA THR A 49 35.01 27.58 -2.65
C THR A 49 36.30 27.72 -1.83
N MET A 50 37.46 27.86 -2.48
CA MET A 50 38.71 27.98 -1.71
C MET A 50 38.69 29.24 -0.83
N GLY A 51 39.31 29.14 0.33
CA GLY A 51 39.32 30.22 1.32
C GLY A 51 38.33 29.97 2.45
N GLY A 52 37.41 29.03 2.24
CA GLY A 52 36.46 28.64 3.27
C GLY A 52 36.19 27.15 3.27
N PHE A 53 35.37 26.73 4.24
CA PHE A 53 34.92 25.35 4.37
C PHE A 53 33.44 25.36 4.05
N PRO A 54 33.09 25.02 2.80
CA PRO A 54 31.71 25.20 2.36
C PRO A 54 30.74 24.23 3.00
N GLY A 55 29.45 24.51 2.86
CA GLY A 55 28.44 23.54 3.21
C GLY A 55 28.44 23.32 4.70
N VAL A 56 28.18 24.38 5.43
CA VAL A 56 27.84 24.28 6.84
C VAL A 56 26.63 23.35 7.02
N ALA A 57 26.87 22.16 7.55
CA ALA A 57 25.79 21.20 7.77
C ALA A 57 25.25 21.42 9.19
N LEU A 58 23.97 21.69 9.31
CA LEU A 58 23.31 21.84 10.61
C LEU A 58 22.52 20.60 10.93
N LEU A 59 22.66 20.10 12.15
CA LEU A 59 21.84 19.00 12.62
C LEU A 59 20.66 19.63 13.33
N THR A 60 19.55 19.71 12.63
CA THR A 60 18.38 20.39 13.14
C THR A 60 17.50 19.40 13.89
N GLU A 61 17.93 19.09 15.11
CA GLU A 61 17.29 18.18 16.06
C GLU A 61 17.34 16.71 15.61
N GLU A 62 16.79 16.39 14.44
CA GLU A 62 16.72 15.00 13.98
C GLU A 62 17.14 14.78 12.52
N TYR A 63 17.58 15.84 11.83
CA TYR A 63 17.90 15.82 10.39
C TYR A 63 19.18 16.61 10.12
N ILE A 64 19.88 16.24 9.06
CA ILE A 64 21.00 17.02 8.55
C ILE A 64 20.54 17.91 7.38
N ASN A 65 20.78 19.22 7.51
CA ASN A 65 20.37 20.23 6.53
C ASN A 65 21.52 21.21 6.30
N PHE A 66 21.84 21.48 5.04
CA PHE A 66 22.88 22.44 4.73
C PHE A 66 22.35 23.87 4.88
N MET A 67 23.21 24.77 5.37
CA MET A 67 22.84 26.16 5.66
C MET A 67 23.26 27.15 4.59
N ALA A 68 24.44 26.92 4.01
CA ALA A 68 25.11 27.85 3.10
C ALA A 68 26.04 27.07 2.19
N SER A 69 26.35 27.56 0.99
CA SER A 69 27.48 26.98 0.26
C SER A 69 28.73 27.66 0.83
N ASN A 70 29.01 28.90 0.44
CA ASN A 70 30.11 29.63 1.07
C ASN A 70 29.63 30.35 2.33
N PHE A 71 30.40 30.21 3.40
CA PHE A 71 30.09 30.95 4.63
C PHE A 71 31.38 31.20 5.39
N ASP A 72 31.72 32.48 5.54
CA ASP A 72 32.98 32.92 6.16
C ASP A 72 34.18 32.49 5.30
N ARG A 73 34.02 32.57 3.99
CA ARG A 73 35.12 32.30 3.04
C ARG A 73 36.04 33.51 2.96
N LEU A 74 37.34 33.28 3.08
CA LEU A 74 38.34 34.34 3.08
C LEU A 74 38.83 34.66 1.67
N THR A 75 38.87 35.96 1.36
CA THR A 75 39.59 36.52 0.22
C THR A 75 40.63 37.51 0.75
N VAL A 76 41.82 37.51 0.15
CA VAL A 76 42.93 38.35 0.61
C VAL A 76 43.34 39.36 -0.45
N TRP A 77 43.41 40.62 -0.04
CA TRP A 77 43.81 41.70 -0.91
C TRP A 77 45.10 42.30 -0.38
N GLN A 78 46.04 42.57 -1.27
CA GLN A 78 47.28 43.28 -0.92
C GLN A 78 47.36 44.52 -1.80
N ASP A 79 47.22 45.69 -1.20
CA ASP A 79 47.26 46.98 -1.91
C ASP A 79 46.33 46.98 -3.14
N GLY A 80 45.11 46.50 -2.94
CA GLY A 80 44.09 46.51 -3.99
C GLY A 80 44.18 45.40 -5.03
N LYS A 81 45.16 44.51 -4.89
CA LYS A 81 45.32 43.36 -5.78
C LYS A 81 44.78 42.15 -5.05
N LYS A 82 43.83 41.47 -5.67
CA LYS A 82 43.31 40.22 -5.11
C LYS A 82 44.35 39.11 -5.25
N VAL A 83 44.73 38.50 -4.14
CA VAL A 83 45.72 37.43 -4.15
C VAL A 83 45.09 36.18 -4.76
N ASP A 84 45.68 35.69 -5.86
CA ASP A 84 45.24 34.46 -6.51
C ASP A 84 46.00 33.28 -5.92
N PHE A 85 45.33 32.54 -5.04
CA PHE A 85 45.96 31.46 -4.28
C PHE A 85 45.90 30.11 -5.00
N THR A 86 46.94 29.30 -4.78
CA THR A 86 46.92 27.87 -5.06
C THR A 86 46.30 27.14 -3.87
N LEU A 87 45.44 26.17 -4.12
CA LEU A 87 44.72 25.42 -3.07
C LEU A 87 45.29 24.02 -2.90
N GLU A 88 45.51 23.64 -1.64
CA GLU A 88 45.68 22.24 -1.30
C GLU A 88 44.81 22.01 -0.08
N ALA A 89 43.92 21.03 -0.16
CA ALA A 89 43.00 20.77 0.95
C ALA A 89 42.93 19.30 1.24
N TYR A 90 42.88 18.94 2.52
CA TYR A 90 42.74 17.54 2.88
C TYR A 90 42.15 17.39 4.27
N SER A 91 41.62 16.19 4.51
CA SER A 91 41.14 15.78 5.83
C SER A 91 42.16 14.85 6.45
N ILE A 92 42.24 14.89 7.77
CA ILE A 92 42.96 13.91 8.56
C ILE A 92 41.99 13.51 9.69
N PRO A 93 42.26 12.38 10.35
CA PRO A 93 41.44 12.05 11.50
C PRO A 93 41.47 13.19 12.51
N GLY A 94 40.32 13.81 12.75
CA GLY A 94 40.20 14.90 13.71
C GLY A 94 40.34 16.32 13.17
N ALA A 95 40.58 16.50 11.88
CA ALA A 95 40.75 17.86 11.38
C ALA A 95 40.52 18.02 9.87
N LEU A 96 40.15 19.23 9.48
CA LEU A 96 40.22 19.63 8.07
C LEU A 96 41.32 20.67 7.91
N VAL A 97 42.08 20.54 6.82
CA VAL A 97 43.20 21.44 6.56
C VAL A 97 43.09 22.00 5.14
N GLN A 98 43.37 23.29 5.01
CA GLN A 98 43.38 23.96 3.73
C GLN A 98 44.56 24.93 3.70
N LYS A 99 45.38 24.81 2.66
CA LYS A 99 46.56 25.65 2.49
C LYS A 99 46.37 26.48 1.23
N LEU A 100 46.58 27.79 1.37
CA LEU A 100 46.47 28.73 0.28
C LEU A 100 47.82 29.38 0.07
N THR A 101 48.40 29.18 -1.11
CA THR A 101 49.78 29.60 -1.34
C THR A 101 49.87 30.58 -2.52
N ALA A 102 50.52 31.70 -2.27
CA ALA A 102 50.84 32.67 -3.31
C ALA A 102 52.26 33.12 -3.05
N LYS A 103 52.79 33.99 -3.91
CA LYS A 103 54.17 34.44 -3.80
C LYS A 103 54.46 35.15 -2.49
N ASP A 104 53.69 36.19 -2.21
CA ASP A 104 53.92 37.12 -1.09
C ASP A 104 53.07 36.77 0.14
N VAL A 105 52.07 35.90 -0.03
CA VAL A 105 51.14 35.59 1.05
C VAL A 105 50.84 34.10 1.07
N GLN A 106 50.85 33.50 2.26
CA GLN A 106 50.40 32.14 2.43
C GLN A 106 49.44 32.06 3.61
N VAL A 107 48.45 31.18 3.51
CA VAL A 107 47.47 30.97 4.59
C VAL A 107 47.35 29.48 4.86
N GLU A 108 47.41 29.09 6.13
CA GLU A 108 47.17 27.70 6.51
C GLU A 108 46.00 27.69 7.48
N MET A 109 44.93 27.01 7.07
CA MET A 109 43.72 26.91 7.87
C MET A 109 43.58 25.49 8.41
N THR A 110 43.41 25.38 9.72
CA THR A 110 43.21 24.09 10.38
C THR A 110 41.93 24.20 11.18
N LEU A 111 40.99 23.29 10.91
CA LEU A 111 39.70 23.30 11.54
C LEU A 111 39.55 22.06 12.41
N ARG A 112 39.37 22.27 13.71
CA ARG A 112 39.15 21.21 14.70
C ARG A 112 37.92 21.55 15.53
N PHE A 113 37.42 20.60 16.31
CA PHE A 113 36.32 20.88 17.24
C PHE A 113 36.86 21.14 18.62
N ALA A 114 36.27 22.14 19.30
CA ALA A 114 36.72 22.58 20.64
C ALA A 114 35.77 22.16 21.76
N THR A 115 34.47 22.17 21.48
CA THR A 115 33.45 21.78 22.45
C THR A 115 32.33 21.00 21.74
N PRO A 116 31.40 20.39 22.50
CA PRO A 116 30.24 19.75 21.89
C PRO A 116 29.25 20.66 21.14
N ARG A 117 29.54 21.95 21.05
CA ARG A 117 28.75 22.87 20.23
C ARG A 117 29.60 23.77 19.31
N THR A 118 30.93 23.65 19.35
CA THR A 118 31.80 24.68 18.77
C THR A 118 33.03 24.08 18.06
N SER A 119 33.19 24.43 16.79
CA SER A 119 34.43 24.18 16.05
C SER A 119 35.33 25.43 16.07
N LEU A 120 36.63 25.18 15.96
CA LEU A 120 37.65 26.21 16.05
C LEU A 120 38.49 26.19 14.80
N LEU A 121 38.56 27.34 14.15
CA LEU A 121 39.39 27.49 12.96
C LEU A 121 40.61 28.34 13.30
N GLU A 122 41.78 27.77 13.07
CA GLU A 122 43.02 28.54 13.06
C GLU A 122 43.33 29.01 11.63
N THR A 123 43.44 30.32 11.45
CA THR A 123 43.82 30.91 10.15
C THR A 123 45.20 31.55 10.35
N LYS A 124 46.24 30.82 9.94
CA LYS A 124 47.62 31.25 10.11
C LYS A 124 48.04 31.93 8.81
N ILE A 125 48.28 33.23 8.89
CA ILE A 125 48.60 34.03 7.71
C ILE A 125 50.07 34.46 7.79
N THR A 126 50.82 34.20 6.73
CA THR A 126 52.20 34.67 6.63
C THR A 126 52.29 35.63 5.44
N SER A 127 52.82 36.81 5.71
CA SER A 127 52.90 37.88 4.73
C SER A 127 54.02 38.87 5.05
N ASN A 128 54.74 39.32 4.03
CA ASN A 128 55.77 40.35 4.23
C ASN A 128 55.19 41.75 4.29
N LYS A 129 53.88 41.87 4.06
CA LYS A 129 53.22 43.15 3.93
C LYS A 129 51.88 43.16 4.66
N PRO A 130 51.38 44.36 5.01
CA PRO A 130 50.00 44.47 5.49
C PRO A 130 49.00 43.94 4.46
N LEU A 131 47.87 43.45 4.95
CA LEU A 131 46.85 42.85 4.09
C LEU A 131 45.47 43.30 4.49
N ASP A 132 44.56 43.27 3.52
CA ASP A 132 43.15 43.48 3.75
C ASP A 132 42.39 42.17 3.55
N LEU A 133 41.72 41.73 4.62
CA LEU A 133 41.01 40.46 4.66
C LEU A 133 39.53 40.72 4.42
N VAL A 134 38.93 39.89 3.57
CA VAL A 134 37.49 39.94 3.31
C VAL A 134 36.90 38.55 3.45
N TRP A 135 35.93 38.41 4.36
CA TRP A 135 35.18 37.18 4.49
C TRP A 135 33.76 37.41 3.93
N ASP A 136 33.23 36.42 3.24
CA ASP A 136 31.88 36.55 2.70
C ASP A 136 31.07 35.28 2.93
N GLY A 137 29.76 35.42 2.90
CA GLY A 137 28.89 34.27 2.97
C GLY A 137 27.51 34.58 2.46
N GLU A 138 26.80 33.52 2.11
CA GLU A 138 25.46 33.60 1.59
C GLU A 138 24.71 32.33 2.00
N LEU A 139 23.51 32.51 2.53
CA LEU A 139 22.66 31.38 2.91
C LEU A 139 22.09 30.75 1.64
N LEU A 140 21.82 29.46 1.70
CA LEU A 140 21.19 28.75 0.59
C LEU A 140 19.77 29.26 0.33
N GLU A 141 19.35 29.14 -0.94
CA GLU A 141 17.98 29.48 -1.36
C GLU A 141 17.17 28.21 -1.72
N LYS A 142 17.80 27.30 -2.45
CA LYS A 142 17.11 26.17 -3.05
C LYS A 142 16.93 25.01 -2.05
N LEU A 143 15.78 24.34 -2.14
CA LEU A 143 15.41 23.32 -1.17
C LEU A 143 16.05 21.94 -1.40
N GLU A 144 15.84 21.37 -2.58
CA GLU A 144 16.07 19.93 -2.74
C GLU A 144 16.50 19.52 -4.13
N ALA A 145 17.51 18.66 -4.16
CA ALA A 145 18.04 18.05 -5.39
C ALA A 145 18.38 16.58 -5.14
N LYS A 146 18.49 15.83 -6.24
CA LYS A 146 18.91 14.43 -6.20
C LYS A 146 20.05 14.28 -7.20
N GLU A 147 21.22 13.86 -6.71
CA GLU A 147 22.40 13.66 -7.55
C GLU A 147 22.77 14.96 -8.29
N GLY A 148 22.57 16.08 -7.61
CA GLY A 148 22.93 17.40 -8.14
C GLY A 148 21.87 18.06 -9.01
N LYS A 149 20.73 17.40 -9.17
CA LYS A 149 19.68 17.87 -10.06
C LYS A 149 18.43 18.17 -9.25
N PRO A 150 17.85 19.38 -9.45
CA PRO A 150 16.71 19.79 -8.61
C PRO A 150 15.52 18.84 -8.71
N LEU A 151 14.90 18.55 -7.56
CA LEU A 151 13.72 17.69 -7.50
C LEU A 151 12.44 18.50 -7.67
N SER A 152 12.53 19.80 -7.43
CA SER A 152 11.43 20.74 -7.61
C SER A 152 12.04 22.14 -7.67
N ASP A 153 11.22 23.18 -7.86
CA ASP A 153 11.74 24.55 -7.75
C ASP A 153 11.33 25.21 -6.42
N LYS A 154 11.00 24.38 -5.43
CA LYS A 154 10.69 24.87 -4.09
C LYS A 154 11.92 25.60 -3.53
N THR A 155 11.69 26.64 -2.75
CA THR A 155 12.75 27.31 -2.03
C THR A 155 12.63 27.00 -0.54
N ILE A 156 13.74 27.19 0.16
CA ILE A 156 13.77 27.00 1.60
C ILE A 156 12.73 27.90 2.25
N ALA A 157 12.77 29.20 1.91
CA ALA A 157 11.85 30.18 2.49
C ALA A 157 10.40 29.91 2.10
N GLY A 158 10.20 29.42 0.88
CA GLY A 158 8.85 29.11 0.42
C GLY A 158 8.26 27.92 1.15
N GLU A 159 9.07 26.89 1.33
CA GLU A 159 8.63 25.67 2.00
C GLU A 159 8.44 25.87 3.50
N TYR A 160 9.29 26.69 4.10
CA TYR A 160 9.26 26.95 5.54
C TYR A 160 9.15 28.45 5.80
N PRO A 161 7.92 29.00 5.70
CA PRO A 161 7.73 30.44 5.80
C PRO A 161 8.05 31.04 7.18
N ASP A 162 8.08 30.23 8.23
CA ASP A 162 8.40 30.71 9.57
C ASP A 162 9.91 30.67 9.87
N TYR A 163 10.68 30.01 9.01
CA TYR A 163 12.12 29.85 9.21
C TYR A 163 12.82 31.21 9.32
N GLN A 164 12.45 32.12 8.41
CA GLN A 164 12.80 33.53 8.46
C GLN A 164 14.21 33.78 8.95
N ARG A 165 15.16 33.19 8.23
CA ARG A 165 16.57 33.25 8.58
C ARG A 165 17.05 34.69 8.54
N LYS A 166 17.79 35.10 9.56
CA LYS A 166 18.38 36.44 9.57
C LYS A 166 19.79 36.45 10.12
N ILE A 167 20.66 37.19 9.42
CA ILE A 167 22.03 37.42 9.84
C ILE A 167 22.11 38.73 10.64
N SER A 168 22.87 38.69 11.73
CA SER A 168 23.17 39.88 12.55
C SER A 168 24.67 39.93 12.82
N ALA A 169 25.14 41.10 13.26
CA ALA A 169 26.56 41.31 13.52
C ALA A 169 26.85 41.43 15.01
N THR A 170 28.06 41.06 15.39
CA THR A 170 28.67 41.47 16.65
C THR A 170 30.01 42.13 16.32
N ARG A 171 30.67 42.72 17.30
CA ARG A 171 31.97 43.37 17.05
C ARG A 171 33.04 42.38 16.56
N ASP A 172 32.91 41.12 17.01
CA ASP A 172 33.89 40.06 16.71
C ASP A 172 33.37 39.01 15.70
N GLY A 173 32.26 39.31 15.03
CA GLY A 173 31.75 38.37 14.05
C GLY A 173 30.30 38.58 13.71
N LEU A 174 29.56 37.49 13.68
CA LEU A 174 28.19 37.51 13.21
C LEU A 174 27.44 36.26 13.66
N LYS A 175 26.15 36.26 13.40
CA LYS A 175 25.33 35.09 13.69
C LYS A 175 24.18 35.01 12.74
N VAL A 176 23.63 33.80 12.63
CA VAL A 176 22.39 33.57 11.92
C VAL A 176 21.36 33.11 12.94
N THR A 177 20.16 33.69 12.90
CA THR A 177 19.08 33.24 13.76
C THR A 177 18.02 32.55 12.91
N PHE A 178 17.27 31.65 13.55
CA PHE A 178 16.30 30.82 12.86
C PHE A 178 14.98 30.83 13.62
N GLY A 179 13.88 31.02 12.91
CA GLY A 179 12.55 30.91 13.50
C GLY A 179 12.17 29.45 13.75
N LYS A 180 11.08 29.27 14.48
CA LYS A 180 10.59 27.95 14.88
C LYS A 180 9.89 27.28 13.71
N VAL A 181 10.45 26.14 13.30
CA VAL A 181 9.90 25.30 12.25
C VAL A 181 9.72 23.89 12.84
N ARG A 182 8.51 23.35 12.74
CA ARG A 182 8.24 21.99 13.24
C ARG A 182 7.80 21.05 12.11
N ALA A 183 8.66 20.96 11.09
CA ALA A 183 8.44 20.08 9.95
C ALA A 183 8.97 18.69 10.29
N THR A 184 8.03 17.87 10.75
CA THR A 184 8.30 16.58 11.39
C THR A 184 9.33 15.69 10.73
N TRP A 185 9.32 15.66 9.38
CA TRP A 185 10.22 14.80 8.61
C TRP A 185 11.37 15.54 7.94
N ASP A 186 11.49 16.85 8.15
CA ASP A 186 12.40 17.67 7.35
C ASP A 186 13.32 18.58 8.16
N LEU A 187 12.73 19.35 9.05
CA LEU A 187 13.38 20.52 9.63
C LEU A 187 12.72 20.86 10.95
N LEU A 188 13.49 20.77 12.02
CA LEU A 188 13.00 20.97 13.36
C LEU A 188 13.89 21.97 14.09
N THR A 189 13.29 23.09 14.49
CA THR A 189 14.00 24.10 15.24
C THR A 189 13.12 24.58 16.40
N SER A 190 13.78 25.19 17.38
CA SER A 190 13.13 25.65 18.60
C SER A 190 12.58 27.06 18.49
N GLY A 191 13.07 27.81 17.51
CA GLY A 191 12.87 29.27 17.45
C GLY A 191 13.94 30.06 18.21
N GLU A 192 14.84 29.38 18.91
CA GLU A 192 15.92 30.01 19.65
C GLU A 192 17.28 29.55 19.15
N SER A 193 17.33 28.79 18.07
CA SER A 193 18.62 28.26 17.61
C SER A 193 19.36 29.33 16.82
N GLU A 194 20.70 29.24 16.87
CA GLU A 194 21.57 30.20 16.22
C GLU A 194 22.81 29.50 15.68
N TYR A 195 23.44 30.09 14.67
CA TYR A 195 24.77 29.70 14.21
C TYR A 195 25.65 30.92 14.42
N GLN A 196 26.60 30.84 15.36
CA GLN A 196 27.40 31.99 15.78
C GLN A 196 28.83 31.91 15.25
N VAL A 197 29.34 33.03 14.76
CA VAL A 197 30.75 33.18 14.37
C VAL A 197 31.43 34.24 15.25
N HIS A 198 32.45 33.83 16.00
CA HIS A 198 33.24 34.78 16.80
C HIS A 198 34.71 34.68 16.46
N LYS A 199 35.39 35.82 16.41
CA LYS A 199 36.81 35.88 16.02
C LYS A 199 37.70 36.61 17.02
N SER A 200 39.00 36.32 16.92
CA SER A 200 40.01 36.84 17.86
C SER A 200 40.43 38.27 17.52
N LEU A 201 39.85 38.83 16.48
CA LEU A 201 40.09 40.22 16.15
C LEU A 201 38.76 40.86 15.77
N PRO A 202 38.64 42.20 15.93
CA PRO A 202 37.43 42.84 15.45
C PRO A 202 37.32 42.76 13.94
N VAL A 203 36.10 42.57 13.42
CA VAL A 203 35.89 42.63 11.99
C VAL A 203 34.71 43.54 11.76
N GLN A 204 34.70 44.14 10.58
CA GLN A 204 33.63 45.06 10.23
C GLN A 204 32.68 44.34 9.29
N THR A 205 31.47 44.07 9.78
CA THR A 205 30.50 43.23 9.07
C THR A 205 29.32 44.03 8.54
N GLU A 206 29.08 43.89 7.23
CA GLU A 206 27.87 44.45 6.60
C GLU A 206 26.96 43.33 6.14
N ILE A 207 25.66 43.56 6.27
CA ILE A 207 24.66 42.58 5.94
C ILE A 207 23.74 43.11 4.84
N ASN A 208 23.50 42.28 3.83
CA ASN A 208 22.62 42.61 2.71
C ASN A 208 21.72 41.41 2.46
N GLY A 209 20.49 41.47 2.97
CA GLY A 209 19.57 40.33 2.94
C GLY A 209 20.18 39.08 3.58
N ASN A 210 20.33 38.01 2.81
CA ASN A 210 20.90 36.77 3.34
C ASN A 210 22.37 36.57 2.96
N ARG A 211 23.08 37.66 2.68
CA ARG A 211 24.52 37.66 2.41
C ARG A 211 25.21 38.55 3.42
N PHE A 212 26.47 38.24 3.71
CA PHE A 212 27.31 39.16 4.49
C PHE A 212 28.70 39.32 3.87
N THR A 213 29.34 40.42 4.23
CA THR A 213 30.75 40.66 3.97
C THR A 213 31.37 41.23 5.23
N SER A 214 32.50 40.67 5.67
CA SER A 214 33.21 41.15 6.85
C SER A 214 34.61 41.54 6.43
N LYS A 215 35.17 42.57 7.04
CA LYS A 215 36.51 43.03 6.69
C LYS A 215 37.38 43.12 7.91
N ALA A 216 38.68 42.97 7.71
CA ALA A 216 39.71 43.29 8.71
C ALA A 216 41.01 43.66 8.01
N HIS A 217 41.75 44.62 8.58
CA HIS A 217 43.08 44.96 8.12
C HIS A 217 44.12 44.42 9.12
N ILE A 218 45.14 43.76 8.58
CA ILE A 218 46.26 43.25 9.38
C ILE A 218 47.59 43.82 8.88
N ASN A 219 48.55 43.94 9.80
CA ASN A 219 49.81 44.62 9.50
C ASN A 219 50.88 43.70 8.96
N GLY A 220 50.58 42.40 8.96
CA GLY A 220 51.52 41.41 8.47
C GLY A 220 51.12 40.07 9.01
N SER A 221 52.08 39.17 9.16
CA SER A 221 51.79 37.81 9.58
C SER A 221 51.07 37.81 10.91
N THR A 222 50.08 36.93 11.02
CA THR A 222 49.30 36.79 12.24
C THR A 222 48.57 35.47 12.20
N THR A 223 48.23 34.95 13.38
CA THR A 223 47.32 33.82 13.46
C THR A 223 46.00 34.30 14.07
N LEU A 224 44.94 34.11 13.30
CA LEU A 224 43.60 34.47 13.71
C LEU A 224 42.87 33.20 14.14
N TYR A 225 41.90 33.37 15.04
CA TYR A 225 41.10 32.24 15.48
C TYR A 225 39.63 32.60 15.34
N THR A 226 38.84 31.63 14.90
CA THR A 226 37.42 31.79 14.65
C THR A 226 36.69 30.60 15.26
N THR A 227 35.64 30.86 16.04
CA THR A 227 34.74 29.82 16.51
C THR A 227 33.46 29.81 15.67
N TYR A 228 32.95 28.61 15.42
CA TYR A 228 31.65 28.40 14.80
C TYR A 228 30.80 27.56 15.72
N SER A 229 29.60 28.03 16.07
CA SER A 229 28.75 27.33 17.04
C SER A 229 27.33 27.22 16.53
N HIS A 230 26.83 25.99 16.45
CA HIS A 230 25.40 25.75 16.25
C HIS A 230 24.78 25.44 17.60
N LEU A 231 23.89 26.32 18.04
CA LEU A 231 23.31 26.29 19.38
C LEU A 231 21.79 26.20 19.19
N LEU A 232 21.15 25.22 19.84
CA LEU A 232 19.81 24.80 19.45
C LEU A 232 18.67 25.32 20.33
N THR A 233 19.02 25.88 21.47
CA THR A 233 18.06 26.48 22.40
C THR A 233 18.69 27.73 23.01
N ALA A 234 17.85 28.57 23.61
CA ALA A 234 18.30 29.78 24.30
C ALA A 234 19.30 29.45 25.42
N GLN A 235 19.06 28.32 26.08
CA GLN A 235 19.91 27.89 27.19
C GLN A 235 21.31 27.51 26.68
N GLU A 236 21.37 26.85 25.53
CA GLU A 236 22.66 26.55 24.90
C GLU A 236 23.40 27.80 24.47
N VAL A 237 22.68 28.76 23.90
CA VAL A 237 23.30 30.02 23.47
C VAL A 237 23.97 30.72 24.65
N SER A 238 23.27 30.77 25.78
CA SER A 238 23.81 31.44 26.97
C SER A 238 25.06 30.74 27.50
N LYS A 239 24.95 29.43 27.67
CA LYS A 239 26.02 28.58 28.21
C LYS A 239 27.30 28.58 27.39
N GLU A 240 27.18 28.67 26.07
CA GLU A 240 28.34 28.54 25.20
C GLU A 240 29.23 29.79 25.20
N GLN A 241 28.70 30.94 25.60
CA GLN A 241 29.46 32.19 25.52
C GLN A 241 30.76 32.12 26.31
N MET A 242 30.73 31.57 27.51
CA MET A 242 31.95 31.49 28.32
C MET A 242 32.99 30.56 27.71
N GLN A 243 32.52 29.49 27.07
CA GLN A 243 33.40 28.56 26.36
C GLN A 243 34.05 29.28 25.17
N ILE A 244 33.24 30.00 24.40
CA ILE A 244 33.73 30.74 23.24
C ILE A 244 34.83 31.73 23.66
N ARG A 245 34.59 32.45 24.75
CA ARG A 245 35.59 33.42 25.22
C ARG A 245 36.88 32.73 25.65
N ASP A 246 36.75 31.60 26.35
CA ASP A 246 37.92 30.82 26.76
C ASP A 246 38.70 30.28 25.56
N ILE A 247 37.98 29.76 24.57
CA ILE A 247 38.62 29.26 23.34
C ILE A 247 39.43 30.34 22.64
N LEU A 248 38.85 31.53 22.52
CA LEU A 248 39.55 32.63 21.85
C LEU A 248 40.69 33.19 22.71
N ALA A 249 40.64 32.96 24.02
CA ALA A 249 41.69 33.38 24.95
C ALA A 249 42.90 32.45 24.93
N ARG A 250 42.64 31.14 24.85
CA ARG A 250 43.70 30.12 24.81
C ARG A 250 43.38 29.07 23.75
N PRO A 251 43.43 29.48 22.48
CA PRO A 251 43.14 28.53 21.41
C PRO A 251 44.09 27.31 21.37
N ALA A 252 45.34 27.50 21.79
CA ALA A 252 46.33 26.41 21.79
C ALA A 252 45.89 25.23 22.66
N PHE A 253 45.26 25.53 23.79
CA PHE A 253 44.73 24.50 24.66
C PHE A 253 43.76 23.57 23.93
N TYR A 254 42.88 24.18 23.12
CA TYR A 254 41.83 23.43 22.45
C TYR A 254 42.35 22.67 21.24
N LEU A 255 43.26 23.28 20.49
CA LEU A 255 43.88 22.60 19.36
C LEU A 255 44.67 21.39 19.84
N THR A 256 45.47 21.58 20.89
CA THR A 256 46.21 20.47 21.48
C THR A 256 45.28 19.40 22.02
N ALA A 257 44.20 19.81 22.68
CA ALA A 257 43.21 18.86 23.21
C ALA A 257 42.71 17.92 22.11
N SER A 258 42.38 18.49 20.96
CA SER A 258 41.88 17.72 19.83
C SER A 258 42.97 16.85 19.18
N GLN A 259 44.14 17.44 18.94
CA GLN A 259 45.29 16.70 18.41
C GLN A 259 45.57 15.48 19.30
N GLN A 260 45.67 15.70 20.61
CA GLN A 260 46.02 14.61 21.53
C GLN A 260 44.94 13.53 21.62
N ARG A 261 43.67 13.95 21.64
CA ARG A 261 42.55 13.02 21.71
C ARG A 261 42.55 12.11 20.49
N TRP A 262 42.81 12.68 19.32
CA TRP A 262 42.87 11.90 18.08
C TRP A 262 44.14 11.03 17.99
N GLU A 263 45.28 11.49 18.51
CA GLU A 263 46.46 10.62 18.59
C GLU A 263 46.15 9.39 19.46
N GLU A 264 45.39 9.59 20.54
CA GLU A 264 44.98 8.49 21.43
C GLU A 264 44.04 7.51 20.73
N TYR A 265 43.04 8.03 20.00
CA TYR A 265 42.13 7.16 19.26
C TYR A 265 42.89 6.22 18.32
N LEU A 266 43.85 6.79 17.59
CA LEU A 266 44.62 6.03 16.62
C LEU A 266 45.62 5.08 17.30
N LYS A 267 46.22 5.50 18.39
CA LYS A 267 47.18 4.65 19.15
C LYS A 267 46.47 3.44 19.75
N LYS A 268 45.34 3.69 20.40
CA LYS A 268 44.56 2.63 21.01
C LYS A 268 43.90 1.76 19.93
N GLY A 269 43.46 2.38 18.85
CA GLY A 269 42.67 1.72 17.82
C GLY A 269 43.42 0.86 16.81
N LEU A 270 44.57 1.33 16.36
CA LEU A 270 45.28 0.67 15.27
C LEU A 270 46.28 -0.34 15.84
N THR A 271 45.75 -1.45 16.36
CA THR A 271 46.57 -2.42 17.07
C THR A 271 46.99 -3.60 16.18
N ASN A 272 46.80 -3.47 14.86
CA ASN A 272 47.21 -4.48 13.90
C ASN A 272 48.05 -3.87 12.77
N PRO A 273 49.29 -3.42 13.10
CA PRO A 273 50.11 -2.79 12.07
C PRO A 273 50.56 -3.73 10.94
N ASP A 274 50.45 -5.05 11.14
CA ASP A 274 50.78 -6.01 10.07
C ASP A 274 49.71 -6.08 8.99
N ALA A 275 48.52 -5.53 9.24
CA ALA A 275 47.51 -5.38 8.18
C ALA A 275 48.11 -4.64 6.98
N THR A 276 47.49 -4.78 5.83
CA THR A 276 47.98 -4.05 4.66
C THR A 276 47.64 -2.57 4.84
N PRO A 277 48.38 -1.67 4.16
CA PRO A 277 48.07 -0.24 4.19
C PRO A 277 46.60 0.05 3.87
N GLU A 278 46.04 -0.70 2.92
CA GLU A 278 44.64 -0.52 2.53
C GLU A 278 43.71 -0.95 3.66
N GLN A 279 44.07 -2.04 4.36
CA GLN A 279 43.29 -2.50 5.49
C GLN A 279 43.36 -1.50 6.64
N THR A 280 44.54 -0.96 6.90
CA THR A 280 44.69 0.07 7.93
C THR A 280 43.82 1.30 7.63
N ARG A 281 43.78 1.73 6.36
CA ARG A 281 42.97 2.89 5.99
C ARG A 281 41.49 2.59 6.21
N VAL A 282 41.07 1.36 5.98
CA VAL A 282 39.68 0.96 6.30
C VAL A 282 39.39 1.14 7.79
N ALA A 283 40.30 0.69 8.66
CA ALA A 283 40.15 0.90 10.11
C ALA A 283 40.07 2.39 10.44
N VAL A 284 40.94 3.19 9.82
CA VAL A 284 40.93 4.64 10.08
C VAL A 284 39.61 5.27 9.61
N LYS A 285 39.14 4.88 8.43
CA LYS A 285 37.81 5.29 7.95
C LYS A 285 36.70 4.96 8.97
N ALA A 286 36.73 3.73 9.50
CA ALA A 286 35.76 3.31 10.50
C ALA A 286 35.80 4.18 11.76
N ILE A 287 37.01 4.49 12.24
CA ILE A 287 37.18 5.35 13.41
C ILE A 287 36.60 6.76 13.16
N GLU A 288 36.96 7.34 12.03
CA GLU A 288 36.42 8.64 11.63
C GLU A 288 34.91 8.62 11.56
N THR A 289 34.35 7.55 11.00
CA THR A 289 32.92 7.41 10.79
C THR A 289 32.20 7.30 12.13
N LEU A 290 32.69 6.41 12.99
CA LEU A 290 32.07 6.24 14.32
C LEU A 290 32.08 7.54 15.11
N ASN A 291 33.23 8.21 15.17
CA ASN A 291 33.31 9.45 15.96
C ASN A 291 32.44 10.58 15.37
N GLY A 292 32.27 10.60 14.04
CA GLY A 292 31.43 11.61 13.41
C GLY A 292 29.94 11.45 13.67
N ASN A 293 29.53 10.22 13.98
CA ASN A 293 28.13 9.90 14.26
C ASN A 293 27.78 10.03 15.74
N TRP A 294 28.78 10.32 16.58
CA TRP A 294 28.59 10.62 17.99
C TRP A 294 27.95 12.00 18.13
N ARG A 295 26.89 12.09 18.94
CA ARG A 295 26.23 13.37 19.22
C ARG A 295 26.21 13.63 20.72
N SER A 296 26.46 14.88 21.10
CA SER A 296 26.37 15.29 22.49
C SER A 296 24.89 15.40 22.90
N PRO A 297 24.63 15.50 24.21
CA PRO A 297 23.25 15.61 24.70
C PRO A 297 22.44 16.68 23.99
N GLY A 298 21.17 16.37 23.78
CA GLY A 298 20.27 17.27 23.07
C GLY A 298 18.82 16.86 23.22
N GLY A 299 17.97 17.84 23.56
CA GLY A 299 16.55 17.63 23.77
C GLY A 299 16.32 16.55 24.82
N ALA A 300 15.49 15.58 24.46
CA ALA A 300 15.10 14.49 25.37
C ALA A 300 16.24 13.52 25.72
N VAL A 301 17.28 13.49 24.89
CA VAL A 301 18.42 12.62 25.16
C VAL A 301 19.52 13.38 25.92
N LYS A 302 19.66 13.09 27.21
CA LYS A 302 20.55 13.84 28.09
C LYS A 302 21.97 13.27 28.20
N PHE A 303 22.36 12.41 27.27
CA PHE A 303 23.68 11.81 27.27
C PHE A 303 24.24 11.89 25.89
N ASN A 304 25.57 11.77 25.79
CA ASN A 304 26.21 11.59 24.49
C ASN A 304 25.71 10.28 23.91
N THR A 305 25.43 10.28 22.61
CA THR A 305 24.92 9.07 21.98
C THR A 305 25.61 8.90 20.64
N VAL A 306 25.29 7.82 19.94
CA VAL A 306 25.77 7.63 18.58
C VAL A 306 24.63 7.14 17.70
N THR A 307 24.47 7.74 16.52
CA THR A 307 23.36 7.41 15.63
C THR A 307 23.87 6.58 14.46
N PRO A 308 22.96 5.95 13.70
CA PRO A 308 23.46 5.10 12.60
C PRO A 308 24.17 5.85 11.45
N SER A 309 23.89 7.13 11.25
CA SER A 309 24.58 7.94 10.25
C SER A 309 24.23 9.41 10.32
N VAL A 310 25.22 10.26 10.51
CA VAL A 310 25.00 11.71 10.56
C VAL A 310 24.48 12.29 9.23
N THR A 311 24.79 11.64 8.11
CA THR A 311 24.32 12.10 6.80
C THR A 311 23.03 11.40 6.33
N GLY A 312 22.54 10.46 7.14
CA GLY A 312 21.40 9.64 6.77
C GLY A 312 20.08 10.37 6.74
N ARG A 313 19.23 10.04 5.77
CA ARG A 313 17.90 10.63 5.68
C ARG A 313 17.10 10.47 6.96
N TRP A 314 17.17 9.29 7.57
CA TRP A 314 16.35 8.95 8.72
C TRP A 314 17.20 8.52 9.91
N PHE A 315 18.51 8.78 9.87
CA PHE A 315 19.41 8.30 10.91
C PHE A 315 20.15 9.43 11.61
N SER A 316 19.85 10.68 11.26
CA SER A 316 20.67 11.81 11.68
C SER A 316 20.11 12.46 12.95
N GLY A 317 20.50 13.68 13.27
CA GLY A 317 20.21 14.24 14.60
C GLY A 317 20.82 13.36 15.66
N ASN A 318 20.11 13.13 16.78
CA ASN A 318 20.55 12.18 17.79
C ASN A 318 19.61 10.96 17.88
N GLN A 319 19.06 10.54 16.75
CA GLN A 319 18.21 9.36 16.71
C GLN A 319 19.03 8.13 17.06
N THR A 320 18.59 7.41 18.09
CA THR A 320 19.34 6.34 18.72
C THR A 320 18.53 5.04 18.80
N TRP A 321 19.15 3.93 18.38
CA TRP A 321 18.57 2.58 18.38
C TRP A 321 19.38 1.70 19.34
N PRO A 322 18.73 0.76 20.05
CA PRO A 322 19.52 -0.04 21.02
C PRO A 322 20.58 -0.95 20.43
N TRP A 323 20.23 -1.83 19.48
CA TRP A 323 21.26 -2.79 19.04
C TRP A 323 22.33 -2.13 18.15
N ASN A 324 22.02 -0.99 17.54
CA ASN A 324 23.07 -0.17 16.91
CA ASN A 324 23.06 -0.19 16.92
C ASN A 324 24.06 0.27 17.98
N THR A 325 23.53 0.74 19.11
CA THR A 325 24.37 1.19 20.21
C THR A 325 25.22 0.07 20.78
N TRP A 326 24.63 -1.10 20.98
CA TRP A 326 25.38 -2.19 21.59
C TRP A 326 26.60 -2.54 20.72
N LYS A 327 26.39 -2.58 19.40
CA LYS A 327 27.45 -2.90 18.44
C LYS A 327 28.52 -1.82 18.36
N GLN A 328 28.08 -0.57 18.27
CA GLN A 328 28.97 0.59 18.18
C GLN A 328 29.79 0.73 19.44
N ALA A 329 29.12 0.63 20.59
CA ALA A 329 29.76 0.78 21.89
C ALA A 329 30.79 -0.32 22.14
N PHE A 330 30.46 -1.54 21.73
CA PHE A 330 31.45 -2.63 21.78
C PHE A 330 32.71 -2.28 21.01
N ALA A 331 32.55 -1.85 19.76
CA ALA A 331 33.70 -1.44 18.94
C ALA A 331 34.45 -0.24 19.54
N MET A 332 33.71 0.80 19.91
CA MET A 332 34.30 2.05 20.42
C MET A 332 34.93 1.91 21.81
N ALA A 333 34.62 0.84 22.54
CA ALA A 333 35.29 0.55 23.81
C ALA A 333 36.80 0.44 23.62
N HIS A 334 37.23 0.03 22.43
CA HIS A 334 38.64 -0.20 22.12
C HIS A 334 39.42 1.06 21.70
N PHE A 335 38.74 2.20 21.62
CA PHE A 335 39.43 3.46 21.33
C PHE A 335 38.80 4.74 21.86
N ASN A 336 37.49 4.72 22.10
CA ASN A 336 36.79 5.87 22.67
C ASN A 336 35.80 5.40 23.76
N PRO A 337 36.34 4.79 24.83
CA PRO A 337 35.47 4.20 25.84
C PRO A 337 34.59 5.18 26.60
N ASP A 338 35.03 6.44 26.75
CA ASP A 338 34.22 7.44 27.46
C ASP A 338 32.86 7.61 26.77
N ILE A 339 32.89 7.64 25.45
CA ILE A 339 31.68 7.85 24.66
C ILE A 339 30.90 6.54 24.51
N ALA A 340 31.59 5.41 24.42
CA ALA A 340 30.90 4.11 24.44
C ALA A 340 30.01 4.03 25.71
N LYS A 341 30.57 4.42 26.85
CA LYS A 341 29.83 4.41 28.11
C LYS A 341 28.61 5.28 28.01
N GLU A 342 28.81 6.51 27.55
CA GLU A 342 27.72 7.46 27.38
C GLU A 342 26.60 6.96 26.48
N ASN A 343 26.98 6.41 25.33
CA ASN A 343 26.01 5.89 24.36
CA ASN A 343 26.02 5.88 24.36
C ASN A 343 25.10 4.84 24.99
N ILE A 344 25.68 3.97 25.82
CA ILE A 344 24.93 2.93 26.51
C ILE A 344 23.99 3.58 27.53
N ARG A 345 24.50 4.55 28.29
CA ARG A 345 23.64 5.31 29.22
C ARG A 345 22.48 5.98 28.50
N ALA A 346 22.73 6.50 27.30
CA ALA A 346 21.71 7.22 26.52
C ALA A 346 20.50 6.34 26.24
N VAL A 347 20.75 5.13 25.76
CA VAL A 347 19.69 4.16 25.49
C VAL A 347 18.87 3.84 26.75
N PHE A 348 19.55 3.49 27.83
CA PHE A 348 18.87 3.05 29.05
C PHE A 348 18.21 4.21 29.80
N SER A 349 18.58 5.45 29.47
CA SER A 349 17.95 6.62 30.12
C SER A 349 16.45 6.73 29.83
N TRP A 350 15.98 6.06 28.77
CA TRP A 350 14.55 6.03 28.45
C TRP A 350 13.91 4.63 28.62
N GLN A 351 14.57 3.77 29.40
CA GLN A 351 13.96 2.53 29.83
C GLN A 351 12.64 2.83 30.54
N ILE A 352 11.61 2.06 30.23
CA ILE A 352 10.28 2.29 30.80
C ILE A 352 10.33 1.97 32.29
N GLN A 353 9.80 2.88 33.09
CA GLN A 353 9.85 2.75 34.53
C GLN A 353 8.47 2.45 35.11
N PRO A 354 8.43 1.90 36.33
CA PRO A 354 7.13 1.68 36.96
C PRO A 354 6.37 2.98 36.99
N GLY A 355 5.06 2.88 36.78
CA GLY A 355 4.19 4.04 36.79
C GLY A 355 4.27 4.93 35.56
N ASP A 356 4.99 4.48 34.53
CA ASP A 356 5.00 5.18 33.25
C ASP A 356 3.60 5.57 32.85
N SER A 357 3.44 6.79 32.34
CA SER A 357 2.13 7.28 31.92
C SER A 357 1.60 6.64 30.62
N VAL A 358 2.49 6.18 29.76
CA VAL A 358 2.10 5.69 28.45
C VAL A 358 1.87 4.17 28.43
N ARG A 359 2.85 3.43 28.95
CA ARG A 359 2.84 1.98 28.92
C ARG A 359 3.40 1.39 30.23
N PRO A 360 2.66 1.56 31.33
CA PRO A 360 3.12 1.06 32.62
C PRO A 360 3.25 -0.48 32.63
N GLN A 361 2.60 -1.11 31.67
CA GLN A 361 2.67 -2.56 31.50
C GLN A 361 4.02 -3.02 30.94
N ASP A 362 4.86 -2.07 30.52
CA ASP A 362 6.13 -2.37 29.83
C ASP A 362 7.37 -1.99 30.65
N VAL A 363 7.31 -2.10 31.97
CA VAL A 363 8.47 -1.80 32.80
C VAL A 363 9.67 -2.62 32.40
N GLY A 364 10.80 -1.95 32.22
CA GLY A 364 12.05 -2.59 31.80
C GLY A 364 12.30 -2.50 30.30
N PHE A 365 11.25 -2.24 29.53
CA PHE A 365 11.31 -2.13 28.05
C PHE A 365 12.29 -1.03 27.66
N VAL A 366 13.09 -1.26 26.61
CA VAL A 366 13.97 -0.24 26.04
C VAL A 366 13.43 0.17 24.67
N PRO A 367 12.97 1.42 24.53
CA PRO A 367 12.45 1.88 23.24
C PRO A 367 13.42 1.64 22.06
N ASP A 368 12.85 1.28 20.93
CA ASP A 368 13.55 1.07 19.66
C ASP A 368 14.26 2.32 19.15
N LEU A 369 13.62 3.48 19.29
CA LEU A 369 14.14 4.71 18.68
C LEU A 369 13.81 5.86 19.61
N ILE A 370 14.85 6.46 20.19
CA ILE A 370 14.76 7.70 20.95
C ILE A 370 15.47 8.81 20.17
N ALA A 371 15.13 10.05 20.48
CA ALA A 371 15.57 11.20 19.72
C ALA A 371 15.26 12.49 20.47
N TRP A 372 15.73 13.60 19.92
CA TRP A 372 15.53 14.93 20.51
C TRP A 372 14.09 15.15 20.97
N ASN A 373 13.14 14.83 20.10
CA ASN A 373 11.73 15.08 20.34
C ASN A 373 10.96 13.83 20.74
N LEU A 374 10.31 13.90 21.90
CA LEU A 374 9.37 12.87 22.32
C LEU A 374 8.19 12.75 21.37
N SER A 375 7.60 11.57 21.36
CA SER A 375 6.42 11.31 20.59
C SER A 375 5.24 12.15 21.11
N PRO A 376 4.21 12.34 20.27
CA PRO A 376 2.98 12.99 20.75
C PRO A 376 2.41 12.31 21.98
N GLU A 377 2.60 11.00 22.08
CA GLU A 377 2.12 10.27 23.24
C GLU A 377 2.82 10.68 24.53
N ARG A 378 4.07 11.10 24.44
CA ARG A 378 4.83 11.58 25.59
C ARG A 378 4.90 13.10 25.66
N GLY A 379 4.08 13.77 24.86
CA GLY A 379 3.92 15.22 24.96
C GLY A 379 4.76 16.04 24.00
N GLY A 380 5.55 15.38 23.16
CA GLY A 380 6.35 16.07 22.13
C GLY A 380 5.68 16.08 20.78
N ASP A 381 6.42 16.48 19.74
CA ASP A 381 5.90 16.42 18.39
C ASP A 381 6.80 15.59 17.46
N GLY A 382 7.58 14.71 18.07
CA GLY A 382 8.53 13.88 17.36
C GLY A 382 7.88 12.77 16.57
N GLY A 383 8.22 12.65 15.30
CA GLY A 383 7.65 11.61 14.43
C GLY A 383 8.46 10.34 14.32
N ASN A 384 9.65 10.30 14.93
CA ASN A 384 10.53 9.15 14.81
C ASN A 384 10.50 8.26 16.05
N TRP A 385 10.49 8.88 17.22
CA TRP A 385 10.35 8.15 18.49
C TRP A 385 9.40 6.94 18.36
N ASN A 386 9.88 5.75 18.73
CA ASN A 386 9.17 4.50 18.47
C ASN A 386 9.24 3.54 19.65
N GLU A 387 8.07 3.09 20.09
CA GLU A 387 7.96 2.12 21.18
C GLU A 387 7.10 0.93 20.77
N ARG A 388 7.08 0.63 19.46
CA ARG A 388 6.36 -0.54 18.93
C ARG A 388 7.06 -1.86 19.27
N ASN A 389 8.35 -1.77 19.54
CA ASN A 389 9.23 -2.92 19.70
C ASN A 389 10.54 -2.48 20.31
N THR A 390 11.34 -3.44 20.75
CA THR A 390 12.69 -3.15 21.19
C THR A 390 13.67 -3.73 20.15
N LYS A 391 14.86 -4.13 20.56
CA LYS A 391 15.84 -4.81 19.69
C LYS A 391 16.42 -5.97 20.51
N PRO A 392 17.28 -6.82 19.91
CA PRO A 392 17.77 -8.01 20.61
C PRO A 392 18.69 -7.73 21.78
N SER A 393 18.87 -8.73 22.63
CA SER A 393 19.62 -8.57 23.89
C SER A 393 21.14 -8.68 23.73
N LEU A 394 21.77 -7.59 23.29
CA LEU A 394 23.24 -7.48 23.25
C LEU A 394 23.78 -6.43 24.21
N ALA A 395 22.96 -5.96 25.15
CA ALA A 395 23.37 -4.85 26.04
C ALA A 395 24.49 -5.23 27.02
N ALA A 396 24.34 -6.35 27.71
CA ALA A 396 25.33 -6.77 28.72
C ALA A 396 26.72 -7.01 28.11
N TRP A 397 26.73 -7.58 26.90
CA TRP A 397 27.91 -7.80 26.09
C TRP A 397 28.71 -6.51 25.87
N SER A 398 28.00 -5.43 25.54
CA SER A 398 28.65 -4.15 25.30
C SER A 398 29.11 -3.49 26.61
N VAL A 399 28.28 -3.58 27.64
CA VAL A 399 28.63 -3.08 28.97
C VAL A 399 29.89 -3.75 29.50
N MET A 400 29.97 -5.08 29.32
CA MET A 400 31.10 -5.87 29.81
C MET A 400 32.39 -5.60 29.00
N GLU A 401 32.27 -5.33 27.71
CA GLU A 401 33.44 -4.94 26.93
C GLU A 401 34.00 -3.60 27.40
N VAL A 402 33.13 -2.67 27.75
CA VAL A 402 33.59 -1.40 28.30
C VAL A 402 34.30 -1.63 29.64
N TYR A 403 33.80 -2.58 30.43
CA TYR A 403 34.49 -2.95 31.66
C TYR A 403 35.83 -3.64 31.40
N ASN A 404 35.86 -4.56 30.44
CA ASN A 404 37.11 -5.26 30.11
C ASN A 404 38.25 -4.28 29.80
N VAL A 405 37.92 -3.20 29.10
CA VAL A 405 38.89 -2.18 28.67
C VAL A 405 39.30 -1.26 29.82
N THR A 406 38.30 -0.70 30.50
CA THR A 406 38.52 0.32 31.52
C THR A 406 38.78 -0.26 32.91
N GLN A 407 38.35 -1.50 33.12
CA GLN A 407 38.37 -2.17 34.43
C GLN A 407 37.73 -1.29 35.51
N ASP A 408 36.68 -0.57 35.13
CA ASP A 408 35.98 0.36 36.01
C ASP A 408 34.76 -0.29 36.69
N LYS A 409 34.91 -0.60 37.97
CA LYS A 409 33.83 -1.25 38.74
C LYS A 409 32.60 -0.36 38.91
N THR A 410 32.79 0.95 38.99
CA THR A 410 31.67 1.89 39.10
C THR A 410 30.70 1.78 37.91
N TRP A 411 31.25 1.48 36.74
CA TRP A 411 30.46 1.27 35.53
C TRP A 411 29.53 0.05 35.63
N VAL A 412 30.09 -1.09 36.04
CA VAL A 412 29.27 -2.29 36.23
C VAL A 412 28.16 -2.03 37.25
N ALA A 413 28.51 -1.39 38.37
CA ALA A 413 27.53 -1.06 39.41
C ALA A 413 26.34 -0.22 38.90
N GLU A 414 26.57 0.73 38.00
CA GLU A 414 25.45 1.57 37.52
C GLU A 414 24.57 0.87 36.46
N MET A 415 25.17 0.02 35.60
CA MET A 415 24.42 -0.59 34.51
CA MET A 415 24.44 -0.61 34.50
C MET A 415 23.70 -1.87 34.93
N TYR A 416 24.31 -2.64 35.82
CA TYR A 416 23.76 -3.94 36.24
C TYR A 416 22.23 -3.92 36.44
N PRO A 417 21.71 -3.01 37.30
CA PRO A 417 20.26 -2.99 37.52
C PRO A 417 19.38 -2.72 36.30
N LYS A 418 19.89 -1.95 35.34
CA LYS A 418 19.13 -1.65 34.12
C LYS A 418 19.09 -2.87 33.22
N LEU A 419 20.21 -3.60 33.20
CA LEU A 419 20.31 -4.84 32.41
C LEU A 419 19.37 -5.89 32.96
N VAL A 420 19.33 -6.01 34.28
CA VAL A 420 18.41 -6.93 34.94
C VAL A 420 16.94 -6.60 34.64
N ALA A 421 16.58 -5.32 34.70
CA ALA A 421 15.21 -4.90 34.42
C ALA A 421 14.78 -5.20 32.99
N TYR A 422 15.75 -5.09 32.08
CA TYR A 422 15.51 -5.38 30.67
C TYR A 422 15.23 -6.88 30.48
N HIS A 423 16.13 -7.69 31.01
CA HIS A 423 15.95 -9.14 31.06
C HIS A 423 14.56 -9.50 31.57
N ASP A 424 14.15 -8.90 32.70
CA ASP A 424 12.86 -9.21 33.31
C ASP A 424 11.69 -8.85 32.40
N TRP A 425 11.81 -7.74 31.65
CA TRP A 425 10.79 -7.37 30.68
C TRP A 425 10.56 -8.45 29.61
N TRP A 426 11.64 -8.95 29.01
CA TRP A 426 11.54 -10.05 28.06
C TRP A 426 10.72 -11.22 28.63
N LEU A 427 11.02 -11.59 29.87
CA LEU A 427 10.41 -12.76 30.47
C LEU A 427 8.97 -12.53 30.92
N ARG A 428 8.57 -11.28 31.09
CA ARG A 428 7.19 -10.95 31.47
C ARG A 428 6.31 -10.67 30.25
N ASN A 429 6.86 -10.00 29.25
CA ASN A 429 6.09 -9.46 28.14
C ASN A 429 6.34 -10.15 26.80
N ARG A 430 7.32 -11.05 26.75
CA ARG A 430 7.66 -11.79 25.53
C ARG A 430 7.93 -13.28 25.81
N ASP A 431 7.13 -13.88 26.68
CA ASP A 431 7.21 -15.34 26.91
C ASP A 431 5.80 -15.91 27.13
N HIS A 432 5.03 -15.93 26.05
CA HIS A 432 3.62 -16.30 26.08
C HIS A 432 3.36 -17.65 26.75
N ASN A 433 4.20 -18.62 26.44
CA ASN A 433 4.01 -20.00 26.92
C ASN A 433 4.79 -20.29 28.19
N GLY A 434 5.44 -19.29 28.76
CA GLY A 434 6.03 -19.37 30.11
C GLY A 434 7.17 -20.38 30.26
N ASN A 435 7.88 -20.66 29.17
CA ASN A 435 8.98 -21.63 29.23
C ASN A 435 10.37 -21.00 29.34
N GLY A 436 10.42 -19.69 29.58
CA GLY A 436 11.71 -18.99 29.75
C GLY A 436 12.48 -18.72 28.46
N VAL A 437 11.87 -19.02 27.32
CA VAL A 437 12.47 -18.81 26.02
C VAL A 437 11.65 -17.75 25.29
N PRO A 438 12.24 -16.58 25.03
CA PRO A 438 11.41 -15.49 24.51
C PRO A 438 10.95 -15.62 23.07
N GLU A 439 9.87 -14.93 22.77
CA GLU A 439 9.44 -14.72 21.39
C GLU A 439 9.71 -13.26 21.04
N TYR A 440 9.93 -12.98 19.77
CA TYR A 440 9.78 -11.61 19.29
C TYR A 440 8.29 -11.27 19.24
N GLY A 441 7.96 -10.00 19.33
CA GLY A 441 6.58 -9.59 19.36
C GLY A 441 6.38 -8.11 19.17
N ALA A 442 5.30 -7.60 19.74
CA ALA A 442 4.86 -6.23 19.48
C ALA A 442 4.22 -5.70 20.74
N THR A 443 4.51 -4.45 21.09
CA THR A 443 3.90 -3.85 22.28
C THR A 443 2.42 -3.50 22.03
N ARG A 444 1.69 -3.18 23.09
CA ARG A 444 0.41 -2.52 22.92
C ARG A 444 0.66 -1.12 22.40
N ASP A 445 0.07 -0.80 21.25
CA ASP A 445 0.38 0.42 20.52
C ASP A 445 -0.73 0.70 19.52
N LYS A 446 -0.98 1.98 19.26
CA LYS A 446 -1.95 2.37 18.23
C LYS A 446 -1.68 1.69 16.87
N ALA A 447 -0.43 1.39 16.55
CA ALA A 447 -0.09 0.71 15.29
C ALA A 447 -0.54 -0.76 15.24
N HIS A 448 -0.70 -1.40 16.40
CA HIS A 448 -0.88 -2.85 16.47
C HIS A 448 -2.28 -3.32 16.82
N ASN A 449 -3.03 -2.47 17.51
CA ASN A 449 -4.30 -2.88 18.06
C ASN A 449 -5.28 -1.74 18.17
N THR A 450 -6.55 -2.09 18.30
CA THR A 450 -7.58 -1.10 18.53
C THR A 450 -7.44 -0.57 19.96
N GLU A 451 -8.11 0.53 20.25
CA GLU A 451 -8.15 1.08 21.60
C GLU A 451 -8.60 0.06 22.64
N SER A 452 -9.55 -0.79 22.25
CA SER A 452 -10.09 -1.85 23.11
C SER A 452 -9.21 -3.10 23.19
N GLY A 453 -8.12 -3.15 22.41
CA GLY A 453 -7.12 -4.21 22.53
C GLY A 453 -7.23 -5.35 21.53
N GLU A 454 -7.84 -5.10 20.37
CA GLU A 454 -7.95 -6.13 19.32
C GLU A 454 -6.83 -5.95 18.29
N MET A 455 -6.08 -7.02 18.04
CA MET A 455 -4.97 -6.95 17.09
C MET A 455 -5.42 -6.61 15.64
N LEU A 456 -4.72 -5.66 15.03
CA LEU A 456 -5.02 -5.23 13.67
C LEU A 456 -4.38 -6.13 12.61
N PHE A 457 -5.09 -6.30 11.51
CA PHE A 457 -4.54 -6.90 10.31
C PHE A 457 -5.38 -6.49 9.11
N THR A 458 -4.78 -6.59 7.94
CA THR A 458 -5.43 -6.25 6.69
C THR A 458 -5.39 -7.44 5.73
N VAL A 459 -6.56 -7.78 5.19
CA VAL A 459 -6.66 -8.86 4.20
C VAL A 459 -6.63 -8.25 2.81
N LYS A 460 -5.74 -8.76 1.95
CA LYS A 460 -5.68 -8.32 0.55
C LYS A 460 -6.09 -9.44 -0.38
N LYS A 461 -6.95 -9.08 -1.34
CA LYS A 461 -7.36 -9.98 -2.40
C LYS A 461 -7.54 -9.14 -3.64
N GLY A 462 -6.76 -9.42 -4.69
CA GLY A 462 -6.79 -8.59 -5.90
C GLY A 462 -6.55 -7.14 -5.51
N ASP A 463 -7.45 -6.25 -5.94
CA ASP A 463 -7.36 -4.82 -5.60
C ASP A 463 -7.98 -4.44 -4.24
N LYS A 464 -8.51 -5.41 -3.53
CA LYS A 464 -9.19 -5.15 -2.28
C LYS A 464 -8.20 -5.15 -1.11
N GLU A 465 -8.31 -4.16 -0.25
CA GLU A 465 -7.66 -4.17 1.05
C GLU A 465 -8.77 -4.03 2.10
N GLU A 466 -8.87 -5.02 2.97
CA GLU A 466 -9.94 -5.08 3.95
C GLU A 466 -9.29 -5.07 5.33
N THR A 467 -9.37 -3.94 6.02
CA THR A 467 -8.81 -3.85 7.38
C THR A 467 -9.77 -4.53 8.36
N GLN A 468 -9.19 -5.20 9.36
CA GLN A 468 -9.92 -6.09 10.27
C GLN A 468 -9.26 -5.99 11.64
N SER A 469 -9.89 -6.60 12.65
CA SER A 469 -9.24 -6.70 13.94
C SER A 469 -9.70 -7.93 14.72
N GLY A 470 -8.88 -8.34 15.69
CA GLY A 470 -9.19 -9.47 16.57
C GLY A 470 -8.41 -10.73 16.26
N LEU A 471 -7.81 -11.33 17.28
CA LEU A 471 -7.01 -12.56 17.13
C LEU A 471 -7.87 -13.75 16.73
N ASN A 472 -9.06 -13.85 17.31
CA ASN A 472 -10.00 -14.90 16.92
C ASN A 472 -10.33 -14.81 15.44
N ASN A 473 -10.62 -13.59 14.97
CA ASN A 473 -10.85 -13.34 13.56
C ASN A 473 -9.63 -13.69 12.71
N TYR A 474 -8.44 -13.27 13.15
CA TYR A 474 -7.20 -13.56 12.41
C TYR A 474 -6.98 -15.07 12.27
N ALA A 475 -7.16 -15.82 13.35
CA ALA A 475 -6.99 -17.26 13.32
C ALA A 475 -7.97 -17.91 12.34
N ARG A 476 -9.23 -17.47 12.36
CA ARG A 476 -10.22 -17.97 11.41
C ARG A 476 -9.81 -17.67 9.96
N VAL A 477 -9.37 -16.45 9.69
CA VAL A 477 -8.99 -16.04 8.33
C VAL A 477 -7.83 -16.87 7.80
N VAL A 478 -6.79 -17.08 8.62
CA VAL A 478 -5.62 -17.85 8.15
C VAL A 478 -5.92 -19.35 8.01
N GLU A 479 -6.77 -19.91 8.87
CA GLU A 479 -7.17 -21.31 8.73
C GLU A 479 -7.86 -21.52 7.38
N LYS A 480 -8.57 -20.49 6.94
CA LYS A 480 -9.45 -20.53 5.79
C LYS A 480 -8.73 -20.19 4.48
N GLY A 481 -7.72 -19.34 4.54
CA GLY A 481 -6.84 -19.08 3.39
C GLY A 481 -7.47 -18.32 2.23
N GLN A 482 -8.57 -17.62 2.49
CA GLN A 482 -9.28 -16.84 1.46
C GLN A 482 -8.72 -15.43 1.33
N TYR A 483 -7.51 -15.34 0.78
CA TYR A 483 -6.84 -14.07 0.54
C TYR A 483 -5.60 -14.29 -0.32
N ASP A 484 -5.08 -13.21 -0.93
CA ASP A 484 -3.82 -13.24 -1.67
C ASP A 484 -2.65 -12.99 -0.73
N SER A 485 -2.83 -12.03 0.17
CA SER A 485 -1.83 -11.78 1.21
C SER A 485 -2.44 -11.07 2.40
N LEU A 486 -1.62 -10.92 3.44
CA LEU A 486 -2.02 -10.27 4.67
C LEU A 486 -0.96 -9.24 5.05
N GLU A 487 -1.41 -8.12 5.59
CA GLU A 487 -0.51 -7.13 6.18
C GLU A 487 -0.85 -7.09 7.65
N ILE A 488 0.15 -7.29 8.51
CA ILE A 488 -0.07 -7.40 9.95
C ILE A 488 0.94 -6.50 10.67
N PRO A 489 0.49 -5.35 11.20
CA PRO A 489 1.46 -4.47 11.86
C PRO A 489 2.28 -5.13 12.97
N ALA A 490 1.68 -6.03 13.74
CA ALA A 490 2.43 -6.75 14.80
C ALA A 490 3.55 -7.64 14.24
N GLN A 491 3.34 -8.21 13.06
CA GLN A 491 4.35 -9.02 12.35
C GLN A 491 5.55 -8.16 11.94
N VAL A 492 5.26 -6.99 11.40
CA VAL A 492 6.29 -6.03 11.03
C VAL A 492 7.11 -5.64 12.28
N ALA A 493 6.42 -5.36 13.38
CA ALA A 493 7.07 -4.96 14.62
C ALA A 493 7.95 -6.09 15.19
N ALA A 494 7.48 -7.33 15.10
CA ALA A 494 8.27 -8.49 15.53
C ALA A 494 9.56 -8.59 14.73
N SER A 495 9.45 -8.42 13.42
CA SER A 495 10.66 -8.43 12.58
C SER A 495 11.58 -7.26 12.94
N TRP A 496 11.01 -6.08 13.18
CA TRP A 496 11.79 -4.93 13.64
C TRP A 496 12.46 -5.23 14.97
N GLU A 497 11.78 -5.98 15.83
CA GLU A 497 12.32 -6.31 17.14
C GLU A 497 13.57 -7.21 17.05
N SER A 498 13.64 -8.04 16.01
CA SER A 498 14.83 -8.84 15.73
C SER A 498 15.94 -7.99 15.08
N GLY A 499 15.57 -6.81 14.60
CA GLY A 499 16.46 -5.95 13.81
C GLY A 499 16.54 -6.34 12.34
N ARG A 500 15.98 -7.49 12.00
CA ARG A 500 16.04 -8.03 10.63
C ARG A 500 14.67 -7.83 9.95
N ASP A 501 14.40 -6.57 9.63
CA ASP A 501 13.12 -6.14 9.05
C ASP A 501 12.74 -7.06 7.89
N ASP A 502 11.52 -7.58 7.91
CA ASP A 502 10.98 -8.35 6.77
C ASP A 502 11.79 -9.63 6.44
N ALA A 503 12.42 -10.22 7.45
CA ALA A 503 13.19 -11.45 7.26
C ALA A 503 12.27 -12.65 6.98
N ALA A 504 12.76 -13.61 6.19
CA ALA A 504 11.96 -14.78 5.82
C ALA A 504 11.34 -15.53 7.01
N VAL A 505 12.13 -15.74 8.06
CA VAL A 505 11.67 -16.58 9.18
C VAL A 505 10.43 -16.03 9.86
N PHE A 506 10.17 -14.72 9.71
CA PHE A 506 8.98 -14.10 10.30
C PHE A 506 7.78 -14.12 9.36
N GLY A 507 7.88 -14.88 8.27
CA GLY A 507 6.75 -15.06 7.38
C GLY A 507 6.74 -14.12 6.19
N PHE A 508 7.84 -13.44 5.94
CA PHE A 508 7.90 -12.49 4.84
C PHE A 508 8.39 -13.16 3.58
N ILE A 509 7.50 -13.30 2.62
CA ILE A 509 7.81 -13.94 1.36
C ILE A 509 6.92 -13.30 0.28
N ASP A 510 7.52 -13.00 -0.88
CA ASP A 510 6.78 -12.31 -1.95
C ASP A 510 5.84 -13.30 -2.64
N LYS A 511 4.86 -12.78 -3.38
CA LYS A 511 3.84 -13.65 -3.97
C LYS A 511 4.44 -14.70 -4.90
N GLU A 512 5.37 -14.28 -5.75
CA GLU A 512 6.01 -15.20 -6.71
C GLU A 512 6.81 -16.29 -6.00
N GLN A 513 7.52 -15.90 -4.94
CA GLN A 513 8.32 -16.83 -4.16
C GLN A 513 7.44 -17.88 -3.49
N LEU A 514 6.35 -17.42 -2.88
CA LEU A 514 5.42 -18.33 -2.22
C LEU A 514 4.77 -19.29 -3.23
N ASP A 515 4.38 -18.76 -4.39
CA ASP A 515 3.77 -19.59 -5.44
C ASP A 515 4.72 -20.71 -5.87
N LYS A 516 5.99 -20.37 -6.07
CA LYS A 516 7.01 -21.36 -6.44
C LYS A 516 7.19 -22.40 -5.33
N TYR A 517 7.16 -21.94 -4.08
CA TYR A 517 7.30 -22.82 -2.92
C TYR A 517 6.18 -23.87 -2.89
N VAL A 518 4.96 -23.43 -3.18
CA VAL A 518 3.81 -24.33 -3.17
C VAL A 518 3.85 -25.27 -4.39
N ALA A 519 4.21 -24.73 -5.55
CA ALA A 519 4.35 -25.54 -6.77
C ALA A 519 5.35 -26.69 -6.57
N ASN A 520 6.40 -26.45 -5.79
CA ASN A 520 7.42 -27.46 -5.51
C ASN A 520 7.00 -28.51 -4.48
N GLY A 521 5.80 -28.36 -3.92
CA GLY A 521 5.26 -29.33 -2.98
C GLY A 521 5.15 -28.85 -1.54
N GLY A 522 5.42 -27.57 -1.29
CA GLY A 522 5.27 -27.01 0.04
C GLY A 522 3.84 -26.57 0.28
N LYS A 523 3.49 -26.33 1.55
CA LYS A 523 2.16 -25.81 1.90
C LYS A 523 2.22 -24.31 2.17
N ARG A 524 1.23 -23.58 1.66
CA ARG A 524 1.09 -22.16 1.98
C ARG A 524 1.06 -21.93 3.49
N SER A 525 0.44 -22.86 4.22
CA SER A 525 0.34 -22.79 5.67
C SER A 525 1.71 -22.83 6.39
N ASP A 526 2.76 -23.27 5.70
CA ASP A 526 4.12 -23.26 6.26
C ASP A 526 4.62 -21.84 6.51
N TRP A 527 4.08 -20.87 5.76
CA TRP A 527 4.52 -19.47 5.85
C TRP A 527 3.58 -18.57 6.66
N THR A 528 2.43 -19.11 7.07
CA THR A 528 1.52 -18.35 7.91
C THR A 528 2.09 -18.20 9.31
N VAL A 529 2.02 -16.99 9.84
CA VAL A 529 2.47 -16.72 11.20
C VAL A 529 1.26 -16.65 12.11
N LYS A 530 1.42 -17.17 13.31
CA LYS A 530 0.38 -17.12 14.32
C LYS A 530 0.81 -16.17 15.42
N PHE A 531 -0.17 -15.59 16.11
CA PHE A 531 0.08 -14.64 17.19
C PHE A 531 -0.74 -15.01 18.40
N ALA A 532 -0.28 -14.55 19.56
CA ALA A 532 -1.02 -14.66 20.80
C ALA A 532 -0.88 -13.37 21.57
N GLU A 533 -1.91 -13.00 22.31
CA GLU A 533 -1.82 -11.87 23.22
C GLU A 533 -1.17 -12.33 24.52
N ASN A 534 -0.34 -11.48 25.10
CA ASN A 534 0.20 -11.71 26.42
C ASN A 534 -0.56 -10.82 27.39
N ARG A 535 -1.32 -11.46 28.28
CA ARG A 535 -2.21 -10.71 29.16
C ARG A 535 -1.95 -11.20 30.57
N SER A 536 -1.90 -10.28 31.53
CA SER A 536 -1.73 -10.67 32.91
C SER A 536 -3.04 -11.21 33.46
N GLN A 537 -2.96 -11.90 34.59
CA GLN A 537 -4.14 -12.53 35.17
C GLN A 537 -5.17 -11.49 35.61
N ASP A 538 -4.72 -10.24 35.78
CA ASP A 538 -5.61 -9.14 36.18
C ASP A 538 -6.26 -8.42 35.00
N GLY A 539 -6.05 -8.91 33.78
CA GLY A 539 -6.69 -8.37 32.57
C GLY A 539 -5.85 -7.43 31.71
N THR A 540 -4.68 -7.02 32.23
CA THR A 540 -3.83 -6.06 31.55
C THR A 540 -3.15 -6.68 30.34
N LEU A 541 -3.39 -6.08 29.16
CA LEU A 541 -2.71 -6.48 27.93
C LEU A 541 -1.27 -6.01 27.94
N LEU A 542 -0.34 -6.95 27.87
CA LEU A 542 1.09 -6.64 27.96
C LEU A 542 1.70 -6.42 26.59
N GLY A 543 1.06 -7.01 25.58
CA GLY A 543 1.58 -7.04 24.23
C GLY A 543 1.16 -8.29 23.48
N TYR A 544 1.83 -8.51 22.35
CA TYR A 544 1.62 -9.69 21.54
C TYR A 544 2.94 -10.42 21.35
N SER A 545 2.86 -11.74 21.27
CA SER A 545 3.99 -12.55 20.85
C SER A 545 3.69 -13.23 19.53
N LEU A 546 4.68 -13.30 18.65
CA LEU A 546 4.64 -14.29 17.58
C LEU A 546 4.64 -15.64 18.27
N LEU A 547 3.86 -16.59 17.74
CA LEU A 547 3.88 -17.95 18.28
C LEU A 547 5.08 -18.69 17.68
N GLN A 548 6.25 -18.18 18.05
CA GLN A 548 7.51 -18.57 17.45
C GLN A 548 8.61 -18.12 18.39
N GLU A 549 9.56 -19.01 18.69
CA GLU A 549 10.72 -18.66 19.52
C GLU A 549 11.95 -18.62 18.65
N SER A 550 12.66 -17.49 18.67
CA SER A 550 13.69 -17.25 17.71
C SER A 550 15.06 -17.63 18.27
N VAL A 551 15.83 -18.33 17.46
CA VAL A 551 17.12 -18.88 17.92
C VAL A 551 18.14 -17.77 18.17
N ASP A 552 18.08 -16.67 17.43
CA ASP A 552 19.02 -15.57 17.68
C ASP A 552 18.76 -14.95 19.06
N GLN A 553 17.52 -14.62 19.37
CA GLN A 553 17.25 -13.96 20.66
C GLN A 553 17.49 -14.92 21.82
N ALA A 554 17.21 -16.21 21.64
CA ALA A 554 17.53 -17.20 22.67
C ALA A 554 19.03 -17.20 22.95
N SER A 555 19.81 -17.16 21.87
CA SER A 555 21.27 -17.15 21.93
C SER A 555 21.84 -15.88 22.54
N TYR A 556 21.27 -14.74 22.16
CA TYR A 556 21.67 -13.45 22.70
C TYR A 556 21.35 -13.40 24.18
N MET A 557 20.18 -13.90 24.57
CA MET A 557 19.81 -13.96 25.99
C MET A 557 20.73 -14.89 26.77
N TYR A 558 21.09 -16.00 26.16
CA TYR A 558 22.10 -16.89 26.74
C TYR A 558 23.38 -16.15 27.15
N SER A 559 24.00 -15.45 26.20
CA SER A 559 25.22 -14.73 26.50
C SER A 559 24.95 -13.55 27.45
N ASP A 560 23.84 -12.84 27.24
CA ASP A 560 23.45 -11.73 28.12
C ASP A 560 23.40 -12.24 29.57
N ASN A 561 22.80 -13.41 29.76
CA ASN A 561 22.73 -14.05 31.09
C ASN A 561 24.11 -14.32 31.69
N HIS A 562 25.03 -14.85 30.88
CA HIS A 562 26.39 -15.10 31.36
C HIS A 562 27.13 -13.80 31.72
N TYR A 563 27.00 -12.76 30.91
CA TYR A 563 27.56 -11.45 31.27
C TYR A 563 26.93 -10.89 32.54
N LEU A 564 25.62 -11.00 32.69
CA LEU A 564 24.98 -10.60 33.95
C LEU A 564 25.58 -11.36 35.14
N ALA A 565 25.85 -12.64 34.97
CA ALA A 565 26.43 -13.44 36.06
C ALA A 565 27.84 -12.96 36.39
N GLU A 566 28.59 -12.60 35.35
CA GLU A 566 29.92 -12.03 35.56
C GLU A 566 29.86 -10.72 36.33
N MET A 567 28.85 -9.88 36.02
CA MET A 567 28.66 -8.60 36.71
C MET A 567 28.25 -8.81 38.16
N ALA A 568 27.32 -9.74 38.39
CA ALA A 568 26.89 -10.08 39.74
C ALA A 568 28.08 -10.52 40.60
N THR A 569 28.99 -11.28 40.00
CA THR A 569 30.17 -11.78 40.70
C THR A 569 31.13 -10.65 41.08
N ILE A 570 31.38 -9.76 40.11
CA ILE A 570 32.19 -8.57 40.35
C ILE A 570 31.59 -7.72 41.48
N LEU A 571 30.26 -7.63 41.52
CA LEU A 571 29.54 -6.82 42.53
C LEU A 571 29.23 -7.55 43.85
N GLY A 572 29.78 -8.74 44.06
CA GLY A 572 29.55 -9.49 45.30
C GLY A 572 28.10 -9.89 45.50
N LYS A 573 27.47 -10.35 44.42
CA LYS A 573 26.09 -10.87 44.46
C LYS A 573 26.11 -12.31 43.97
N PRO A 574 26.62 -13.23 44.81
CA PRO A 574 26.85 -14.61 44.37
C PRO A 574 25.58 -15.40 44.03
N GLU A 575 24.46 -15.09 44.70
CA GLU A 575 23.20 -15.79 44.45
C GLU A 575 22.60 -15.36 43.13
N GLU A 576 22.68 -14.06 42.84
CA GLU A 576 22.19 -13.56 41.56
C GLU A 576 23.04 -14.10 40.42
N ALA A 577 24.35 -14.19 40.66
CA ALA A 577 25.28 -14.78 39.69
C ALA A 577 24.88 -16.22 39.38
N LYS A 578 24.59 -16.98 40.44
CA LYS A 578 24.17 -18.36 40.27
C LYS A 578 22.90 -18.47 39.44
N ARG A 579 21.92 -17.62 39.74
CA ARG A 579 20.64 -17.67 39.04
C ARG A 579 20.81 -17.37 37.55
N TYR A 580 21.63 -16.38 37.21
CA TYR A 580 21.83 -16.07 35.78
C TYR A 580 22.61 -17.17 35.03
N ARG A 581 23.57 -17.79 35.69
CA ARG A 581 24.28 -18.94 35.10
C ARG A 581 23.35 -20.12 34.82
N GLN A 582 22.46 -20.41 35.78
CA GLN A 582 21.44 -21.44 35.62
C GLN A 582 20.43 -21.13 34.53
N LEU A 583 20.00 -19.88 34.45
CA LEU A 583 19.11 -19.49 33.36
C LEU A 583 19.80 -19.65 32.01
N ALA A 584 21.08 -19.25 31.96
CA ALA A 584 21.87 -19.40 30.76
C ALA A 584 21.92 -20.87 30.36
N GLN A 585 22.21 -21.74 31.33
CA GLN A 585 22.33 -23.15 31.02
C GLN A 585 21.04 -23.73 30.43
N GLN A 586 19.89 -23.35 30.98
CA GLN A 586 18.59 -23.83 30.47
C GLN A 586 18.36 -23.38 29.04
N LEU A 587 18.73 -22.15 28.73
CA LEU A 587 18.58 -21.62 27.38
C LEU A 587 19.45 -22.43 26.41
N ALA A 588 20.69 -22.71 26.79
CA ALA A 588 21.58 -23.52 25.95
C ALA A 588 20.96 -24.91 25.70
N ASP A 589 20.45 -25.52 26.76
CA ASP A 589 19.78 -26.82 26.61
C ASP A 589 18.62 -26.76 25.61
N TYR A 590 17.79 -25.72 25.73
CA TYR A 590 16.64 -25.55 24.84
C TYR A 590 17.08 -25.29 23.40
N ILE A 591 18.09 -24.45 23.25
CA ILE A 591 18.61 -24.12 21.92
C ILE A 591 19.11 -25.39 21.21
N ASN A 592 19.88 -26.18 21.94
CA ASN A 592 20.48 -27.38 21.37
C ASN A 592 19.45 -28.50 21.15
N THR A 593 18.51 -28.64 22.08
CA THR A 593 17.50 -29.69 21.99
C THR A 593 16.42 -29.39 20.94
N CYS A 594 15.94 -28.14 20.95
CA CYS A 594 14.75 -27.73 20.20
C CYS A 594 15.05 -27.00 18.89
N MET A 595 16.06 -26.15 18.90
CA MET A 595 16.32 -25.28 17.75
C MET A 595 17.32 -25.86 16.76
N PHE A 596 18.07 -26.87 17.18
CA PHE A 596 19.01 -27.54 16.28
C PHE A 596 18.31 -28.67 15.55
N ASP A 597 18.48 -28.70 14.22
CA ASP A 597 18.02 -29.80 13.40
C ASP A 597 19.23 -30.58 12.88
N PRO A 598 19.47 -31.79 13.40
CA PRO A 598 20.62 -32.58 12.92
C PRO A 598 20.53 -32.98 11.44
N THR A 599 19.32 -33.00 10.88
CA THR A 599 19.16 -33.47 9.50
C THR A 599 19.73 -32.46 8.51
N THR A 600 19.32 -31.20 8.63
CA THR A 600 19.82 -30.15 7.78
C THR A 600 21.06 -29.45 8.36
N GLN A 601 21.49 -29.88 9.55
CA GLN A 601 22.75 -29.46 10.17
C GLN A 601 22.79 -27.95 10.46
N PHE A 602 21.69 -27.44 10.99
CA PHE A 602 21.54 -26.00 11.18
C PHE A 602 20.53 -25.69 12.29
N TYR A 603 20.57 -24.46 12.77
CA TYR A 603 19.64 -24.00 13.79
C TYR A 603 18.57 -23.11 13.17
N TYR A 604 17.37 -23.16 13.74
CA TYR A 604 16.24 -22.42 13.25
C TYR A 604 15.37 -21.99 14.42
N ASP A 605 14.53 -21.00 14.17
CA ASP A 605 13.41 -20.70 15.09
C ASP A 605 12.54 -21.94 15.22
N VAL A 606 11.78 -22.00 16.31
CA VAL A 606 10.72 -22.99 16.43
C VAL A 606 9.35 -22.32 16.52
N ARG A 607 8.32 -23.04 16.08
CA ARG A 607 6.96 -22.62 16.31
C ARG A 607 6.59 -22.96 17.74
N ILE A 608 5.68 -22.16 18.29
CA ILE A 608 4.94 -22.55 19.49
C ILE A 608 3.67 -23.23 18.96
N GLU A 609 3.70 -24.55 18.93
CA GLU A 609 2.60 -25.32 18.36
C GLU A 609 1.50 -25.46 19.38
N ASP A 610 0.35 -26.00 18.95
CA ASP A 610 -0.81 -26.09 19.86
C ASP A 610 -0.48 -26.93 21.10
N LYS A 611 0.36 -27.94 20.92
CA LYS A 611 0.83 -28.76 22.04
C LYS A 611 2.34 -28.89 21.93
N PRO A 612 3.05 -28.94 23.08
CA PRO A 612 4.50 -29.14 23.02
C PRO A 612 4.87 -30.53 22.50
N LEU A 613 6.10 -30.67 22.04
CA LEU A 613 6.60 -31.95 21.56
C LEU A 613 6.91 -32.85 22.75
N ALA A 614 7.12 -34.14 22.46
CA ALA A 614 7.50 -35.13 23.48
C ALA A 614 8.76 -34.74 24.27
N ASN A 615 9.69 -34.02 23.63
CA ASN A 615 10.90 -33.59 24.32
C ASN A 615 10.75 -32.28 25.12
N GLY A 616 9.53 -31.75 25.21
CA GLY A 616 9.26 -30.51 25.97
C GLY A 616 9.34 -29.24 25.16
N CYS A 617 9.96 -29.31 23.98
CA CYS A 617 10.09 -28.16 23.10
C CYS A 617 8.71 -27.63 22.69
N ALA A 618 8.64 -26.31 22.45
CA ALA A 618 7.37 -25.68 22.09
C ALA A 618 6.84 -26.18 20.74
N GLY A 619 7.75 -26.62 19.88
CA GLY A 619 7.42 -27.07 18.52
C GLY A 619 8.68 -27.43 17.76
N LYS A 620 8.48 -27.85 16.51
CA LYS A 620 9.59 -28.23 15.64
C LYS A 620 10.30 -27.00 15.09
N PRO A 621 11.60 -27.15 14.75
CA PRO A 621 12.32 -26.08 14.07
C PRO A 621 11.69 -25.81 12.72
N ILE A 622 11.66 -24.54 12.33
CA ILE A 622 10.97 -24.12 11.13
C ILE A 622 11.90 -24.26 9.95
N VAL A 623 12.23 -25.51 9.63
CA VAL A 623 13.16 -25.78 8.55
C VAL A 623 12.63 -25.30 7.19
N GLU A 624 11.30 -25.30 7.03
CA GLU A 624 10.63 -24.99 5.74
C GLU A 624 10.91 -23.59 5.23
N ARG A 625 11.07 -22.66 6.16
CA ARG A 625 11.28 -21.26 5.81
C ARG A 625 12.74 -20.94 5.51
N GLY A 626 13.60 -21.96 5.51
CA GLY A 626 14.98 -21.81 5.08
C GLY A 626 15.95 -21.30 6.13
N LYS A 627 17.21 -21.27 5.73
CA LYS A 627 18.32 -20.92 6.60
C LYS A 627 18.62 -19.41 6.57
N GLY A 628 19.01 -18.89 7.72
CA GLY A 628 19.40 -17.49 7.87
C GLY A 628 20.53 -17.31 8.89
N PRO A 629 21.00 -16.08 9.07
CA PRO A 629 22.15 -15.80 9.92
C PRO A 629 21.88 -16.09 11.41
N GLU A 630 20.61 -16.16 11.78
CA GLU A 630 20.20 -16.58 13.12
C GLU A 630 20.72 -17.98 13.46
N GLY A 631 20.98 -18.77 12.41
CA GLY A 631 21.49 -20.12 12.54
C GLY A 631 22.89 -20.23 13.11
N TRP A 632 23.73 -19.20 12.97
CA TRP A 632 25.04 -19.23 13.62
C TRP A 632 25.08 -18.42 14.90
N SER A 633 23.94 -17.89 15.34
CA SER A 633 23.88 -17.12 16.59
CA SER A 633 23.89 -17.13 16.58
C SER A 633 24.28 -17.98 17.79
N PRO A 634 23.89 -19.27 17.80
CA PRO A 634 24.32 -20.10 18.92
C PRO A 634 25.85 -20.30 18.99
N LEU A 635 26.53 -20.22 17.86
CA LEU A 635 27.99 -20.24 17.83
C LEU A 635 28.56 -18.92 18.32
N PHE A 636 28.11 -17.80 17.76
CA PHE A 636 28.63 -16.53 18.21
C PHE A 636 28.53 -16.40 19.74
N ASN A 637 27.36 -16.77 20.26
CA ASN A 637 27.04 -16.57 21.68
C ASN A 637 27.52 -17.68 22.63
N GLY A 638 28.04 -18.77 22.09
CA GLY A 638 28.62 -19.83 22.91
C GLY A 638 27.65 -20.86 23.46
N ALA A 639 26.43 -20.90 22.92
CA ALA A 639 25.40 -21.82 23.37
C ALA A 639 25.56 -23.22 22.76
N ALA A 640 26.11 -23.29 21.54
CA ALA A 640 26.20 -24.52 20.79
C ALA A 640 27.15 -25.53 21.41
N THR A 641 26.81 -26.81 21.28
CA THR A 641 27.78 -27.87 21.53
C THR A 641 28.79 -27.89 20.39
N GLN A 642 29.93 -28.53 20.63
CA GLN A 642 30.94 -28.67 19.57
C GLN A 642 30.41 -29.41 18.35
N ALA A 643 29.63 -30.48 18.57
CA ALA A 643 29.07 -31.27 17.48
C ALA A 643 28.14 -30.44 16.62
N ASN A 644 27.28 -29.65 17.26
CA ASN A 644 26.35 -28.78 16.53
C ASN A 644 27.08 -27.67 15.78
N ALA A 645 28.08 -27.06 16.42
CA ALA A 645 28.90 -26.05 15.74
C ALA A 645 29.61 -26.64 14.52
N ASP A 646 30.15 -27.86 14.66
CA ASP A 646 30.81 -28.53 13.52
C ASP A 646 29.88 -28.61 12.33
N ALA A 647 28.64 -29.00 12.61
CA ALA A 647 27.63 -29.12 11.58
C ALA A 647 27.31 -27.78 10.97
N VAL A 648 27.12 -26.75 11.79
CA VAL A 648 26.76 -25.42 11.30
C VAL A 648 27.85 -24.85 10.40
N VAL A 649 29.10 -25.00 10.81
CA VAL A 649 30.20 -24.45 10.04
C VAL A 649 30.27 -25.04 8.63
N LYS A 650 30.01 -26.34 8.49
CA LYS A 650 29.95 -26.99 7.17
C LYS A 650 28.93 -26.31 6.24
N VAL A 651 27.77 -25.97 6.79
CA VAL A 651 26.75 -25.25 6.04
C VAL A 651 27.19 -23.84 5.71
N MET A 652 27.79 -23.14 6.68
CA MET A 652 28.33 -21.81 6.43
C MET A 652 29.32 -21.78 5.26
N LEU A 653 30.16 -22.81 5.18
CA LEU A 653 31.24 -22.87 4.18
C LEU A 653 30.81 -23.48 2.83
N ASP A 654 29.56 -23.89 2.75
CA ASP A 654 29.02 -24.52 1.54
C ASP A 654 28.62 -23.43 0.56
N PRO A 655 29.20 -23.43 -0.65
CA PRO A 655 28.81 -22.42 -1.64
C PRO A 655 27.32 -22.50 -2.04
N LYS A 656 26.67 -23.62 -1.75
CA LYS A 656 25.24 -23.78 -2.05
C LYS A 656 24.39 -22.97 -1.09
N GLU A 657 24.95 -22.65 0.09
CA GLU A 657 24.17 -22.06 1.17
C GLU A 657 24.61 -20.62 1.43
N PHE A 658 25.76 -20.45 2.09
CA PHE A 658 26.19 -19.11 2.52
C PHE A 658 27.54 -18.68 1.97
N ASN A 659 28.33 -19.59 1.39
CA ASN A 659 29.66 -19.23 0.95
C ASN A 659 29.62 -18.64 -0.45
N THR A 660 29.04 -17.43 -0.51
CA THR A 660 28.83 -16.69 -1.74
C THR A 660 29.96 -15.69 -2.00
N PHE A 661 29.91 -15.05 -3.16
CA PHE A 661 30.93 -14.08 -3.60
C PHE A 661 31.32 -13.12 -2.48
N VAL A 662 30.32 -12.57 -1.80
CA VAL A 662 30.52 -11.93 -0.50
C VAL A 662 29.71 -12.86 0.42
N PRO A 663 30.40 -13.57 1.32
CA PRO A 663 29.77 -14.65 2.07
C PRO A 663 29.01 -14.22 3.33
N LEU A 664 28.25 -15.18 3.86
CA LEU A 664 27.48 -15.05 5.11
C LEU A 664 26.39 -13.98 5.09
N GLY A 665 25.57 -14.03 4.05
CA GLY A 665 24.46 -13.11 3.88
C GLY A 665 23.27 -13.46 4.76
N THR A 666 22.20 -12.68 4.62
CA THR A 666 21.07 -12.74 5.56
C THR A 666 19.99 -13.77 5.19
N ALA A 667 20.21 -14.52 4.12
CA ALA A 667 19.44 -15.73 3.88
C ALA A 667 20.29 -16.61 2.98
N ALA A 668 20.24 -17.91 3.18
CA ALA A 668 20.96 -18.86 2.34
C ALA A 668 20.39 -18.79 0.92
N LEU A 669 21.23 -19.14 -0.05
CA LEU A 669 20.78 -19.25 -1.44
C LEU A 669 19.63 -20.24 -1.60
N THR A 670 19.51 -21.18 -0.67
CA THR A 670 18.45 -22.20 -0.68
C THR A 670 17.16 -21.74 0.00
N ASN A 671 17.17 -20.56 0.60
CA ASN A 671 16.00 -20.04 1.30
C ASN A 671 14.93 -19.66 0.26
N PRO A 672 13.70 -20.19 0.39
CA PRO A 672 12.67 -19.89 -0.62
C PRO A 672 12.33 -18.39 -0.77
N ALA A 673 12.64 -17.57 0.23
CA ALA A 673 12.36 -16.13 0.15
C ALA A 673 13.59 -15.27 -0.16
N PHE A 674 14.69 -15.89 -0.58
CA PHE A 674 15.94 -15.18 -0.89
C PHE A 674 15.77 -14.15 -2.01
N GLY A 675 16.39 -13.00 -1.82
CA GLY A 675 16.63 -12.06 -2.93
C GLY A 675 17.91 -11.31 -2.68
N ALA A 676 18.73 -11.16 -3.72
CA ALA A 676 20.03 -10.50 -3.58
C ALA A 676 19.87 -8.99 -3.39
N ASP A 677 18.68 -8.50 -3.68
CA ASP A 677 18.28 -7.11 -3.54
C ASP A 677 17.48 -6.84 -2.26
N ILE A 678 17.29 -7.86 -1.41
CA ILE A 678 16.38 -7.74 -0.27
C ILE A 678 17.23 -7.63 0.98
N TYR A 679 17.03 -6.54 1.73
CA TYR A 679 17.94 -6.17 2.83
C TYR A 679 18.23 -7.33 3.79
N TRP A 680 17.18 -7.97 4.29
CA TRP A 680 17.34 -9.03 5.29
C TRP A 680 16.89 -10.41 4.80
N ARG A 681 16.82 -10.58 3.47
CA ARG A 681 16.60 -11.91 2.89
C ARG A 681 17.65 -12.23 1.81
N GLY A 682 18.90 -11.86 2.06
CA GLY A 682 20.00 -12.27 1.20
C GLY A 682 21.20 -11.35 1.24
N ARG A 683 20.97 -10.06 1.41
CA ARG A 683 22.07 -9.10 1.44
C ARG A 683 22.97 -9.32 2.65
N VAL A 684 24.25 -9.00 2.47
CA VAL A 684 25.27 -9.24 3.47
C VAL A 684 25.51 -7.96 4.29
N TRP A 685 25.37 -8.07 5.61
CA TRP A 685 25.68 -6.98 6.53
C TRP A 685 26.92 -7.35 7.33
N VAL A 686 27.68 -6.35 7.72
CA VAL A 686 29.00 -6.56 8.32
C VAL A 686 28.87 -7.13 9.74
N ASP A 687 27.81 -6.75 10.46
CA ASP A 687 27.55 -7.29 11.80
C ASP A 687 27.33 -8.80 11.80
N GLN A 688 26.41 -9.27 10.96
CA GLN A 688 26.08 -10.70 10.90
C GLN A 688 27.27 -11.52 10.37
N PHE A 689 28.02 -10.94 9.46
CA PHE A 689 29.24 -11.54 8.92
C PHE A 689 30.26 -11.74 10.05
N TRP A 690 30.50 -10.68 10.82
CA TRP A 690 31.46 -10.73 11.91
C TRP A 690 31.00 -11.66 13.03
N PHE A 691 29.70 -11.64 13.33
CA PHE A 691 29.13 -12.60 14.29
C PHE A 691 29.42 -14.05 13.84
N GLY A 692 29.28 -14.30 12.54
CA GLY A 692 29.60 -15.60 11.97
C GLY A 692 31.06 -15.97 12.15
N LEU A 693 31.95 -15.06 11.80
CA LEU A 693 33.39 -15.32 11.92
C LEU A 693 33.79 -15.57 13.37
N LYS A 694 33.26 -14.75 14.29
CA LYS A 694 33.52 -14.94 15.73
C LYS A 694 32.99 -16.28 16.24
N GLY A 695 31.80 -16.65 15.78
CA GLY A 695 31.25 -17.99 16.06
C GLY A 695 32.11 -19.13 15.55
N MET A 696 32.59 -19.01 14.31
CA MET A 696 33.50 -19.99 13.76
C MET A 696 34.76 -20.13 14.62
N GLU A 697 35.39 -19.00 14.94
CA GLU A 697 36.61 -19.02 15.77
C GLU A 697 36.38 -19.66 17.13
N ARG A 698 35.24 -19.34 17.74
CA ARG A 698 34.93 -19.80 19.09
C ARG A 698 34.91 -21.34 19.18
N TYR A 699 34.59 -21.99 18.06
CA TYR A 699 34.48 -23.44 17.98
C TYR A 699 35.58 -24.12 17.15
N GLY A 700 36.68 -23.40 16.92
CA GLY A 700 37.89 -23.99 16.37
C GLY A 700 38.17 -23.72 14.91
N TYR A 701 37.34 -22.90 14.26
CA TYR A 701 37.45 -22.67 12.82
C TYR A 701 37.99 -21.28 12.48
N ARG A 702 38.96 -20.81 13.25
CA ARG A 702 39.56 -19.50 12.97
C ARG A 702 40.18 -19.43 11.57
N ASP A 703 40.85 -20.48 11.14
CA ASP A 703 41.53 -20.47 9.84
C ASP A 703 40.52 -20.27 8.71
N ASP A 704 39.38 -20.96 8.79
CA ASP A 704 38.30 -20.76 7.84
C ASP A 704 37.74 -19.34 7.93
N ALA A 705 37.67 -18.80 9.13
CA ALA A 705 37.19 -17.41 9.31
C ALA A 705 38.11 -16.40 8.64
N LEU A 706 39.42 -16.64 8.73
CA LEU A 706 40.38 -15.75 8.09
C LEU A 706 40.23 -15.79 6.58
N LYS A 707 39.96 -16.95 6.03
CA LYS A 707 39.76 -17.06 4.58
C LYS A 707 38.50 -16.32 4.14
N LEU A 708 37.40 -16.44 4.88
CA LEU A 708 36.19 -15.69 4.57
C LEU A 708 36.40 -14.17 4.69
N ALA A 709 37.16 -13.74 5.69
CA ALA A 709 37.48 -12.32 5.86
C ALA A 709 38.27 -11.79 4.66
N ASP A 710 39.21 -12.59 4.17
CA ASP A 710 40.02 -12.23 3.00
C ASP A 710 39.12 -12.11 1.76
N THR A 711 38.19 -13.03 1.59
CA THR A 711 37.25 -13.03 0.46
C THR A 711 36.36 -11.79 0.50
N PHE A 712 35.91 -11.45 1.71
CA PHE A 712 35.15 -10.22 1.91
C PHE A 712 36.00 -9.02 1.52
N PHE A 713 37.25 -8.98 1.98
CA PHE A 713 38.10 -7.83 1.68
C PHE A 713 38.34 -7.67 0.17
N ARG A 714 38.45 -8.78 -0.55
CA ARG A 714 38.70 -8.75 -2.00
C ARG A 714 37.46 -8.47 -2.85
N HIS A 715 36.27 -8.82 -2.35
CA HIS A 715 35.05 -8.78 -3.17
C HIS A 715 34.03 -7.70 -2.80
N ALA A 716 34.06 -7.22 -1.56
CA ALA A 716 33.13 -6.16 -1.12
C ALA A 716 33.46 -4.88 -1.84
N LYS A 717 32.56 -4.41 -2.71
CA LYS A 717 32.88 -3.28 -3.56
C LYS A 717 33.09 -2.00 -2.76
N GLY A 718 34.08 -1.20 -3.17
CA GLY A 718 34.32 0.13 -2.58
C GLY A 718 35.20 0.17 -1.35
N LEU A 719 35.59 -0.99 -0.86
CA LEU A 719 36.23 -1.08 0.45
C LEU A 719 37.52 -0.28 0.51
N THR A 720 38.29 -0.29 -0.58
CA THR A 720 39.59 0.38 -0.61
C THR A 720 39.57 1.73 -1.33
N ALA A 721 38.38 2.20 -1.68
CA ALA A 721 38.17 3.53 -2.25
C ALA A 721 37.85 4.51 -1.12
N ASP A 722 37.67 5.78 -1.46
CA ASP A 722 37.52 6.84 -0.47
C ASP A 722 36.07 7.24 -0.22
N GLY A 723 35.14 6.34 -0.51
CA GLY A 723 33.72 6.63 -0.38
C GLY A 723 33.28 6.33 1.04
N PRO A 724 32.09 6.82 1.40
CA PRO A 724 31.57 6.53 2.73
C PRO A 724 31.14 5.07 2.88
N ILE A 725 31.19 4.60 4.12
CA ILE A 725 30.80 3.25 4.48
C ILE A 725 29.28 3.14 4.44
N GLN A 726 28.79 2.13 3.73
CA GLN A 726 27.34 1.91 3.59
C GLN A 726 26.85 0.71 4.43
N GLU A 727 25.62 0.27 4.18
CA GLU A 727 24.95 -0.70 5.05
C GLU A 727 25.15 -2.17 4.71
N ASN A 728 25.10 -2.53 3.42
CA ASN A 728 25.11 -3.94 3.07
C ASN A 728 25.60 -4.20 1.64
N TYR A 729 25.76 -5.48 1.29
CA TYR A 729 26.32 -5.87 0.01
C TYR A 729 25.46 -6.94 -0.68
N ASN A 730 25.40 -6.86 -2.00
CA ASN A 730 24.83 -7.93 -2.79
C ASN A 730 25.73 -9.15 -2.63
N PRO A 731 25.17 -10.31 -2.25
CA PRO A 731 26.04 -11.46 -2.02
C PRO A 731 26.63 -12.08 -3.30
N LEU A 732 26.02 -11.79 -4.45
CA LEU A 732 26.47 -12.34 -5.74
C LEU A 732 27.45 -11.43 -6.47
N THR A 733 27.28 -10.11 -6.31
CA THR A 733 28.09 -9.12 -7.03
C THR A 733 29.00 -8.25 -6.15
N GLY A 734 28.75 -8.22 -4.85
CA GLY A 734 29.51 -7.35 -3.94
C GLY A 734 29.08 -5.89 -3.94
N ALA A 735 28.08 -5.52 -4.75
CA ALA A 735 27.65 -4.13 -4.85
C ALA A 735 27.02 -3.62 -3.53
N GLN A 736 27.30 -2.36 -3.21
CA GLN A 736 26.82 -1.73 -1.96
C GLN A 736 25.46 -1.07 -2.08
N GLN A 737 24.71 -1.09 -0.98
CA GLN A 737 23.51 -0.30 -0.85
C GLN A 737 23.46 0.26 0.58
N GLY A 738 22.63 1.28 0.77
CA GLY A 738 22.35 1.81 2.11
C GLY A 738 22.89 3.19 2.37
N ALA A 739 22.59 3.70 3.56
CA ALA A 739 23.02 5.02 3.98
C ALA A 739 24.54 5.14 4.05
N PRO A 740 25.10 6.27 3.58
CA PRO A 740 26.52 6.52 3.73
C PRO A 740 26.87 6.85 5.19
N ASN A 741 28.09 6.51 5.56
CA ASN A 741 28.61 6.72 6.92
C ASN A 741 27.84 5.94 7.96
N PHE A 742 27.56 4.67 7.65
CA PHE A 742 26.75 3.81 8.52
C PHE A 742 27.56 3.25 9.69
N SER A 743 27.12 3.56 10.90
CA SER A 743 27.88 3.23 12.10
C SER A 743 28.26 1.77 12.35
N TRP A 744 27.31 0.84 12.30
CA TRP A 744 27.67 -0.53 12.70
C TRP A 744 28.46 -1.25 11.62
N SER A 745 28.35 -0.79 10.37
CA SER A 745 29.27 -1.26 9.34
C SER A 745 30.69 -0.83 9.68
N ALA A 746 30.84 0.46 10.05
CA ALA A 746 32.11 0.96 10.57
C ALA A 746 32.58 0.20 11.79
N ALA A 747 31.68 -0.04 12.75
CA ALA A 747 32.02 -0.80 13.95
C ALA A 747 32.60 -2.18 13.62
N HIS A 748 31.90 -2.92 12.77
CA HIS A 748 32.31 -4.30 12.48
C HIS A 748 33.43 -4.40 11.45
N LEU A 749 33.58 -3.39 10.57
CA LEU A 749 34.78 -3.33 9.73
C LEU A 749 36.01 -3.12 10.61
N TYR A 750 35.89 -2.22 11.58
CA TYR A 750 36.94 -2.01 12.55
C TYR A 750 37.30 -3.33 13.25
N MET A 751 36.29 -4.06 13.71
CA MET A 751 36.60 -5.28 14.45
CA MET A 751 36.51 -5.32 14.43
C MET A 751 37.09 -6.39 13.52
N LEU A 752 36.70 -6.35 12.24
CA LEU A 752 37.28 -7.24 11.24
C LEU A 752 38.78 -6.93 11.07
N TYR A 753 39.14 -5.65 10.98
CA TYR A 753 40.55 -5.23 11.00
C TYR A 753 41.27 -5.79 12.24
N ASN A 754 40.63 -5.66 13.39
CA ASN A 754 41.24 -6.04 14.66
C ASN A 754 41.40 -7.55 14.78
N ASP A 755 40.38 -8.28 14.33
CA ASP A 755 40.26 -9.71 14.61
C ASP A 755 40.67 -10.64 13.47
N PHE A 756 40.33 -10.27 12.23
CA PHE A 756 40.39 -11.22 11.10
C PHE A 756 41.19 -10.82 9.86
N PHE A 757 41.63 -9.56 9.77
CA PHE A 757 42.62 -9.18 8.73
C PHE A 757 44.03 -9.47 9.26
N ARG A 758 44.34 -10.76 9.40
CA ARG A 758 45.59 -11.21 10.02
C ARG A 758 46.15 -12.44 9.31
N ASN B 1 -40.38 -11.12 -34.62
CA ASN B 1 -39.87 -12.49 -34.38
C ASN B 1 -38.43 -12.45 -33.90
N ALA B 2 -38.20 -13.15 -32.80
CA ALA B 2 -36.86 -13.45 -32.32
C ALA B 2 -36.03 -14.15 -33.38
N ASP B 3 -36.67 -14.89 -34.27
CA ASP B 3 -35.97 -15.65 -35.32
C ASP B 3 -35.22 -14.78 -36.33
N ASN B 4 -35.54 -13.48 -36.38
CA ASN B 4 -34.81 -12.53 -37.21
C ASN B 4 -33.43 -12.14 -36.64
N TYR B 5 -33.16 -12.49 -35.38
CA TYR B 5 -31.94 -12.07 -34.71
C TYR B 5 -31.14 -13.25 -34.17
N LYS B 6 -30.52 -14.01 -35.07
CA LYS B 6 -29.71 -15.14 -34.67
C LYS B 6 -28.27 -14.72 -34.36
N ASN B 7 -27.73 -15.29 -33.28
CA ASN B 7 -26.32 -15.13 -32.94
C ASN B 7 -25.88 -13.68 -32.83
N VAL B 8 -26.69 -12.88 -32.16
CA VAL B 8 -26.37 -11.47 -31.91
C VAL B 8 -25.06 -11.37 -31.12
N ILE B 9 -24.95 -12.21 -30.09
CA ILE B 9 -23.72 -12.37 -29.31
C ILE B 9 -23.23 -13.80 -29.52
N ASN B 10 -21.92 -13.96 -29.59
CA ASN B 10 -21.29 -15.28 -29.71
C ASN B 10 -21.47 -15.99 -28.38
N ARG B 11 -22.36 -16.99 -28.35
CA ARG B 11 -22.62 -17.74 -27.12
C ARG B 11 -22.03 -19.16 -27.14
N THR B 12 -21.07 -19.40 -28.04
CA THR B 12 -20.41 -20.71 -28.13
C THR B 12 -19.26 -20.79 -27.15
N GLY B 13 -18.89 -22.02 -26.79
CA GLY B 13 -17.69 -22.24 -26.00
C GLY B 13 -17.67 -23.60 -25.37
N ALA B 14 -16.47 -24.01 -24.99
CA ALA B 14 -16.25 -25.29 -24.31
C ALA B 14 -15.25 -25.00 -23.19
N PRO B 15 -15.77 -24.55 -22.03
CA PRO B 15 -14.89 -24.19 -20.92
C PRO B 15 -13.96 -25.33 -20.49
N GLN B 16 -12.76 -24.99 -20.07
CA GLN B 16 -11.79 -25.98 -19.57
C GLN B 16 -11.53 -25.78 -18.08
N TYR B 17 -12.00 -24.66 -17.55
CA TYR B 17 -11.68 -24.21 -16.20
C TYR B 17 -12.94 -23.72 -15.51
N MET B 18 -13.02 -23.90 -14.19
CA MET B 18 -14.09 -23.26 -13.41
C MET B 18 -14.03 -21.74 -13.59
N LYS B 19 -12.81 -21.23 -13.56
CA LYS B 19 -12.52 -19.83 -13.83
C LYS B 19 -11.91 -19.74 -15.22
N ASP B 20 -12.74 -19.80 -16.25
CA ASP B 20 -12.26 -19.71 -17.63
C ASP B 20 -12.25 -18.25 -18.05
N TYR B 21 -11.25 -17.55 -17.53
CA TYR B 21 -11.21 -16.10 -17.52
C TYR B 21 -10.55 -15.46 -18.76
N ASP B 22 -11.07 -14.31 -19.15
CA ASP B 22 -10.39 -13.43 -20.13
C ASP B 22 -9.23 -12.69 -19.45
N TYR B 23 -8.62 -11.75 -20.15
CA TYR B 23 -7.46 -10.99 -19.64
C TYR B 23 -7.71 -10.30 -18.29
N ASP B 24 -8.96 -9.98 -18.02
CA ASP B 24 -9.30 -9.11 -16.90
C ASP B 24 -10.13 -9.87 -15.86
N ASP B 25 -10.04 -11.21 -15.91
CA ASP B 25 -10.61 -12.11 -14.90
C ASP B 25 -12.13 -12.26 -14.98
N HIS B 26 -12.71 -11.93 -16.12
CA HIS B 26 -14.13 -12.18 -16.37
C HIS B 26 -14.29 -13.47 -17.14
N GLN B 27 -15.40 -14.17 -16.96
CA GLN B 27 -15.62 -15.39 -17.71
C GLN B 27 -15.69 -15.03 -19.20
N ARG B 28 -14.93 -15.77 -20.00
CA ARG B 28 -14.63 -15.35 -21.38
C ARG B 28 -15.62 -15.90 -22.42
N PHE B 29 -16.66 -16.58 -21.95
CA PHE B 29 -17.76 -17.00 -22.81
C PHE B 29 -19.00 -16.29 -22.28
N ASN B 30 -20.04 -16.24 -23.11
CA ASN B 30 -21.25 -15.47 -22.86
C ASN B 30 -22.47 -16.36 -22.72
N PRO B 31 -22.67 -16.96 -21.53
CA PRO B 31 -23.78 -17.88 -21.42
C PRO B 31 -25.13 -17.19 -21.42
N PHE B 32 -26.14 -17.93 -21.83
CA PHE B 32 -27.53 -17.50 -21.90
C PHE B 32 -28.21 -17.66 -20.53
N PHE B 33 -28.66 -16.54 -19.96
CA PHE B 33 -29.47 -16.50 -18.75
C PHE B 33 -30.79 -15.80 -19.04
N ASP B 34 -31.85 -16.17 -18.34
CA ASP B 34 -33.13 -15.48 -18.47
C ASP B 34 -33.96 -15.72 -17.23
N LEU B 35 -34.99 -14.88 -17.09
CA LEU B 35 -35.98 -14.95 -16.04
C LEU B 35 -35.39 -14.77 -14.62
N GLY B 36 -34.21 -14.18 -14.54
CA GLY B 36 -33.51 -14.02 -13.27
C GLY B 36 -32.89 -15.29 -12.71
N ALA B 37 -32.74 -16.32 -13.54
CA ALA B 37 -32.24 -17.62 -13.07
C ALA B 37 -30.78 -17.55 -12.65
N TRP B 38 -30.36 -18.55 -11.89
CA TRP B 38 -29.04 -18.58 -11.27
C TRP B 38 -28.11 -19.61 -11.91
N HIS B 39 -28.40 -19.96 -13.17
CA HIS B 39 -27.49 -20.76 -13.98
C HIS B 39 -27.71 -20.40 -15.44
N GLY B 40 -26.70 -20.69 -16.25
CA GLY B 40 -26.69 -20.31 -17.66
C GLY B 40 -25.99 -21.34 -18.54
N HIS B 41 -26.19 -21.20 -19.86
CA HIS B 41 -25.78 -22.22 -20.82
C HIS B 41 -25.09 -21.64 -22.04
N LEU B 42 -24.21 -22.44 -22.66
CA LEU B 42 -23.58 -22.06 -23.93
C LEU B 42 -24.07 -22.92 -25.10
N LEU B 43 -23.75 -22.46 -26.31
CA LEU B 43 -23.96 -23.24 -27.52
C LEU B 43 -22.75 -24.11 -27.79
N PRO B 44 -22.96 -25.25 -28.49
CA PRO B 44 -21.82 -26.09 -28.84
C PRO B 44 -20.82 -25.37 -29.73
N ASP B 45 -19.53 -25.67 -29.55
CA ASP B 45 -18.41 -25.00 -30.24
C ASP B 45 -17.94 -25.82 -31.45
N GLY B 46 -18.37 -27.08 -31.54
CA GLY B 46 -18.04 -27.97 -32.66
C GLY B 46 -18.51 -29.40 -32.49
N PRO B 47 -17.81 -30.35 -33.14
CA PRO B 47 -18.13 -31.79 -33.03
C PRO B 47 -18.02 -32.37 -31.60
N ASN B 48 -17.05 -31.87 -30.83
CA ASN B 48 -16.80 -32.34 -29.47
C ASN B 48 -17.93 -32.01 -28.48
N THR B 49 -18.74 -30.99 -28.79
CA THR B 49 -19.81 -30.52 -27.89
C THR B 49 -21.21 -30.64 -28.47
N MET B 50 -21.30 -30.94 -29.76
CA MET B 50 -22.56 -31.21 -30.44
C MET B 50 -23.45 -32.22 -29.69
N GLY B 51 -24.74 -31.90 -29.57
CA GLY B 51 -25.69 -32.74 -28.87
C GLY B 51 -26.04 -32.26 -27.49
N GLY B 52 -25.31 -31.27 -26.99
CA GLY B 52 -25.63 -30.66 -25.71
C GLY B 52 -25.39 -29.16 -25.76
N PHE B 53 -25.72 -28.51 -24.66
CA PHE B 53 -25.42 -27.10 -24.46
C PHE B 53 -24.37 -27.02 -23.38
N PRO B 54 -23.10 -26.90 -23.79
CA PRO B 54 -22.00 -27.08 -22.87
C PRO B 54 -21.85 -25.87 -21.98
N GLY B 55 -20.96 -25.97 -21.00
CA GLY B 55 -20.63 -24.82 -20.15
C GLY B 55 -21.73 -24.45 -19.21
N VAL B 56 -22.04 -25.35 -18.29
CA VAL B 56 -22.99 -25.09 -17.23
C VAL B 56 -22.38 -24.02 -16.31
N ALA B 57 -22.93 -22.81 -16.39
CA ALA B 57 -22.47 -21.68 -15.57
C ALA B 57 -23.34 -21.54 -14.32
N LEU B 58 -22.74 -21.74 -13.14
CA LEU B 58 -23.46 -21.57 -11.88
C LEU B 58 -23.15 -20.23 -11.25
N LEU B 59 -24.19 -19.54 -10.80
CA LEU B 59 -24.02 -18.32 -10.02
C LEU B 59 -24.05 -18.72 -8.55
N THR B 60 -22.86 -18.84 -7.98
CA THR B 60 -22.71 -19.29 -6.59
C THR B 60 -22.77 -18.09 -5.65
N GLU B 61 -24.00 -17.63 -5.43
CA GLU B 61 -24.37 -16.50 -4.57
C GLU B 61 -23.89 -15.12 -5.06
N GLU B 62 -22.58 -14.95 -5.25
CA GLU B 62 -22.01 -13.67 -5.66
C GLU B 62 -21.04 -13.77 -6.84
N TYR B 63 -20.81 -14.99 -7.35
CA TYR B 63 -19.83 -15.22 -8.40
C TYR B 63 -20.34 -16.19 -9.45
N ILE B 64 -19.78 -16.08 -10.65
CA ILE B 64 -20.02 -17.03 -11.73
C ILE B 64 -18.86 -18.04 -11.84
N ASN B 65 -19.23 -19.32 -11.79
CA ASN B 65 -18.29 -20.43 -11.80
C ASN B 65 -18.82 -21.53 -12.73
N PHE B 66 -17.99 -21.99 -13.69
CA PHE B 66 -18.39 -23.10 -14.58
C PHE B 66 -18.29 -24.42 -13.83
N MET B 67 -19.29 -25.29 -14.01
CA MET B 67 -19.34 -26.62 -13.36
C MET B 67 -18.80 -27.70 -14.29
N ALA B 68 -19.04 -27.55 -15.58
CA ALA B 68 -18.85 -28.62 -16.57
C ALA B 68 -18.74 -28.03 -17.97
N SER B 69 -18.04 -28.71 -18.86
CA SER B 69 -18.11 -28.42 -20.30
C SER B 69 -19.28 -29.22 -20.89
N ASN B 70 -19.03 -30.47 -21.33
CA ASN B 70 -20.13 -31.34 -21.73
C ASN B 70 -20.91 -31.78 -20.49
N PHE B 71 -22.22 -31.60 -20.52
CA PHE B 71 -23.07 -32.07 -19.44
C PHE B 71 -24.48 -32.30 -19.97
N ASP B 72 -24.86 -33.57 -20.03
CA ASP B 72 -26.13 -34.00 -20.64
C ASP B 72 -26.08 -33.87 -22.16
N ARG B 73 -24.95 -34.21 -22.74
CA ARG B 73 -24.77 -34.21 -24.19
C ARG B 73 -25.36 -35.48 -24.80
N LEU B 74 -26.20 -35.32 -25.82
CA LEU B 74 -26.93 -36.43 -26.42
C LEU B 74 -26.14 -37.05 -27.56
N THR B 75 -26.11 -38.38 -27.54
CA THR B 75 -25.66 -39.18 -28.67
C THR B 75 -26.78 -40.15 -28.99
N VAL B 76 -26.93 -40.48 -30.28
CA VAL B 76 -28.03 -41.32 -30.74
C VAL B 76 -27.50 -42.56 -31.45
N TRP B 77 -28.01 -43.72 -31.05
CA TRP B 77 -27.74 -44.96 -31.78
C TRP B 77 -29.05 -45.57 -32.24
N GLN B 78 -29.05 -46.17 -33.44
CA GLN B 78 -30.21 -46.96 -33.85
C GLN B 78 -29.78 -48.43 -33.77
N ASP B 79 -30.34 -49.13 -32.79
CA ASP B 79 -29.87 -50.48 -32.39
C ASP B 79 -28.35 -50.62 -32.59
N GLY B 80 -27.59 -49.85 -31.81
CA GLY B 80 -26.13 -49.99 -31.77
C GLY B 80 -25.31 -49.21 -32.79
N LYS B 81 -25.93 -48.77 -33.88
CA LYS B 81 -25.22 -47.97 -34.88
C LYS B 81 -25.32 -46.49 -34.54
N LYS B 82 -24.19 -45.80 -34.49
CA LYS B 82 -24.17 -44.38 -34.17
C LYS B 82 -24.77 -43.58 -35.34
N VAL B 83 -25.62 -42.62 -35.00
CA VAL B 83 -26.24 -41.75 -35.98
C VAL B 83 -25.34 -40.53 -36.10
N ASP B 84 -24.73 -40.34 -37.27
CA ASP B 84 -23.87 -39.18 -37.50
C ASP B 84 -24.73 -38.00 -37.95
N PHE B 85 -24.53 -36.87 -37.26
CA PHE B 85 -25.37 -35.70 -37.41
C PHE B 85 -24.54 -34.51 -37.96
N THR B 86 -25.17 -33.67 -38.77
CA THR B 86 -24.65 -32.33 -39.07
C THR B 86 -25.28 -31.37 -38.06
N LEU B 87 -24.58 -30.27 -37.78
CA LEU B 87 -24.96 -29.34 -36.70
C LEU B 87 -25.41 -27.98 -37.22
N GLU B 88 -26.58 -27.51 -36.76
CA GLU B 88 -26.95 -26.10 -36.87
C GLU B 88 -27.23 -25.58 -35.47
N ALA B 89 -26.44 -24.60 -35.02
CA ALA B 89 -26.60 -24.08 -33.65
C ALA B 89 -26.64 -22.54 -33.64
N TYR B 90 -27.65 -21.98 -32.98
CA TYR B 90 -27.75 -20.52 -32.85
C TYR B 90 -28.52 -20.07 -31.62
N SER B 91 -28.25 -18.83 -31.19
CA SER B 91 -29.08 -18.16 -30.21
C SER B 91 -30.07 -17.27 -30.93
N ILE B 92 -31.23 -17.10 -30.28
CA ILE B 92 -32.15 -16.00 -30.60
C ILE B 92 -32.43 -15.29 -29.27
N PRO B 93 -33.02 -14.10 -29.32
CA PRO B 93 -33.38 -13.50 -28.03
C PRO B 93 -34.33 -14.42 -27.27
N GLY B 94 -33.90 -14.91 -26.11
CA GLY B 94 -34.73 -15.73 -25.25
C GLY B 94 -34.62 -17.24 -25.44
N ALA B 95 -33.74 -17.69 -26.33
CA ALA B 95 -33.52 -19.14 -26.51
C ALA B 95 -32.19 -19.51 -27.16
N LEU B 96 -31.75 -20.73 -26.87
CA LEU B 96 -30.70 -21.37 -27.62
C LEU B 96 -31.33 -22.51 -28.41
N VAL B 97 -30.89 -22.67 -29.65
CA VAL B 97 -31.42 -23.66 -30.56
C VAL B 97 -30.30 -24.51 -31.13
N GLN B 98 -30.55 -25.81 -31.22
CA GLN B 98 -29.59 -26.72 -31.83
C GLN B 98 -30.33 -27.77 -32.66
N LYS B 99 -30.05 -27.81 -33.97
CA LYS B 99 -30.70 -28.78 -34.85
C LYS B 99 -29.68 -29.80 -35.34
N LEU B 100 -29.97 -31.08 -35.13
CA LEU B 100 -29.11 -32.17 -35.54
C LEU B 100 -29.79 -32.92 -36.67
N THR B 101 -29.09 -33.04 -37.79
CA THR B 101 -29.71 -33.56 -39.01
C THR B 101 -29.00 -34.80 -39.55
N ALA B 102 -29.79 -35.87 -39.68
CA ALA B 102 -29.44 -37.04 -40.49
C ALA B 102 -30.63 -37.33 -41.40
N LYS B 103 -30.48 -38.28 -42.30
CA LYS B 103 -31.53 -38.55 -43.28
C LYS B 103 -32.71 -39.27 -42.64
N ASP B 104 -32.42 -40.28 -41.83
CA ASP B 104 -33.47 -41.08 -41.17
C ASP B 104 -33.90 -40.47 -39.85
N VAL B 105 -33.00 -39.71 -39.24
CA VAL B 105 -33.21 -39.17 -37.89
C VAL B 105 -32.92 -37.67 -37.88
N GLN B 106 -33.82 -36.90 -37.26
CA GLN B 106 -33.57 -35.48 -36.99
C GLN B 106 -33.82 -35.22 -35.51
N VAL B 107 -33.06 -34.29 -34.94
CA VAL B 107 -33.30 -33.78 -33.59
C VAL B 107 -33.37 -32.25 -33.58
N GLU B 108 -34.40 -31.70 -32.96
CA GLU B 108 -34.51 -30.25 -32.78
C GLU B 108 -34.55 -29.93 -31.28
N MET B 109 -33.52 -29.24 -30.79
CA MET B 109 -33.45 -28.86 -29.37
C MET B 109 -33.67 -27.38 -29.20
N THR B 110 -34.61 -27.02 -28.32
CA THR B 110 -34.87 -25.64 -27.96
C THR B 110 -34.78 -25.52 -26.46
N LEU B 111 -33.91 -24.62 -26.02
CA LEU B 111 -33.66 -24.35 -24.62
C LEU B 111 -34.13 -22.95 -24.26
N ARG B 112 -35.10 -22.87 -23.36
CA ARG B 112 -35.62 -21.60 -22.84
C ARG B 112 -35.65 -21.68 -21.33
N PHE B 113 -35.83 -20.54 -20.66
CA PHE B 113 -36.04 -20.57 -19.22
C PHE B 113 -37.52 -20.63 -18.86
N ALA B 114 -37.81 -21.42 -17.82
CA ALA B 114 -39.18 -21.69 -17.36
C ALA B 114 -39.53 -20.96 -16.06
N THR B 115 -38.59 -20.94 -15.13
CA THR B 115 -38.77 -20.25 -13.85
C THR B 115 -37.47 -19.56 -13.45
N PRO B 116 -37.49 -18.81 -12.33
CA PRO B 116 -36.27 -18.21 -11.81
C PRO B 116 -35.18 -19.18 -11.31
N ARG B 117 -35.40 -20.50 -11.41
CA ARG B 117 -34.35 -21.48 -11.07
C ARG B 117 -34.20 -22.60 -12.08
N THR B 118 -34.99 -22.59 -13.16
CA THR B 118 -35.03 -23.75 -14.06
C THR B 118 -35.08 -23.37 -15.54
N SER B 119 -34.22 -23.99 -16.34
CA SER B 119 -34.33 -23.95 -17.80
C SER B 119 -34.95 -25.24 -18.32
N LEU B 120 -35.52 -25.14 -19.51
CA LEU B 120 -36.31 -26.22 -20.09
C LEU B 120 -35.76 -26.52 -21.47
N LEU B 121 -35.40 -27.77 -21.70
CA LEU B 121 -34.91 -28.22 -22.97
C LEU B 121 -35.97 -29.13 -23.61
N GLU B 122 -36.39 -28.76 -24.82
CA GLU B 122 -37.30 -29.59 -25.60
C GLU B 122 -36.43 -30.29 -26.61
N THR B 123 -36.47 -31.63 -26.62
CA THR B 123 -35.72 -32.40 -27.59
C THR B 123 -36.73 -33.15 -28.47
N LYS B 124 -36.99 -32.60 -29.65
CA LYS B 124 -37.87 -33.25 -30.63
C LYS B 124 -37.04 -34.19 -31.47
N ILE B 125 -37.39 -35.47 -31.45
CA ILE B 125 -36.70 -36.46 -32.25
C ILE B 125 -37.71 -37.00 -33.26
N THR B 126 -37.32 -36.97 -34.54
CA THR B 126 -38.13 -37.51 -35.62
C THR B 126 -37.38 -38.73 -36.12
N SER B 127 -38.02 -39.89 -36.03
CA SER B 127 -37.37 -41.15 -36.44
C SER B 127 -38.40 -42.18 -36.91
N ASN B 128 -38.07 -42.82 -38.02
CA ASN B 128 -38.85 -43.94 -38.54
C ASN B 128 -38.58 -45.28 -37.81
N LYS B 129 -37.46 -45.36 -37.07
CA LYS B 129 -37.04 -46.57 -36.36
C LYS B 129 -36.78 -46.33 -34.86
N PRO B 130 -36.64 -47.40 -34.06
CA PRO B 130 -36.29 -47.23 -32.64
C PRO B 130 -34.89 -46.65 -32.46
N LEU B 131 -34.68 -45.98 -31.33
CA LEU B 131 -33.41 -45.33 -31.05
C LEU B 131 -32.97 -45.54 -29.61
N ASP B 132 -31.66 -45.64 -29.43
CA ASP B 132 -31.05 -45.63 -28.11
C ASP B 132 -30.51 -44.22 -27.91
N LEU B 133 -30.90 -43.61 -26.81
CA LEU B 133 -30.47 -42.25 -26.49
C LEU B 133 -29.46 -42.36 -25.36
N VAL B 134 -28.31 -41.74 -25.54
CA VAL B 134 -27.24 -41.76 -24.55
C VAL B 134 -26.84 -40.34 -24.24
N TRP B 135 -26.92 -39.96 -22.97
CA TRP B 135 -26.43 -38.65 -22.55
C TRP B 135 -25.24 -38.84 -21.64
N ASP B 136 -24.27 -37.95 -21.76
CA ASP B 136 -23.04 -38.04 -20.99
C ASP B 136 -22.64 -36.67 -20.50
N GLY B 137 -21.73 -36.66 -19.55
CA GLY B 137 -21.28 -35.41 -18.98
C GLY B 137 -20.20 -35.66 -17.96
N GLU B 138 -19.46 -34.60 -17.65
CA GLU B 138 -18.41 -34.70 -16.66
C GLU B 138 -18.14 -33.33 -16.06
N LEU B 139 -17.80 -33.32 -14.78
CA LEU B 139 -17.47 -32.06 -14.10
C LEU B 139 -16.08 -31.62 -14.57
N LEU B 140 -15.85 -30.31 -14.59
CA LEU B 140 -14.50 -29.80 -14.82
C LEU B 140 -13.55 -30.22 -13.70
N GLU B 141 -12.26 -30.32 -14.03
CA GLU B 141 -11.21 -30.64 -13.04
C GLU B 141 -10.37 -29.42 -12.69
N LYS B 142 -9.98 -28.66 -13.71
CA LYS B 142 -8.99 -27.60 -13.55
C LYS B 142 -9.61 -26.29 -13.04
N LEU B 143 -8.87 -25.57 -12.22
CA LEU B 143 -9.38 -24.38 -11.55
C LEU B 143 -9.36 -23.14 -12.45
N GLU B 144 -8.22 -22.86 -13.05
CA GLU B 144 -7.96 -21.57 -13.71
C GLU B 144 -6.70 -21.67 -14.56
N ALA B 145 -6.61 -20.94 -15.65
CA ALA B 145 -5.34 -20.78 -16.36
C ALA B 145 -4.62 -19.64 -15.66
N LYS B 146 -3.92 -19.96 -14.58
CA LYS B 146 -3.35 -18.94 -13.70
C LYS B 146 -2.25 -18.18 -14.40
N GLU B 147 -2.31 -16.86 -14.23
CA GLU B 147 -1.44 -15.91 -14.91
C GLU B 147 0.02 -16.26 -14.68
N GLY B 148 0.76 -16.49 -15.77
CA GLY B 148 2.18 -16.83 -15.68
C GLY B 148 2.50 -18.26 -15.26
N LYS B 149 1.47 -19.09 -15.12
CA LYS B 149 1.63 -20.47 -14.67
C LYS B 149 0.78 -21.41 -15.54
N PRO B 150 1.20 -21.62 -16.80
CA PRO B 150 0.40 -22.46 -17.71
C PRO B 150 0.31 -23.94 -17.34
N LEU B 151 1.30 -24.46 -16.62
CA LEU B 151 1.31 -25.88 -16.22
C LEU B 151 0.86 -26.03 -14.78
N SER B 152 0.25 -24.98 -14.23
CA SER B 152 -0.35 -25.03 -12.89
C SER B 152 -1.21 -26.28 -12.78
N ASP B 153 -0.94 -27.10 -11.78
CA ASP B 153 -1.71 -28.32 -11.60
C ASP B 153 -2.85 -28.14 -10.58
N LYS B 154 -3.13 -26.90 -10.17
CA LYS B 154 -4.24 -26.63 -9.26
C LYS B 154 -5.58 -27.10 -9.82
N THR B 155 -6.30 -27.86 -9.00
CA THR B 155 -7.61 -28.39 -9.37
C THR B 155 -8.67 -27.74 -8.51
N ILE B 156 -9.91 -27.86 -8.97
CA ILE B 156 -11.05 -27.35 -8.23
C ILE B 156 -11.11 -28.02 -6.85
N ALA B 157 -11.00 -29.35 -6.82
CA ALA B 157 -11.11 -30.12 -5.58
C ALA B 157 -9.94 -29.82 -4.64
N GLY B 158 -8.76 -29.67 -5.22
CA GLY B 158 -7.57 -29.31 -4.46
C GLY B 158 -7.62 -27.94 -3.80
N GLU B 159 -8.12 -26.93 -4.53
CA GLU B 159 -8.22 -25.57 -4.02
C GLU B 159 -9.38 -25.41 -3.05
N TYR B 160 -10.48 -26.13 -3.30
CA TYR B 160 -11.70 -26.06 -2.49
C TYR B 160 -12.10 -27.45 -2.01
N PRO B 161 -11.37 -27.99 -1.03
CA PRO B 161 -11.59 -29.36 -0.57
C PRO B 161 -13.00 -29.63 -0.05
N ASP B 162 -13.64 -28.60 0.50
CA ASP B 162 -14.99 -28.75 1.01
C ASP B 162 -16.09 -28.55 -0.03
N TYR B 163 -15.72 -28.27 -1.29
CA TYR B 163 -16.71 -28.10 -2.36
C TYR B 163 -17.39 -29.43 -2.66
N GLN B 164 -16.59 -30.50 -2.71
CA GLN B 164 -17.09 -31.86 -2.58
C GLN B 164 -18.17 -32.19 -3.63
N ARG B 165 -17.90 -31.87 -4.89
CA ARG B 165 -18.89 -32.02 -5.95
C ARG B 165 -19.14 -33.51 -6.17
N LYS B 166 -20.42 -33.91 -6.17
CA LYS B 166 -20.80 -35.32 -6.31
C LYS B 166 -22.01 -35.48 -7.23
N ILE B 167 -21.82 -36.21 -8.33
CA ILE B 167 -22.95 -36.57 -9.20
C ILE B 167 -23.62 -37.82 -8.62
N SER B 168 -24.94 -37.84 -8.59
CA SER B 168 -25.67 -39.04 -8.24
C SER B 168 -26.95 -39.14 -9.06
N ALA B 169 -27.37 -40.39 -9.28
CA ALA B 169 -28.52 -40.65 -10.13
C ALA B 169 -29.82 -40.46 -9.36
N THR B 170 -30.87 -40.10 -10.09
CA THR B 170 -32.24 -40.11 -9.56
C THR B 170 -33.08 -40.89 -10.57
N ARG B 171 -34.32 -41.17 -10.24
CA ARG B 171 -35.18 -41.97 -11.11
C ARG B 171 -35.41 -41.31 -12.47
N ASP B 172 -35.44 -39.98 -12.50
CA ASP B 172 -35.74 -39.26 -13.74
C ASP B 172 -34.57 -38.43 -14.22
N GLY B 173 -33.36 -38.75 -13.77
CA GLY B 173 -32.16 -38.05 -14.23
C GLY B 173 -31.01 -38.10 -13.24
N LEU B 174 -30.54 -36.94 -12.80
CA LEU B 174 -29.43 -36.88 -11.86
C LEU B 174 -29.36 -35.54 -11.13
N LYS B 175 -28.41 -35.44 -10.24
CA LYS B 175 -28.14 -34.18 -9.56
C LYS B 175 -26.68 -34.10 -9.24
N VAL B 176 -26.21 -32.87 -9.04
CA VAL B 176 -24.86 -32.65 -8.55
C VAL B 176 -25.03 -31.93 -7.22
N THR B 177 -24.45 -32.50 -6.16
CA THR B 177 -24.53 -31.89 -4.85
C THR B 177 -23.20 -31.20 -4.55
N PHE B 178 -23.26 -30.20 -3.69
CA PHE B 178 -22.11 -29.36 -3.36
C PHE B 178 -22.02 -29.20 -1.86
N GLY B 179 -20.80 -29.36 -1.34
CA GLY B 179 -20.52 -29.02 0.05
C GLY B 179 -20.51 -27.52 0.31
N LYS B 180 -20.48 -27.16 1.58
CA LYS B 180 -20.47 -25.76 2.01
C LYS B 180 -19.08 -25.15 1.85
N VAL B 181 -18.98 -24.12 1.01
CA VAL B 181 -17.73 -23.38 0.82
C VAL B 181 -18.02 -21.90 1.03
N ARG B 182 -17.28 -21.28 1.96
CA ARG B 182 -17.43 -19.84 2.18
C ARG B 182 -16.17 -19.10 1.74
N ALA B 183 -15.85 -19.24 0.44
CA ALA B 183 -14.68 -18.57 -0.13
C ALA B 183 -15.18 -17.20 -0.58
N THR B 184 -15.05 -16.26 0.35
CA THR B 184 -15.63 -14.92 0.29
C THR B 184 -15.45 -14.20 -1.04
N TRP B 185 -14.32 -14.45 -1.70
CA TRP B 185 -13.90 -13.73 -2.90
C TRP B 185 -14.00 -14.56 -4.17
N ASP B 186 -14.47 -15.81 -4.06
CA ASP B 186 -14.40 -16.76 -5.17
C ASP B 186 -15.60 -17.67 -5.37
N LEU B 187 -16.17 -18.19 -4.29
CA LEU B 187 -17.10 -19.33 -4.39
C LEU B 187 -17.90 -19.48 -3.10
N LEU B 188 -19.21 -19.34 -3.21
CA LEU B 188 -20.06 -19.28 -2.04
C LEU B 188 -21.21 -20.25 -2.22
N THR B 189 -21.31 -21.20 -1.29
CA THR B 189 -22.33 -22.24 -1.31
C THR B 189 -22.82 -22.46 0.11
N SER B 190 -24.08 -22.86 0.24
CA SER B 190 -24.72 -23.05 1.54
C SER B 190 -24.42 -24.41 2.16
N GLY B 191 -23.96 -25.35 1.33
CA GLY B 191 -23.90 -26.77 1.70
C GLY B 191 -25.17 -27.53 1.34
N GLU B 192 -26.18 -26.81 0.84
CA GLU B 192 -27.50 -27.36 0.48
C GLU B 192 -27.80 -27.17 -1.03
N SER B 193 -26.88 -26.55 -1.76
CA SER B 193 -27.11 -26.26 -3.17
C SER B 193 -26.94 -27.49 -4.03
N GLU B 194 -27.68 -27.51 -5.14
CA GLU B 194 -27.67 -28.64 -6.07
C GLU B 194 -27.93 -28.15 -7.49
N TYR B 195 -27.37 -28.88 -8.44
CA TYR B 195 -27.72 -28.74 -9.87
C TYR B 195 -28.44 -30.00 -10.27
N GLN B 196 -29.65 -29.86 -10.80
CA GLN B 196 -30.51 -31.02 -11.06
C GLN B 196 -30.92 -31.14 -12.52
N VAL B 197 -30.98 -32.39 -13.01
CA VAL B 197 -31.45 -32.73 -14.34
C VAL B 197 -32.63 -33.70 -14.17
N HIS B 198 -33.80 -33.31 -14.67
CA HIS B 198 -35.01 -34.15 -14.66
C HIS B 198 -35.50 -34.31 -16.08
N LYS B 199 -36.02 -35.50 -16.42
CA LYS B 199 -36.50 -35.76 -17.76
C LYS B 199 -37.88 -36.38 -17.78
N SER B 200 -38.55 -36.26 -18.93
CA SER B 200 -39.96 -36.65 -19.06
C SER B 200 -40.15 -38.13 -19.36
N LEU B 201 -39.05 -38.85 -19.57
CA LEU B 201 -39.10 -40.28 -19.90
C LEU B 201 -38.20 -41.08 -18.97
N PRO B 202 -38.40 -42.41 -18.93
CA PRO B 202 -37.55 -43.29 -18.13
C PRO B 202 -36.09 -43.20 -18.54
N VAL B 203 -35.22 -43.06 -17.55
CA VAL B 203 -33.78 -43.01 -17.79
C VAL B 203 -33.04 -43.72 -16.67
N GLN B 204 -31.92 -44.35 -17.00
CA GLN B 204 -31.02 -44.94 -16.01
C GLN B 204 -29.63 -44.37 -16.16
N THR B 205 -28.99 -44.05 -15.04
CA THR B 205 -27.74 -43.33 -15.08
C THR B 205 -26.64 -44.04 -14.30
N GLU B 206 -25.53 -44.30 -14.99
CA GLU B 206 -24.31 -44.81 -14.37
C GLU B 206 -23.41 -43.65 -14.01
N ILE B 207 -22.99 -43.59 -12.74
CA ILE B 207 -22.08 -42.56 -12.25
C ILE B 207 -20.76 -43.21 -11.85
N ASN B 208 -19.66 -42.75 -12.42
CA ASN B 208 -18.33 -43.18 -12.00
C ASN B 208 -17.37 -42.00 -11.93
N GLY B 209 -16.80 -41.76 -10.74
CA GLY B 209 -15.96 -40.59 -10.54
C GLY B 209 -16.80 -39.34 -10.77
N ASN B 210 -16.28 -38.43 -11.59
CA ASN B 210 -16.98 -37.18 -11.91
C ASN B 210 -17.61 -37.21 -13.31
N ARG B 211 -17.95 -38.41 -13.78
CA ARG B 211 -18.55 -38.64 -15.09
C ARG B 211 -19.87 -39.39 -14.95
N PHE B 212 -20.76 -39.21 -15.92
CA PHE B 212 -22.01 -39.96 -15.95
C PHE B 212 -22.41 -40.34 -17.37
N THR B 213 -23.13 -41.45 -17.48
CA THR B 213 -23.79 -41.85 -18.71
C THR B 213 -25.22 -42.19 -18.37
N SER B 214 -26.17 -41.55 -19.05
CA SER B 214 -27.60 -41.85 -18.87
C SER B 214 -28.12 -42.48 -20.16
N LYS B 215 -29.05 -43.43 -20.03
CA LYS B 215 -29.62 -44.09 -21.19
C LYS B 215 -31.14 -44.16 -21.16
N ALA B 216 -31.75 -43.97 -22.34
CA ALA B 216 -33.16 -44.25 -22.54
C ALA B 216 -33.33 -44.86 -23.93
N HIS B 217 -34.46 -45.53 -24.16
CA HIS B 217 -34.76 -46.09 -25.48
C HIS B 217 -36.15 -45.62 -25.90
N ILE B 218 -36.27 -45.22 -27.16
CA ILE B 218 -37.56 -44.77 -27.71
C ILE B 218 -37.93 -45.60 -28.95
N ASN B 219 -39.23 -45.79 -29.17
CA ASN B 219 -39.77 -46.58 -30.29
C ASN B 219 -39.72 -45.87 -31.64
N GLY B 220 -39.66 -44.55 -31.59
CA GLY B 220 -39.61 -43.72 -32.78
C GLY B 220 -39.81 -42.27 -32.41
N SER B 221 -40.32 -41.49 -33.36
CA SER B 221 -40.55 -40.05 -33.19
C SER B 221 -41.21 -39.73 -31.86
N THR B 222 -40.62 -38.79 -31.12
CA THR B 222 -41.23 -38.31 -29.88
C THR B 222 -40.59 -36.98 -29.52
N THR B 223 -41.22 -36.27 -28.57
CA THR B 223 -40.60 -35.07 -28.02
C THR B 223 -40.39 -35.25 -26.52
N LEU B 224 -39.12 -35.17 -26.12
CA LEU B 224 -38.73 -35.29 -24.71
C LEU B 224 -38.57 -33.89 -24.11
N TYR B 225 -38.64 -33.82 -22.79
CA TYR B 225 -38.46 -32.58 -22.05
C TYR B 225 -37.50 -32.82 -20.90
N THR B 226 -36.56 -31.88 -20.75
CA THR B 226 -35.56 -31.96 -19.69
C THR B 226 -35.54 -30.62 -18.97
N THR B 227 -35.45 -30.66 -17.64
CA THR B 227 -35.23 -29.45 -16.89
C THR B 227 -33.82 -29.47 -16.33
N TYR B 228 -33.23 -28.28 -16.24
CA TYR B 228 -31.96 -28.01 -15.61
C TYR B 228 -32.20 -26.98 -14.53
N SER B 229 -31.78 -27.25 -13.29
CA SER B 229 -32.06 -26.34 -12.21
C SER B 229 -30.84 -26.16 -11.31
N HIS B 230 -30.48 -24.90 -11.01
CA HIS B 230 -29.49 -24.62 -9.98
C HIS B 230 -30.22 -24.02 -8.79
N LEU B 231 -30.15 -24.72 -7.65
CA LEU B 231 -30.92 -24.38 -6.46
C LEU B 231 -29.91 -24.15 -5.34
N LEU B 232 -30.04 -23.03 -4.63
CA LEU B 232 -28.95 -22.57 -3.78
C LEU B 232 -29.11 -22.87 -2.30
N THR B 233 -30.31 -23.28 -1.90
CA THR B 233 -30.58 -23.67 -0.53
C THR B 233 -31.51 -24.90 -0.55
N ALA B 234 -31.59 -25.62 0.58
CA ALA B 234 -32.46 -26.80 0.65
C ALA B 234 -33.92 -26.43 0.40
N GLN B 235 -34.32 -25.26 0.90
CA GLN B 235 -35.65 -24.72 0.63
C GLN B 235 -35.89 -24.54 -0.88
N GLU B 236 -34.89 -24.02 -1.59
CA GLU B 236 -35.02 -23.84 -3.04
C GLU B 236 -35.10 -25.20 -3.75
N VAL B 237 -34.34 -26.16 -3.24
CA VAL B 237 -34.38 -27.52 -3.79
C VAL B 237 -35.79 -28.10 -3.69
N SER B 238 -36.41 -27.97 -2.51
CA SER B 238 -37.75 -28.51 -2.29
C SER B 238 -38.80 -27.81 -3.14
N LYS B 239 -38.86 -26.48 -3.01
CA LYS B 239 -39.78 -25.62 -3.77
C LYS B 239 -39.79 -25.99 -5.23
N GLU B 240 -38.60 -26.13 -5.81
CA GLU B 240 -38.48 -26.35 -7.24
C GLU B 240 -38.97 -27.73 -7.68
N GLN B 241 -38.96 -28.72 -6.79
CA GLN B 241 -39.44 -30.05 -7.20
C GLN B 241 -40.88 -29.95 -7.70
N MET B 242 -41.71 -29.16 -7.00
CA MET B 242 -43.09 -28.89 -7.44
CA MET B 242 -43.09 -28.90 -7.42
C MET B 242 -43.09 -28.21 -8.79
N GLN B 243 -42.20 -27.23 -8.96
CA GLN B 243 -42.14 -26.48 -10.21
C GLN B 243 -41.68 -27.34 -11.37
N ILE B 244 -40.69 -28.19 -11.11
CA ILE B 244 -40.16 -29.08 -12.13
C ILE B 244 -41.24 -30.04 -12.60
N ARG B 245 -42.03 -30.57 -11.66
CA ARG B 245 -43.14 -31.46 -12.03
C ARG B 245 -44.14 -30.70 -12.92
N ASP B 246 -44.43 -29.45 -12.55
CA ASP B 246 -45.35 -28.63 -13.35
C ASP B 246 -44.81 -28.37 -14.75
N ILE B 247 -43.51 -28.09 -14.85
CA ILE B 247 -42.88 -27.82 -16.14
C ILE B 247 -42.92 -29.04 -17.03
N LEU B 248 -42.65 -30.21 -16.44
CA LEU B 248 -42.65 -31.41 -17.24
C LEU B 248 -44.08 -31.85 -17.58
N ALA B 249 -45.05 -31.40 -16.80
CA ALA B 249 -46.47 -31.69 -17.05
C ALA B 249 -47.07 -30.77 -18.11
N ARG B 250 -46.64 -29.51 -18.14
CA ARG B 250 -47.11 -28.54 -19.14
C ARG B 250 -45.97 -27.76 -19.79
N PRO B 251 -45.07 -28.47 -20.47
CA PRO B 251 -43.92 -27.80 -21.08
C PRO B 251 -44.32 -26.77 -22.14
N ALA B 252 -45.37 -27.06 -22.90
CA ALA B 252 -45.87 -26.12 -23.92
C ALA B 252 -46.23 -24.77 -23.33
N PHE B 253 -46.80 -24.77 -22.14
CA PHE B 253 -47.15 -23.53 -21.45
C PHE B 253 -45.90 -22.68 -21.23
N TYR B 254 -44.84 -23.33 -20.80
CA TYR B 254 -43.60 -22.63 -20.45
C TYR B 254 -42.83 -22.16 -21.67
N LEU B 255 -42.79 -22.97 -22.73
CA LEU B 255 -42.18 -22.57 -23.99
C LEU B 255 -42.90 -21.34 -24.55
N THR B 256 -44.23 -21.38 -24.54
CA THR B 256 -45.03 -20.27 -25.06
C THR B 256 -44.86 -19.05 -24.16
N ALA B 257 -44.82 -19.26 -22.85
CA ALA B 257 -44.64 -18.13 -21.92
C ALA B 257 -43.37 -17.35 -22.24
N SER B 258 -42.30 -18.08 -22.50
CA SER B 258 -41.00 -17.49 -22.85
C SER B 258 -41.01 -16.84 -24.24
N GLN B 259 -41.55 -17.52 -25.22
CA GLN B 259 -41.66 -16.96 -26.57
C GLN B 259 -42.42 -15.63 -26.56
N GLN B 260 -43.53 -15.60 -25.82
CA GLN B 260 -44.44 -14.44 -25.82
C GLN B 260 -43.86 -13.25 -25.03
N ARG B 261 -43.17 -13.56 -23.94
CA ARG B 261 -42.47 -12.55 -23.16
C ARG B 261 -41.41 -11.86 -24.01
N TRP B 262 -40.67 -12.66 -24.79
CA TRP B 262 -39.59 -12.14 -25.63
C TRP B 262 -40.11 -11.38 -26.85
N GLU B 263 -41.22 -11.85 -27.43
CA GLU B 263 -41.86 -11.12 -28.52
C GLU B 263 -42.25 -9.71 -28.02
N GLU B 264 -42.75 -9.64 -26.79
CA GLU B 264 -43.12 -8.36 -26.16
C GLU B 264 -41.89 -7.45 -25.97
N TYR B 265 -40.77 -7.99 -25.49
CA TYR B 265 -39.55 -7.18 -25.32
C TYR B 265 -39.16 -6.56 -26.63
N LEU B 266 -39.13 -7.38 -27.68
CA LEU B 266 -38.73 -6.92 -29.00
C LEU B 266 -39.72 -5.93 -29.61
N LYS B 267 -41.01 -6.15 -29.39
CA LYS B 267 -42.04 -5.25 -29.93
C LYS B 267 -41.99 -3.88 -29.27
N LYS B 268 -41.86 -3.86 -27.95
CA LYS B 268 -41.73 -2.60 -27.20
C LYS B 268 -40.38 -1.93 -27.42
N GLY B 269 -39.33 -2.73 -27.64
CA GLY B 269 -37.97 -2.22 -27.66
C GLY B 269 -37.53 -1.67 -29.00
N LEU B 270 -37.90 -2.36 -30.07
CA LEU B 270 -37.36 -2.03 -31.40
C LEU B 270 -38.29 -1.05 -32.09
N THR B 271 -38.26 0.18 -31.60
CA THR B 271 -39.22 1.22 -32.01
C THR B 271 -38.67 2.21 -33.05
N ASN B 272 -37.42 2.03 -33.49
CA ASN B 272 -36.78 2.94 -34.43
C ASN B 272 -36.69 2.40 -35.85
N PRO B 273 -37.60 2.82 -36.74
CA PRO B 273 -37.57 2.32 -38.13
C PRO B 273 -36.41 2.88 -38.96
N ASP B 274 -35.77 3.95 -38.47
CA ASP B 274 -34.64 4.56 -39.18
C ASP B 274 -33.34 3.82 -38.96
N ALA B 275 -33.28 2.96 -37.94
CA ALA B 275 -32.07 2.21 -37.66
C ALA B 275 -31.77 1.22 -38.78
N THR B 276 -30.50 1.09 -39.12
CA THR B 276 -30.05 0.06 -40.05
C THR B 276 -30.18 -1.31 -39.38
N PRO B 277 -30.12 -2.40 -40.17
CA PRO B 277 -30.16 -3.73 -39.58
C PRO B 277 -29.06 -3.96 -38.54
N GLU B 278 -27.88 -3.39 -38.77
CA GLU B 278 -26.77 -3.50 -37.83
C GLU B 278 -27.08 -2.75 -36.54
N GLN B 279 -27.59 -1.53 -36.68
CA GLN B 279 -27.98 -0.74 -35.51
C GLN B 279 -29.09 -1.41 -34.70
N THR B 280 -30.06 -1.98 -35.39
CA THR B 280 -31.13 -2.76 -34.74
C THR B 280 -30.57 -3.93 -33.95
N ARG B 281 -29.59 -4.64 -34.52
CA ARG B 281 -28.99 -5.78 -33.82
C ARG B 281 -28.25 -5.36 -32.54
N VAL B 282 -27.64 -4.16 -32.53
CA VAL B 282 -27.04 -3.62 -31.29
C VAL B 282 -28.13 -3.41 -30.23
N ALA B 283 -29.31 -2.97 -30.65
CA ALA B 283 -30.43 -2.83 -29.69
C ALA B 283 -30.84 -4.18 -29.13
N VAL B 284 -30.93 -5.19 -30.01
CA VAL B 284 -31.28 -6.53 -29.57
C VAL B 284 -30.18 -7.10 -28.66
N LYS B 285 -28.93 -6.83 -29.00
CA LYS B 285 -27.80 -7.23 -28.15
C LYS B 285 -27.97 -6.64 -26.73
N ALA B 286 -28.36 -5.37 -26.69
CA ALA B 286 -28.59 -4.66 -25.42
C ALA B 286 -29.70 -5.30 -24.57
N ILE B 287 -30.80 -5.65 -25.24
CA ILE B 287 -31.96 -6.26 -24.61
C ILE B 287 -31.58 -7.64 -24.06
N GLU B 288 -30.86 -8.44 -24.85
CA GLU B 288 -30.41 -9.75 -24.38
C GLU B 288 -29.48 -9.60 -23.18
N THR B 289 -28.61 -8.59 -23.24
CA THR B 289 -27.62 -8.36 -22.18
C THR B 289 -28.31 -7.99 -20.86
N LEU B 290 -29.21 -7.02 -20.92
CA LEU B 290 -29.89 -6.57 -19.70
C LEU B 290 -30.73 -7.69 -19.09
N ASN B 291 -31.50 -8.39 -19.93
CA ASN B 291 -32.33 -9.50 -19.43
C ASN B 291 -31.50 -10.67 -18.88
N GLY B 292 -30.28 -10.84 -19.38
CA GLY B 292 -29.36 -11.84 -18.86
C GLY B 292 -28.69 -11.47 -17.53
N ASN B 293 -28.57 -10.17 -17.23
CA ASN B 293 -28.01 -9.70 -15.96
C ASN B 293 -29.04 -9.46 -14.87
N TRP B 294 -30.32 -9.54 -15.26
CA TRP B 294 -31.45 -9.66 -14.34
C TRP B 294 -31.32 -10.92 -13.47
N ARG B 295 -31.43 -10.74 -12.15
CA ARG B 295 -31.42 -11.82 -11.16
C ARG B 295 -32.68 -11.76 -10.31
N SER B 296 -33.26 -12.92 -10.07
CA SER B 296 -34.42 -13.06 -9.19
C SER B 296 -34.02 -12.92 -7.74
N PRO B 297 -35.00 -12.82 -6.82
CA PRO B 297 -34.69 -12.74 -5.40
C PRO B 297 -33.74 -13.84 -4.95
N GLY B 298 -32.82 -13.50 -4.07
CA GLY B 298 -31.87 -14.48 -3.53
C GLY B 298 -31.20 -13.92 -2.29
N GLY B 299 -31.15 -14.71 -1.23
CA GLY B 299 -30.47 -14.27 0.00
C GLY B 299 -31.11 -13.04 0.58
N ALA B 300 -30.28 -12.03 0.88
CA ALA B 300 -30.72 -10.79 1.51
C ALA B 300 -31.48 -9.85 0.59
N VAL B 301 -31.40 -10.07 -0.72
CA VAL B 301 -32.12 -9.25 -1.69
C VAL B 301 -33.46 -9.90 -2.03
N LYS B 302 -34.56 -9.29 -1.58
CA LYS B 302 -35.89 -9.89 -1.67
C LYS B 302 -36.64 -9.57 -2.97
N PHE B 303 -35.99 -8.81 -3.85
CA PHE B 303 -36.60 -8.34 -5.10
C PHE B 303 -35.78 -8.79 -6.29
N ASN B 304 -36.44 -8.87 -7.45
CA ASN B 304 -35.73 -8.99 -8.72
C ASN B 304 -34.82 -7.78 -8.86
N THR B 305 -33.65 -7.98 -9.45
CA THR B 305 -32.65 -6.93 -9.59
C THR B 305 -31.90 -7.12 -10.89
N VAL B 306 -31.09 -6.13 -11.27
CA VAL B 306 -30.19 -6.26 -12.40
C VAL B 306 -28.79 -5.92 -11.93
N THR B 307 -27.84 -6.84 -12.15
CA THR B 307 -26.46 -6.67 -11.73
C THR B 307 -25.65 -6.06 -12.89
N PRO B 308 -24.45 -5.57 -12.62
CA PRO B 308 -23.67 -4.96 -13.72
C PRO B 308 -23.19 -5.91 -14.80
N SER B 309 -22.92 -7.16 -14.45
CA SER B 309 -22.51 -8.16 -15.43
C SER B 309 -22.49 -9.58 -14.88
N VAL B 310 -23.29 -10.46 -15.48
CA VAL B 310 -23.39 -11.83 -15.00
C VAL B 310 -22.06 -12.58 -15.13
N THR B 311 -21.26 -12.21 -16.15
CA THR B 311 -19.95 -12.79 -16.39
C THR B 311 -18.80 -12.08 -15.66
N GLY B 312 -19.12 -10.97 -14.98
CA GLY B 312 -18.10 -10.13 -14.34
C GLY B 312 -17.44 -10.78 -13.13
N ARG B 313 -16.13 -10.58 -13.01
CA ARG B 313 -15.35 -11.09 -11.88
C ARG B 313 -15.95 -10.67 -10.53
N TRP B 314 -16.39 -9.42 -10.46
CA TRP B 314 -16.87 -8.83 -9.21
C TRP B 314 -18.29 -8.28 -9.32
N PHE B 315 -18.97 -8.58 -10.42
CA PHE B 315 -20.27 -7.99 -10.69
C PHE B 315 -21.40 -9.02 -10.82
N SER B 316 -21.15 -10.26 -10.43
CA SER B 316 -22.08 -11.36 -10.70
C SER B 316 -22.96 -11.70 -9.49
N GLY B 317 -23.59 -12.87 -9.49
CA GLY B 317 -24.61 -13.21 -8.48
C GLY B 317 -25.72 -12.18 -8.57
N ASN B 318 -26.22 -11.69 -7.44
CA ASN B 318 -27.20 -10.59 -7.45
C ASN B 318 -26.65 -9.28 -6.87
N GLN B 319 -25.35 -9.06 -7.01
CA GLN B 319 -24.74 -7.84 -6.49
C GLN B 319 -25.29 -6.63 -7.23
N THR B 320 -25.75 -5.65 -6.46
CA THR B 320 -26.57 -4.55 -6.93
C THR B 320 -26.05 -3.21 -6.39
N TRP B 321 -25.84 -2.27 -7.31
CA TRP B 321 -25.40 -0.90 -7.03
C TRP B 321 -26.49 0.13 -7.41
N PRO B 322 -26.55 1.27 -6.70
CA PRO B 322 -27.60 2.27 -6.99
C PRO B 322 -27.53 2.92 -8.38
N TRP B 323 -26.43 3.59 -8.73
CA TRP B 323 -26.42 4.31 -10.01
C TRP B 323 -26.40 3.36 -11.21
N ASN B 324 -25.95 2.11 -11.05
CA ASN B 324 -26.16 1.11 -12.10
C ASN B 324 -27.66 0.92 -12.31
N THR B 325 -28.38 0.76 -11.20
CA THR B 325 -29.82 0.55 -11.25
C THR B 325 -30.54 1.71 -11.90
N TRP B 326 -30.14 2.94 -11.57
CA TRP B 326 -30.84 4.10 -12.13
C TRP B 326 -30.72 4.09 -13.66
N LYS B 327 -29.52 3.82 -14.17
CA LYS B 327 -29.28 3.80 -15.61
C LYS B 327 -30.00 2.64 -16.27
N GLN B 328 -29.91 1.46 -15.65
CA GLN B 328 -30.55 0.25 -16.17
C GLN B 328 -32.06 0.41 -16.26
N ALA B 329 -32.64 0.91 -15.19
CA ALA B 329 -34.10 1.01 -15.13
C ALA B 329 -34.62 2.07 -16.10
N PHE B 330 -33.80 3.09 -16.35
CA PHE B 330 -34.13 4.11 -17.33
C PHE B 330 -34.33 3.47 -18.71
N ALA B 331 -33.42 2.58 -19.11
CA ALA B 331 -33.54 1.88 -20.39
C ALA B 331 -34.60 0.79 -20.32
N MET B 332 -34.60 -0.01 -19.26
CA MET B 332 -35.50 -1.17 -19.19
C MET B 332 -36.98 -0.76 -19.06
N ALA B 333 -37.24 0.47 -18.63
CA ALA B 333 -38.61 1.00 -18.63
C ALA B 333 -39.27 0.85 -20.01
N HIS B 334 -38.46 0.96 -21.07
CA HIS B 334 -38.98 0.94 -22.45
C HIS B 334 -39.14 -0.44 -23.09
N PHE B 335 -38.77 -1.51 -22.38
CA PHE B 335 -39.06 -2.85 -22.87
C PHE B 335 -39.34 -3.92 -21.80
N ASN B 336 -38.81 -3.75 -20.59
CA ASN B 336 -39.07 -4.69 -19.50
C ASN B 336 -39.38 -3.90 -18.23
N PRO B 337 -40.48 -3.11 -18.28
CA PRO B 337 -40.76 -2.21 -17.16
C PRO B 337 -41.03 -2.92 -15.85
N ASP B 338 -41.52 -4.16 -15.91
CA ASP B 338 -41.77 -4.90 -14.66
C ASP B 338 -40.49 -5.05 -13.87
N ILE B 339 -39.41 -5.41 -14.56
CA ILE B 339 -38.12 -5.63 -13.92
C ILE B 339 -37.39 -4.31 -13.60
N ALA B 340 -37.59 -3.28 -14.42
CA ALA B 340 -37.13 -1.93 -14.10
C ALA B 340 -37.65 -1.48 -12.72
N LYS B 341 -38.94 -1.62 -12.51
CA LYS B 341 -39.54 -1.30 -11.20
C LYS B 341 -38.92 -2.12 -10.08
N GLU B 342 -38.79 -3.42 -10.28
CA GLU B 342 -38.27 -4.30 -9.23
C GLU B 342 -36.82 -3.97 -8.90
N ASN B 343 -36.04 -3.67 -9.93
CA ASN B 343 -34.63 -3.30 -9.75
C ASN B 343 -34.49 -2.08 -8.82
N ILE B 344 -35.33 -1.07 -9.08
CA ILE B 344 -35.39 0.12 -8.23
C ILE B 344 -35.83 -0.22 -6.81
N ARG B 345 -36.83 -1.08 -6.69
CA ARG B 345 -37.31 -1.53 -5.39
C ARG B 345 -36.23 -2.30 -4.63
N ALA B 346 -35.42 -3.07 -5.35
CA ALA B 346 -34.34 -3.84 -4.74
C ALA B 346 -33.35 -2.91 -4.03
N VAL B 347 -32.92 -1.87 -4.72
CA VAL B 347 -32.01 -0.90 -4.13
C VAL B 347 -32.62 -0.19 -2.92
N PHE B 348 -33.86 0.29 -3.05
CA PHE B 348 -34.47 1.05 -1.96
C PHE B 348 -34.87 0.17 -0.78
N SER B 349 -34.95 -1.14 -0.98
CA SER B 349 -35.32 -2.06 0.10
C SER B 349 -34.32 -2.05 1.27
N TRP B 350 -33.10 -1.57 1.01
CA TRP B 350 -32.07 -1.47 2.03
C TRP B 350 -31.68 -0.03 2.37
N GLN B 351 -32.51 0.93 1.96
CA GLN B 351 -32.36 2.30 2.40
C GLN B 351 -32.40 2.34 3.93
N ILE B 352 -31.51 3.14 4.52
CA ILE B 352 -31.38 3.17 5.98
C ILE B 352 -32.60 3.86 6.59
N GLN B 353 -33.21 3.20 7.58
CA GLN B 353 -34.39 3.69 8.26
C GLN B 353 -34.00 4.24 9.63
N PRO B 354 -34.82 5.15 10.18
CA PRO B 354 -34.53 5.59 11.56
C PRO B 354 -34.35 4.41 12.50
N GLY B 355 -33.37 4.51 13.40
CA GLY B 355 -33.12 3.48 14.38
C GLY B 355 -32.37 2.29 13.83
N ASP B 356 -31.80 2.41 12.64
CA ASP B 356 -31.01 1.34 12.03
C ASP B 356 -29.99 0.86 13.04
N SER B 357 -29.75 -0.45 13.08
CA SER B 357 -28.85 -1.04 14.07
C SER B 357 -27.37 -0.75 13.82
N VAL B 358 -26.99 -0.52 12.56
CA VAL B 358 -25.58 -0.28 12.20
C VAL B 358 -25.26 1.21 12.10
N ARG B 359 -26.10 1.98 11.42
CA ARG B 359 -25.79 3.38 11.14
C ARG B 359 -27.01 4.27 11.20
N PRO B 360 -27.58 4.45 12.42
CA PRO B 360 -28.77 5.29 12.53
C PRO B 360 -28.53 6.74 12.14
N GLN B 361 -27.27 7.17 12.09
CA GLN B 361 -26.88 8.52 11.65
C GLN B 361 -27.00 8.73 10.12
N ASP B 362 -27.23 7.64 9.40
CA ASP B 362 -27.32 7.68 7.96
C ASP B 362 -28.73 7.46 7.41
N VAL B 363 -29.75 7.92 8.13
CA VAL B 363 -31.13 7.79 7.64
C VAL B 363 -31.27 8.37 6.24
N GLY B 364 -31.87 7.59 5.35
CA GLY B 364 -32.04 7.98 3.93
C GLY B 364 -30.96 7.48 2.97
N PHE B 365 -29.80 7.09 3.53
CA PHE B 365 -28.65 6.55 2.79
C PHE B 365 -29.06 5.30 2.04
N VAL B 366 -28.53 5.15 0.83
CA VAL B 366 -28.74 3.97 0.01
C VAL B 366 -27.40 3.25 -0.12
N PRO B 367 -27.30 2.00 0.39
CA PRO B 367 -26.03 1.31 0.32
C PRO B 367 -25.50 1.19 -1.10
N ASP B 368 -24.19 1.28 -1.22
CA ASP B 368 -23.46 1.16 -2.48
C ASP B 368 -23.61 -0.21 -3.13
N LEU B 369 -23.56 -1.26 -2.31
CA LEU B 369 -23.52 -2.61 -2.84
C LEU B 369 -24.29 -3.49 -1.87
N ILE B 370 -25.40 -4.03 -2.37
CA ILE B 370 -26.13 -5.08 -1.68
C ILE B 370 -25.97 -6.36 -2.49
N ALA B 371 -26.10 -7.49 -1.80
CA ALA B 371 -25.80 -8.79 -2.35
C ALA B 371 -26.44 -9.90 -1.53
N TRP B 372 -26.40 -11.12 -2.04
CA TRP B 372 -26.89 -12.32 -1.37
C TRP B 372 -26.55 -12.32 0.13
N ASN B 373 -25.27 -12.09 0.40
CA ASN B 373 -24.72 -12.15 1.75
C ASN B 373 -24.55 -10.77 2.41
N LEU B 374 -25.24 -10.61 3.52
CA LEU B 374 -25.07 -9.45 4.38
C LEU B 374 -23.63 -9.34 4.89
N SER B 375 -23.20 -8.10 5.14
CA SER B 375 -21.94 -7.86 5.80
C SER B 375 -21.95 -8.49 7.20
N PRO B 376 -20.78 -8.75 7.78
CA PRO B 376 -20.73 -9.20 9.17
C PRO B 376 -21.42 -8.25 10.14
N GLU B 377 -21.39 -6.95 9.85
CA GLU B 377 -22.01 -5.96 10.72
C GLU B 377 -23.52 -6.14 10.79
N ARG B 378 -24.08 -6.71 9.73
CA ARG B 378 -25.51 -7.04 9.67
C ARG B 378 -25.82 -8.54 9.82
N GLY B 379 -24.84 -9.32 10.27
CA GLY B 379 -25.08 -10.73 10.63
C GLY B 379 -24.72 -11.79 9.60
N GLY B 380 -24.19 -11.39 8.45
CA GLY B 380 -23.77 -12.33 7.42
C GLY B 380 -22.28 -12.53 7.36
N ASP B 381 -21.81 -13.18 6.31
CA ASP B 381 -20.38 -13.33 6.07
C ASP B 381 -19.94 -12.75 4.72
N GLY B 382 -20.76 -11.89 4.14
CA GLY B 382 -20.49 -11.33 2.82
C GLY B 382 -19.38 -10.29 2.87
N GLY B 383 -18.44 -10.40 1.94
CA GLY B 383 -17.29 -9.48 1.88
C GLY B 383 -17.49 -8.31 0.92
N ASN B 384 -18.55 -8.36 0.12
CA ASN B 384 -18.82 -7.32 -0.88
C ASN B 384 -19.82 -6.28 -0.43
N TRP B 385 -20.83 -6.68 0.34
CA TRP B 385 -21.81 -5.75 0.90
C TRP B 385 -21.05 -4.50 1.35
N ASN B 386 -21.41 -3.33 0.82
CA ASN B 386 -20.67 -2.09 1.13
C ASN B 386 -21.54 -0.93 1.56
N GLU B 387 -21.20 -0.34 2.71
CA GLU B 387 -21.86 0.88 3.19
C GLU B 387 -20.85 2.00 3.50
N ARG B 388 -19.68 1.96 2.84
CA ARG B 388 -18.69 3.02 2.98
C ARG B 388 -19.12 4.34 2.32
N ASN B 389 -20.09 4.26 1.43
CA ASN B 389 -20.42 5.33 0.50
C ASN B 389 -21.67 4.93 -0.25
N THR B 390 -22.26 5.89 -0.94
CA THR B 390 -23.40 5.65 -1.82
C THR B 390 -22.95 5.85 -3.29
N LYS B 391 -23.87 6.29 -4.16
CA LYS B 391 -23.54 6.66 -5.54
C LYS B 391 -24.28 7.97 -5.89
N PRO B 392 -24.02 8.55 -7.06
CA PRO B 392 -24.59 9.87 -7.39
C PRO B 392 -26.12 9.92 -7.55
N SER B 393 -26.68 11.12 -7.49
CA SER B 393 -28.13 11.31 -7.44
C SER B 393 -28.80 11.25 -8.81
N LEU B 394 -29.07 10.02 -9.27
CA LEU B 394 -29.82 9.79 -10.50
C LEU B 394 -31.11 9.01 -10.26
N ALA B 395 -31.54 8.88 -9.00
CA ALA B 395 -32.68 8.04 -8.67
C ALA B 395 -33.98 8.61 -9.18
N ALA B 396 -34.21 9.91 -9.02
CA ALA B 396 -35.51 10.50 -9.38
C ALA B 396 -35.71 10.45 -10.90
N TRP B 397 -34.63 10.73 -11.63
CA TRP B 397 -34.53 10.56 -13.08
C TRP B 397 -35.07 9.20 -13.55
N SER B 398 -34.59 8.14 -12.92
CA SER B 398 -34.97 6.75 -13.22
C SER B 398 -36.42 6.47 -12.85
N VAL B 399 -36.77 6.81 -11.63
CA VAL B 399 -38.16 6.67 -11.17
C VAL B 399 -39.14 7.39 -12.09
N MET B 400 -38.78 8.57 -12.55
CA MET B 400 -39.63 9.36 -13.43
C MET B 400 -39.73 8.69 -14.81
N GLU B 401 -38.66 8.05 -15.25
CA GLU B 401 -38.71 7.42 -16.57
C GLU B 401 -39.65 6.22 -16.55
N VAL B 402 -39.69 5.48 -15.44
CA VAL B 402 -40.68 4.42 -15.27
C VAL B 402 -42.09 5.02 -15.26
N TYR B 403 -42.30 6.11 -14.52
CA TYR B 403 -43.59 6.82 -14.57
C TYR B 403 -43.98 7.29 -15.98
N ASN B 404 -43.04 7.87 -16.74
CA ASN B 404 -43.32 8.30 -18.11
C ASN B 404 -43.90 7.15 -18.95
N VAL B 405 -43.40 5.95 -18.75
CA VAL B 405 -43.87 4.77 -19.47
C VAL B 405 -45.19 4.21 -18.90
N THR B 406 -45.32 4.13 -17.59
CA THR B 406 -46.48 3.47 -16.98
C THR B 406 -47.65 4.41 -16.67
N GLN B 407 -47.34 5.69 -16.47
CA GLN B 407 -48.32 6.70 -16.04
C GLN B 407 -49.05 6.26 -14.77
N ASP B 408 -48.32 5.57 -13.90
CA ASP B 408 -48.89 5.02 -12.68
C ASP B 408 -48.56 5.96 -11.53
N LYS B 409 -49.55 6.72 -11.09
CA LYS B 409 -49.37 7.69 -10.02
C LYS B 409 -48.97 7.04 -8.69
N THR B 410 -49.46 5.82 -8.44
CA THR B 410 -49.16 5.14 -7.18
C THR B 410 -47.67 4.74 -7.10
N TRP B 411 -47.05 4.54 -8.27
CA TRP B 411 -45.60 4.29 -8.34
C TRP B 411 -44.84 5.52 -7.85
N VAL B 412 -45.25 6.70 -8.33
CA VAL B 412 -44.66 7.96 -7.86
C VAL B 412 -44.92 8.15 -6.35
N ALA B 413 -46.15 7.89 -5.90
CA ALA B 413 -46.48 8.01 -4.48
C ALA B 413 -45.62 7.08 -3.60
N GLU B 414 -45.37 5.87 -4.08
CA GLU B 414 -44.53 4.90 -3.37
C GLU B 414 -43.09 5.39 -3.23
N MET B 415 -42.52 5.86 -4.35
CA MET B 415 -41.10 6.21 -4.41
C MET B 415 -40.74 7.62 -3.92
N TYR B 416 -41.68 8.56 -3.97
CA TYR B 416 -41.40 9.95 -3.57
C TYR B 416 -40.75 10.12 -2.19
N PRO B 417 -41.31 9.52 -1.12
CA PRO B 417 -40.68 9.73 0.19
C PRO B 417 -39.28 9.15 0.28
N LYS B 418 -39.03 8.05 -0.43
CA LYS B 418 -37.72 7.43 -0.44
C LYS B 418 -36.68 8.33 -1.12
N LEU B 419 -37.09 8.93 -2.24
CA LEU B 419 -36.24 9.85 -2.98
C LEU B 419 -35.98 11.13 -2.18
N VAL B 420 -37.02 11.65 -1.51
CA VAL B 420 -36.85 12.82 -0.64
C VAL B 420 -35.90 12.53 0.52
N ALA B 421 -36.04 11.35 1.12
CA ALA B 421 -35.14 10.93 2.21
C ALA B 421 -33.69 10.84 1.75
N TYR B 422 -33.48 10.39 0.52
CA TYR B 422 -32.15 10.29 -0.06
C TYR B 422 -31.55 11.67 -0.29
N HIS B 423 -32.35 12.57 -0.87
CA HIS B 423 -32.00 13.98 -1.04
C HIS B 423 -31.62 14.61 0.29
N ASP B 424 -32.42 14.36 1.31
CA ASP B 424 -32.21 14.90 2.65
C ASP B 424 -30.90 14.39 3.24
N TRP B 425 -30.59 13.12 3.00
CA TRP B 425 -29.33 12.52 3.46
C TRP B 425 -28.12 13.30 2.91
N TRP B 426 -28.10 13.58 1.60
CA TRP B 426 -27.04 14.37 1.01
C TRP B 426 -26.83 15.72 1.71
N LEU B 427 -27.92 16.44 1.93
CA LEU B 427 -27.85 17.79 2.50
C LEU B 427 -27.48 17.79 3.98
N ARG B 428 -27.73 16.69 4.68
CA ARG B 428 -27.37 16.54 6.09
C ARG B 428 -25.96 15.98 6.30
N ASN B 429 -25.61 14.98 5.49
CA ASN B 429 -24.39 14.19 5.69
C ASN B 429 -23.28 14.46 4.70
N ARG B 430 -23.53 15.28 3.68
CA ARG B 430 -22.54 15.56 2.65
C ARG B 430 -22.54 17.04 2.26
N ASP B 431 -22.73 17.92 3.23
CA ASP B 431 -22.64 19.36 3.01
C ASP B 431 -22.03 20.04 4.22
N HIS B 432 -20.72 19.88 4.34
CA HIS B 432 -19.99 20.32 5.53
C HIS B 432 -20.08 21.82 5.79
N ASN B 433 -20.03 22.61 4.72
CA ASN B 433 -20.06 24.08 4.84
C ASN B 433 -21.47 24.66 4.73
N GLY B 434 -22.48 23.79 4.59
CA GLY B 434 -23.89 24.17 4.67
C GLY B 434 -24.38 25.16 3.63
N ASN B 435 -23.80 25.11 2.43
CA ASN B 435 -24.15 26.04 1.36
C ASN B 435 -25.15 25.43 0.37
N GLY B 436 -25.61 24.20 0.66
CA GLY B 436 -26.56 23.49 -0.20
C GLY B 436 -25.93 22.72 -1.35
N VAL B 437 -24.61 22.79 -1.48
CA VAL B 437 -23.89 22.17 -2.57
C VAL B 437 -23.13 20.98 -2.03
N PRO B 438 -23.47 19.77 -2.49
CA PRO B 438 -22.94 18.58 -1.83
C PRO B 438 -21.46 18.28 -2.13
N GLU B 439 -20.83 17.57 -1.21
CA GLU B 439 -19.50 17.01 -1.43
C GLU B 439 -19.63 15.50 -1.49
N TYR B 440 -18.76 14.86 -2.24
CA TYR B 440 -18.59 13.43 -2.08
C TYR B 440 -17.83 13.19 -0.78
N GLY B 441 -18.00 12.00 -0.21
CA GLY B 441 -17.35 11.68 1.04
C GLY B 441 -17.41 10.23 1.44
N ALA B 442 -17.42 10.01 2.74
CA ALA B 442 -17.27 8.68 3.30
C ALA B 442 -18.09 8.60 4.55
N THR B 443 -18.78 7.47 4.73
CA THR B 443 -19.52 7.23 5.96
C THR B 443 -18.58 6.94 7.13
N ARG B 444 -19.13 6.97 8.34
CA ARG B 444 -18.45 6.36 9.48
C ARG B 444 -18.44 4.84 9.27
N ASP B 445 -17.25 4.25 9.33
CA ASP B 445 -17.07 2.86 8.96
C ASP B 445 -15.70 2.42 9.46
N LYS B 446 -15.56 1.13 9.80
CA LYS B 446 -14.27 0.61 10.29
C LYS B 446 -13.14 0.81 9.28
N ALA B 447 -13.48 0.88 7.98
CA ALA B 447 -12.49 1.14 6.94
C ALA B 447 -11.91 2.56 7.01
N HIS B 448 -12.68 3.50 7.57
CA HIS B 448 -12.36 4.92 7.49
C HIS B 448 -11.82 5.52 8.77
N ASN B 449 -12.12 4.91 9.90
CA ASN B 449 -11.85 5.54 11.18
C ASN B 449 -11.67 4.53 12.27
N THR B 450 -11.02 4.95 13.34
CA THR B 450 -10.89 4.11 14.52
C THR B 450 -12.24 3.99 15.22
N GLU B 451 -12.28 3.15 16.24
CA GLU B 451 -13.46 3.00 17.12
C GLU B 451 -13.88 4.33 17.75
N SER B 452 -12.89 5.20 17.98
CA SER B 452 -13.13 6.53 18.54
C SER B 452 -13.43 7.60 17.49
N GLY B 453 -13.60 7.18 16.25
CA GLY B 453 -13.95 8.09 15.17
C GLY B 453 -12.82 8.97 14.69
N GLU B 454 -11.57 8.49 14.81
CA GLU B 454 -10.42 9.22 14.27
C GLU B 454 -10.11 8.76 12.84
N MET B 455 -10.08 9.71 11.90
CA MET B 455 -9.91 9.35 10.49
C MET B 455 -8.55 8.68 10.26
N LEU B 456 -8.57 7.56 9.56
CA LEU B 456 -7.36 6.79 9.27
C LEU B 456 -6.67 7.34 8.04
N PHE B 457 -5.35 7.34 8.05
CA PHE B 457 -4.56 7.62 6.85
C PHE B 457 -3.18 7.01 6.98
N THR B 458 -2.51 6.83 5.84
CA THR B 458 -1.13 6.39 5.79
C THR B 458 -0.29 7.41 5.03
N VAL B 459 0.86 7.75 5.62
CA VAL B 459 1.76 8.74 5.02
C VAL B 459 3.02 8.05 4.55
N LYS B 460 3.48 8.43 3.35
CA LYS B 460 4.76 7.97 2.85
C LYS B 460 5.64 9.18 2.54
N LYS B 461 6.87 9.17 3.09
CA LYS B 461 7.88 10.19 2.78
C LYS B 461 9.16 9.44 2.46
N GLY B 462 9.60 9.50 1.21
CA GLY B 462 10.67 8.63 0.75
C GLY B 462 10.44 7.21 1.18
N ASP B 463 11.41 6.62 1.86
CA ASP B 463 11.31 5.23 2.28
C ASP B 463 10.55 5.05 3.60
N LYS B 464 10.11 6.16 4.20
CA LYS B 464 9.33 6.11 5.43
C LYS B 464 7.84 5.99 5.13
N GLU B 465 7.20 4.98 5.73
CA GLU B 465 5.78 4.75 5.57
C GLU B 465 5.20 4.54 6.96
N GLU B 466 4.09 5.22 7.27
CA GLU B 466 3.44 5.09 8.58
C GLU B 466 1.94 5.34 8.50
N THR B 467 1.19 4.50 9.19
CA THR B 467 -0.24 4.68 9.32
C THR B 467 -0.53 5.49 10.59
N GLN B 468 -1.39 6.50 10.45
CA GLN B 468 -1.76 7.39 11.54
C GLN B 468 -3.28 7.58 11.54
N SER B 469 -3.78 8.36 12.49
CA SER B 469 -5.19 8.69 12.52
C SER B 469 -5.44 10.07 13.16
N GLY B 470 -6.61 10.63 12.87
CA GLY B 470 -7.04 11.91 13.42
C GLY B 470 -7.03 12.98 12.35
N LEU B 471 -8.16 13.63 12.15
CA LEU B 471 -8.31 14.61 11.06
C LEU B 471 -7.39 15.80 11.23
N ASN B 472 -7.26 16.28 12.46
CA ASN B 472 -6.40 17.42 12.71
C ASN B 472 -4.91 17.08 12.52
N ASN B 473 -4.53 15.84 12.85
CA ASN B 473 -3.21 15.31 12.50
C ASN B 473 -2.99 15.30 10.97
N TYR B 474 -3.97 14.80 10.23
CA TYR B 474 -3.91 14.86 8.77
C TYR B 474 -3.75 16.30 8.27
N ALA B 475 -4.59 17.20 8.77
CA ALA B 475 -4.54 18.61 8.37
C ALA B 475 -3.15 19.21 8.54
N ARG B 476 -2.51 18.89 9.66
CA ARG B 476 -1.15 19.37 9.94
C ARG B 476 -0.11 18.79 8.97
N VAL B 477 -0.21 17.48 8.70
CA VAL B 477 0.66 16.82 7.72
C VAL B 477 0.54 17.50 6.36
N VAL B 478 -0.69 17.82 5.97
CA VAL B 478 -0.91 18.50 4.69
C VAL B 478 -0.40 19.95 4.69
N GLU B 479 -0.75 20.73 5.71
CA GLU B 479 -0.34 22.14 5.79
C GLU B 479 1.17 22.31 5.70
N LYS B 480 1.91 21.47 6.42
CA LYS B 480 3.37 21.53 6.48
C LYS B 480 4.10 20.73 5.39
N GLY B 481 3.35 20.08 4.50
CA GLY B 481 3.94 19.33 3.39
C GLY B 481 4.77 18.12 3.80
N GLN B 482 4.40 17.48 4.90
CA GLN B 482 5.20 16.39 5.45
C GLN B 482 4.77 15.01 4.92
N TYR B 483 4.92 14.85 3.61
CA TYR B 483 4.56 13.63 2.88
C TYR B 483 5.09 13.77 1.45
N ASP B 484 5.35 12.63 0.80
CA ASP B 484 5.48 12.55 -0.65
C ASP B 484 4.17 12.02 -1.24
N SER B 485 3.53 11.10 -0.52
CA SER B 485 2.24 10.57 -0.91
C SER B 485 1.41 10.19 0.30
N LEU B 486 0.10 10.10 0.08
CA LEU B 486 -0.86 9.86 1.15
C LEU B 486 -1.89 8.85 0.66
N GLU B 487 -2.27 7.94 1.54
CA GLU B 487 -3.34 6.99 1.28
C GLU B 487 -4.41 7.18 2.34
N ILE B 488 -5.62 7.51 1.93
CA ILE B 488 -6.71 7.78 2.86
C ILE B 488 -7.93 6.98 2.45
N PRO B 489 -8.36 6.04 3.30
CA PRO B 489 -9.53 5.25 2.92
C PRO B 489 -10.79 6.09 2.65
N ALA B 490 -10.97 7.21 3.36
CA ALA B 490 -12.09 8.10 3.08
C ALA B 490 -12.02 8.71 1.68
N GLN B 491 -10.81 8.93 1.17
CA GLN B 491 -10.61 9.44 -0.20
C GLN B 491 -11.02 8.42 -1.24
N VAL B 492 -10.65 7.17 -1.00
CA VAL B 492 -11.04 6.07 -1.90
C VAL B 492 -12.56 5.98 -1.93
N ALA B 493 -13.19 6.00 -0.75
CA ALA B 493 -14.64 5.90 -0.64
C ALA B 493 -15.34 7.07 -1.34
N ALA B 494 -14.77 8.25 -1.23
CA ALA B 494 -15.36 9.41 -1.90
C ALA B 494 -15.31 9.24 -3.42
N SER B 495 -14.20 8.71 -3.95
CA SER B 495 -14.17 8.45 -5.39
C SER B 495 -15.19 7.36 -5.76
N TRP B 496 -15.32 6.35 -4.91
CA TRP B 496 -16.38 5.33 -5.10
C TRP B 496 -17.77 5.96 -5.10
N GLU B 497 -17.97 6.98 -4.27
CA GLU B 497 -19.27 7.62 -4.15
C GLU B 497 -19.64 8.36 -5.42
N SER B 498 -18.63 8.87 -6.13
CA SER B 498 -18.86 9.48 -7.44
C SER B 498 -19.10 8.43 -8.53
N GLY B 499 -18.80 7.17 -8.20
CA GLY B 499 -18.81 6.06 -9.15
C GLY B 499 -17.54 5.95 -9.98
N ARG B 500 -16.71 6.97 -9.92
CA ARG B 500 -15.51 7.04 -10.73
C ARG B 500 -14.25 6.75 -9.90
N ASP B 501 -14.08 5.47 -9.55
CA ASP B 501 -12.98 5.02 -8.68
C ASP B 501 -11.66 5.57 -9.17
N ASP B 502 -10.89 6.17 -8.27
CA ASP B 502 -9.54 6.65 -8.58
C ASP B 502 -9.46 7.66 -9.75
N ALA B 503 -10.53 8.43 -9.98
CA ALA B 503 -10.51 9.47 -10.99
C ALA B 503 -9.53 10.59 -10.63
N ALA B 504 -8.97 11.23 -11.65
CA ALA B 504 -7.99 12.31 -11.47
C ALA B 504 -8.47 13.39 -10.50
N VAL B 505 -9.69 13.86 -10.68
CA VAL B 505 -10.19 14.99 -9.92
C VAL B 505 -10.23 14.77 -8.40
N PHE B 506 -10.27 13.51 -7.97
CA PHE B 506 -10.24 13.17 -6.55
C PHE B 506 -8.84 12.98 -5.97
N GLY B 507 -7.83 13.41 -6.73
CA GLY B 507 -6.45 13.40 -6.27
C GLY B 507 -5.74 12.09 -6.49
N PHE B 508 -6.20 11.30 -7.47
CA PHE B 508 -5.56 10.05 -7.80
C PHE B 508 -4.74 10.19 -9.06
N ILE B 509 -3.45 9.91 -8.92
CA ILE B 509 -2.50 10.01 -10.00
C ILE B 509 -1.35 9.05 -9.64
N ASP B 510 -0.82 8.36 -10.64
CA ASP B 510 0.29 7.41 -10.41
C ASP B 510 1.57 8.16 -10.03
N LYS B 511 2.38 7.50 -9.22
CA LYS B 511 3.65 8.06 -8.75
C LYS B 511 4.44 8.69 -9.90
N GLU B 512 4.52 7.96 -11.01
CA GLU B 512 5.29 8.39 -12.18
C GLU B 512 4.63 9.55 -12.89
N GLN B 513 3.29 9.55 -12.93
CA GLN B 513 2.53 10.66 -13.48
C GLN B 513 2.68 11.94 -12.62
N LEU B 514 2.69 11.78 -11.30
CA LEU B 514 2.80 12.93 -10.38
C LEU B 514 4.21 13.52 -10.43
N ASP B 515 5.21 12.64 -10.44
CA ASP B 515 6.61 13.09 -10.57
C ASP B 515 6.78 13.92 -11.84
N LYS B 516 6.21 13.45 -12.95
CA LYS B 516 6.25 14.15 -14.23
C LYS B 516 5.57 15.52 -14.17
N TYR B 517 4.39 15.54 -13.54
CA TYR B 517 3.63 16.78 -13.32
C TYR B 517 4.46 17.83 -12.58
N VAL B 518 5.21 17.42 -11.56
CA VAL B 518 6.02 18.34 -10.75
C VAL B 518 7.25 18.82 -11.54
N ALA B 519 7.96 17.88 -12.15
CA ALA B 519 9.11 18.22 -13.01
C ALA B 519 8.72 19.15 -14.16
N ASN B 520 7.47 19.06 -14.61
CA ASN B 520 6.97 19.91 -15.69
C ASN B 520 6.47 21.29 -15.21
N GLY B 521 6.56 21.57 -13.91
CA GLY B 521 6.19 22.88 -13.37
C GLY B 521 5.14 22.90 -12.27
N GLY B 522 4.39 21.82 -12.11
CA GLY B 522 3.29 21.79 -11.14
C GLY B 522 3.73 21.59 -9.69
N LYS B 523 2.83 21.85 -8.76
CA LYS B 523 3.09 21.63 -7.34
C LYS B 523 2.52 20.28 -6.93
N ARG B 524 3.34 19.45 -6.29
CA ARG B 524 2.91 18.14 -5.77
C ARG B 524 1.60 18.23 -4.98
N SER B 525 1.47 19.27 -4.17
CA SER B 525 0.32 19.44 -3.30
C SER B 525 -0.98 19.79 -4.04
N ASP B 526 -0.90 20.08 -5.34
CA ASP B 526 -2.10 20.29 -6.17
C ASP B 526 -3.00 19.06 -6.22
N TRP B 527 -2.43 17.88 -5.94
CA TRP B 527 -3.14 16.61 -5.98
C TRP B 527 -3.52 16.10 -4.59
N THR B 528 -3.31 16.93 -3.57
CA THR B 528 -3.63 16.58 -2.19
C THR B 528 -5.02 17.07 -1.81
N VAL B 529 -5.82 16.19 -1.21
CA VAL B 529 -7.19 16.55 -0.85
C VAL B 529 -7.26 16.73 0.66
N LYS B 530 -8.09 17.67 1.08
CA LYS B 530 -8.39 17.88 2.50
C LYS B 530 -9.76 17.28 2.84
N PHE B 531 -9.98 17.04 4.13
CA PHE B 531 -11.22 16.43 4.62
C PHE B 531 -11.79 17.23 5.79
N ALA B 532 -13.07 17.01 6.06
CA ALA B 532 -13.77 17.56 7.21
C ALA B 532 -14.68 16.49 7.78
N GLU B 533 -14.94 16.58 9.08
CA GLU B 533 -15.92 15.74 9.74
C GLU B 533 -17.30 16.41 9.68
N ASN B 534 -18.33 15.63 9.38
CA ASN B 534 -19.68 16.17 9.30
C ASN B 534 -20.51 15.83 10.52
N ARG B 535 -21.26 16.83 10.97
CA ARG B 535 -22.17 16.74 12.10
C ARG B 535 -23.43 17.53 11.78
N SER B 536 -24.56 17.11 12.36
CA SER B 536 -25.83 17.78 12.16
C SER B 536 -26.65 17.72 13.43
N GLN B 537 -26.98 18.90 13.96
CA GLN B 537 -27.89 19.08 15.10
C GLN B 537 -27.32 18.62 16.44
N ASP B 538 -26.50 17.57 16.43
CA ASP B 538 -25.76 17.17 17.63
C ASP B 538 -24.29 16.89 17.29
N GLY B 539 -23.61 16.08 18.11
CA GLY B 539 -22.19 15.84 17.96
C GLY B 539 -21.83 14.55 17.28
N THR B 540 -22.83 13.75 16.91
CA THR B 540 -22.62 12.45 16.29
C THR B 540 -21.85 12.62 14.98
N LEU B 541 -20.73 11.90 14.87
CA LEU B 541 -19.97 11.84 13.63
C LEU B 541 -20.83 11.19 12.53
N LEU B 542 -21.17 11.97 11.51
CA LEU B 542 -21.97 11.48 10.39
C LEU B 542 -21.09 10.82 9.31
N GLY B 543 -19.86 11.26 9.24
CA GLY B 543 -18.89 10.78 8.27
C GLY B 543 -18.02 11.94 7.86
N TYR B 544 -17.45 11.85 6.68
CA TYR B 544 -16.48 12.81 6.21
C TYR B 544 -16.91 13.37 4.87
N SER B 545 -16.50 14.60 4.60
CA SER B 545 -16.65 15.20 3.28
C SER B 545 -15.25 15.46 2.79
N LEU B 546 -15.00 15.24 1.50
CA LEU B 546 -13.87 15.90 0.86
C LEU B 546 -14.13 17.39 0.98
N LEU B 547 -13.10 18.18 1.22
CA LEU B 547 -13.26 19.65 1.16
C LEU B 547 -13.17 20.05 -0.30
N GLN B 548 -14.19 19.63 -1.04
CA GLN B 548 -14.23 19.75 -2.49
C GLN B 548 -15.70 19.48 -2.87
N GLU B 549 -16.26 20.39 -3.66
CA GLU B 549 -17.62 20.24 -4.17
C GLU B 549 -17.56 19.81 -5.64
N SER B 550 -18.21 18.70 -5.96
CA SER B 550 -18.03 18.11 -7.26
C SER B 550 -19.09 18.55 -8.24
N VAL B 551 -18.63 18.89 -9.45
CA VAL B 551 -19.52 19.49 -10.43
C VAL B 551 -20.55 18.50 -10.96
N ASP B 552 -20.19 17.23 -11.05
CA ASP B 552 -21.14 16.21 -11.46
C ASP B 552 -22.26 16.05 -10.41
N GLN B 553 -21.92 15.90 -9.14
CA GLN B 553 -22.98 15.69 -8.13
C GLN B 553 -23.85 16.95 -7.89
N ALA B 554 -23.25 18.14 -8.00
CA ALA B 554 -24.02 19.38 -8.03
C ALA B 554 -25.04 19.35 -9.17
N SER B 555 -24.60 18.91 -10.36
CA SER B 555 -25.47 18.88 -11.53
C SER B 555 -26.54 17.77 -11.42
N TYR B 556 -26.17 16.60 -10.91
CA TYR B 556 -27.12 15.52 -10.67
C TYR B 556 -28.17 15.95 -9.65
N MET B 557 -27.73 16.66 -8.61
CA MET B 557 -28.69 17.13 -7.61
C MET B 557 -29.61 18.19 -8.21
N TYR B 558 -29.06 19.04 -9.08
CA TYR B 558 -29.89 19.99 -9.82
C TYR B 558 -31.06 19.28 -10.53
N SER B 559 -30.74 18.28 -11.33
CA SER B 559 -31.80 17.59 -12.08
C SER B 559 -32.69 16.73 -11.18
N ASP B 560 -32.09 16.09 -10.18
CA ASP B 560 -32.86 15.29 -9.22
C ASP B 560 -33.94 16.20 -8.60
N ASN B 561 -33.54 17.41 -8.18
CA ASN B 561 -34.44 18.43 -7.63
C ASN B 561 -35.59 18.76 -8.59
N HIS B 562 -35.27 18.89 -9.86
CA HIS B 562 -36.30 19.17 -10.86
C HIS B 562 -37.26 18.00 -11.01
N TYR B 563 -36.74 16.77 -10.95
CA TYR B 563 -37.58 15.59 -11.05
C TYR B 563 -38.45 15.46 -9.82
N LEU B 564 -37.88 15.70 -8.65
CA LEU B 564 -38.65 15.72 -7.41
C LEU B 564 -39.78 16.76 -7.45
N ALA B 565 -39.51 17.94 -8.02
CA ALA B 565 -40.54 18.98 -8.22
C ALA B 565 -41.67 18.48 -9.14
N GLU B 566 -41.31 17.80 -10.23
CA GLU B 566 -42.30 17.17 -11.12
C GLU B 566 -43.14 16.15 -10.37
N MET B 567 -42.50 15.31 -9.57
CA MET B 567 -43.22 14.35 -8.75
C MET B 567 -44.15 15.02 -7.75
N ALA B 568 -43.64 16.06 -7.07
CA ALA B 568 -44.45 16.82 -6.12
C ALA B 568 -45.70 17.35 -6.81
N THR B 569 -45.55 17.85 -8.04
CA THR B 569 -46.69 18.35 -8.81
C THR B 569 -47.71 17.25 -9.08
N ILE B 570 -47.24 16.11 -9.58
CA ILE B 570 -48.10 14.95 -9.81
C ILE B 570 -48.89 14.54 -8.56
N LEU B 571 -48.24 14.64 -7.40
CA LEU B 571 -48.86 14.26 -6.12
C LEU B 571 -49.64 15.39 -5.44
N GLY B 572 -49.74 16.54 -6.10
CA GLY B 572 -50.50 17.67 -5.58
C GLY B 572 -49.83 18.36 -4.40
N LYS B 573 -48.52 18.59 -4.55
CA LYS B 573 -47.70 19.24 -3.52
C LYS B 573 -46.98 20.44 -4.13
N PRO B 574 -47.75 21.50 -4.49
CA PRO B 574 -47.17 22.59 -5.28
C PRO B 574 -46.10 23.45 -4.57
N GLU B 575 -46.19 23.55 -3.24
CA GLU B 575 -45.18 24.29 -2.49
C GLU B 575 -43.87 23.53 -2.35
N GLU B 576 -43.95 22.21 -2.17
CA GLU B 576 -42.75 21.36 -2.25
C GLU B 576 -42.12 21.46 -3.65
N ALA B 577 -42.95 21.42 -4.70
CA ALA B 577 -42.45 21.67 -6.07
C ALA B 577 -41.69 23.00 -6.18
N LYS B 578 -42.31 24.09 -5.69
CA LYS B 578 -41.67 25.41 -5.71
C LYS B 578 -40.33 25.39 -5.00
N ARG B 579 -40.27 24.72 -3.86
CA ARG B 579 -39.07 24.68 -3.04
C ARG B 579 -37.93 23.97 -3.78
N TYR B 580 -38.22 22.81 -4.36
CA TYR B 580 -37.19 22.07 -5.10
C TYR B 580 -36.67 22.85 -6.30
N ARG B 581 -37.55 23.57 -6.98
CA ARG B 581 -37.11 24.44 -8.07
C ARG B 581 -36.18 25.55 -7.57
N GLN B 582 -36.52 26.16 -6.43
CA GLN B 582 -35.68 27.21 -5.81
C GLN B 582 -34.29 26.66 -5.52
N LEU B 583 -34.24 25.47 -4.94
CA LEU B 583 -32.96 24.84 -4.61
C LEU B 583 -32.18 24.52 -5.88
N ALA B 584 -32.90 24.10 -6.90
CA ALA B 584 -32.30 23.81 -8.19
C ALA B 584 -31.68 25.07 -8.79
N GLN B 585 -32.41 26.17 -8.80
CA GLN B 585 -31.85 27.42 -9.34
C GLN B 585 -30.62 27.91 -8.58
N GLN B 586 -30.62 27.76 -7.26
CA GLN B 586 -29.43 28.09 -6.45
C GLN B 586 -28.23 27.26 -6.90
N LEU B 587 -28.47 25.98 -7.15
CA LEU B 587 -27.41 25.08 -7.62
C LEU B 587 -26.92 25.50 -9.03
N ALA B 588 -27.82 25.81 -9.96
CA ALA B 588 -27.38 26.21 -11.31
C ALA B 588 -26.51 27.48 -11.25
N ASP B 589 -26.95 28.46 -10.48
CA ASP B 589 -26.14 29.67 -10.27
C ASP B 589 -24.75 29.34 -9.76
N TYR B 590 -24.66 28.45 -8.76
CA TYR B 590 -23.38 28.05 -8.20
C TYR B 590 -22.51 27.31 -9.21
N ILE B 591 -23.11 26.37 -9.92
CA ILE B 591 -22.38 25.60 -10.95
C ILE B 591 -21.80 26.55 -12.00
N ASN B 592 -22.61 27.49 -12.46
CA ASN B 592 -22.17 28.40 -13.52
C ASN B 592 -21.18 29.45 -13.03
N THR B 593 -21.42 29.99 -11.83
CA THR B 593 -20.54 31.01 -11.26
C THR B 593 -19.21 30.46 -10.72
N CYS B 594 -19.26 29.31 -10.05
CA CYS B 594 -18.13 28.79 -9.29
C CYS B 594 -17.32 27.71 -10.01
N MET B 595 -18.01 26.85 -10.76
CA MET B 595 -17.40 25.63 -11.30
C MET B 595 -16.98 25.75 -12.77
N PHE B 596 -17.49 26.77 -13.46
CA PHE B 596 -17.05 27.02 -14.83
C PHE B 596 -15.72 27.76 -14.85
N ASP B 597 -14.80 27.27 -15.68
CA ASP B 597 -13.50 27.93 -15.92
C ASP B 597 -13.43 28.46 -17.34
N PRO B 598 -13.72 29.75 -17.52
CA PRO B 598 -13.66 30.27 -18.89
C PRO B 598 -12.31 30.13 -19.58
N THR B 599 -11.21 30.15 -18.80
CA THR B 599 -9.85 30.04 -19.38
C THR B 599 -9.72 28.78 -20.22
N THR B 600 -10.23 27.67 -19.71
CA THR B 600 -10.10 26.37 -20.38
C THR B 600 -11.42 25.88 -20.99
N GLN B 601 -12.44 26.73 -20.95
CA GLN B 601 -13.74 26.47 -21.58
C GLN B 601 -14.40 25.19 -21.04
N PHE B 602 -14.31 24.97 -19.73
CA PHE B 602 -14.76 23.71 -19.16
C PHE B 602 -15.16 23.86 -17.70
N TYR B 603 -15.91 22.88 -17.19
CA TYR B 603 -16.27 22.84 -15.77
C TYR B 603 -15.40 21.85 -14.99
N TYR B 604 -15.24 22.13 -13.70
CA TYR B 604 -14.41 21.35 -12.80
C TYR B 604 -15.01 21.39 -11.40
N ASP B 605 -14.64 20.41 -10.58
CA ASP B 605 -14.84 20.48 -9.14
C ASP B 605 -14.18 21.77 -8.60
N VAL B 606 -14.68 22.28 -7.48
CA VAL B 606 -14.03 23.37 -6.76
C VAL B 606 -13.52 22.84 -5.42
N ARG B 607 -12.44 23.43 -4.92
CA ARG B 607 -12.01 23.20 -3.55
C ARG B 607 -12.93 23.96 -2.57
N ILE B 608 -13.13 23.41 -1.39
CA ILE B 608 -13.66 24.20 -0.27
C ILE B 608 -12.44 24.77 0.43
N GLU B 609 -12.15 26.03 0.17
CA GLU B 609 -10.94 26.66 0.68
C GLU B 609 -11.18 27.13 2.14
N ASP B 610 -10.12 27.57 2.81
CA ASP B 610 -10.23 27.93 4.23
C ASP B 610 -11.29 28.99 4.49
N LYS B 611 -11.37 30.00 3.62
CA LYS B 611 -12.49 30.93 3.65
C LYS B 611 -13.10 31.02 2.25
N PRO B 612 -14.41 31.22 2.16
CA PRO B 612 -14.99 31.30 0.81
C PRO B 612 -14.53 32.54 0.04
N LEU B 613 -14.71 32.50 -1.28
CA LEU B 613 -14.46 33.65 -2.13
C LEU B 613 -15.53 34.70 -1.85
N ALA B 614 -15.24 35.96 -2.22
CA ALA B 614 -16.18 37.06 -1.99
C ALA B 614 -17.52 36.84 -2.68
N ASN B 615 -17.52 36.21 -3.86
CA ASN B 615 -18.76 35.93 -4.60
C ASN B 615 -19.62 34.79 -4.03
N GLY B 616 -19.17 34.18 -2.93
CA GLY B 616 -19.93 33.11 -2.27
C GLY B 616 -19.45 31.71 -2.61
N CYS B 617 -18.64 31.58 -3.64
CA CYS B 617 -18.12 30.28 -4.04
C CYS B 617 -17.17 29.79 -2.95
N ALA B 618 -17.18 28.48 -2.72
CA ALA B 618 -16.39 27.88 -1.64
C ALA B 618 -14.89 27.86 -1.96
N GLY B 619 -14.56 27.94 -3.24
CA GLY B 619 -13.17 28.00 -3.71
C GLY B 619 -13.13 27.96 -5.23
N LYS B 620 -11.92 27.85 -5.79
CA LYS B 620 -11.72 27.95 -7.24
C LYS B 620 -11.81 26.59 -7.91
N PRO B 621 -12.15 26.56 -9.22
CA PRO B 621 -12.13 25.30 -9.95
C PRO B 621 -10.75 24.64 -9.89
N ILE B 622 -10.73 23.31 -9.77
CA ILE B 622 -9.49 22.55 -9.67
C ILE B 622 -9.00 22.21 -11.07
N VAL B 623 -8.64 23.24 -11.83
CA VAL B 623 -8.24 23.07 -13.24
C VAL B 623 -6.95 22.25 -13.40
N GLU B 624 -6.11 22.25 -12.36
CA GLU B 624 -4.78 21.61 -12.40
C GLU B 624 -4.86 20.11 -12.58
N ARG B 625 -5.96 19.50 -12.12
CA ARG B 625 -6.08 18.05 -12.17
C ARG B 625 -6.67 17.58 -13.51
N GLY B 626 -6.88 18.51 -14.43
CA GLY B 626 -7.27 18.18 -15.79
C GLY B 626 -8.77 18.01 -16.01
N LYS B 627 -9.13 17.77 -17.27
CA LYS B 627 -10.52 17.69 -17.70
C LYS B 627 -11.00 16.25 -17.62
N GLY B 628 -12.25 16.09 -17.20
CA GLY B 628 -12.91 14.79 -17.16
C GLY B 628 -14.39 14.94 -17.54
N PRO B 629 -15.11 13.81 -17.56
CA PRO B 629 -16.49 13.78 -18.06
C PRO B 629 -17.45 14.53 -17.12
N GLU B 630 -17.02 14.77 -15.89
CA GLU B 630 -17.79 15.62 -14.98
C GLU B 630 -17.98 17.03 -15.58
N GLY B 631 -17.08 17.43 -16.46
CA GLY B 631 -17.14 18.75 -17.06
C GLY B 631 -18.32 18.99 -17.99
N TRP B 632 -18.95 17.92 -18.50
CA TRP B 632 -20.19 18.09 -19.26
C TRP B 632 -21.42 17.69 -18.49
N SER B 633 -21.27 17.31 -17.23
CA SER B 633 -22.43 17.02 -16.42
C SER B 633 -23.44 18.18 -16.28
N PRO B 634 -22.96 19.44 -16.22
CA PRO B 634 -23.96 20.52 -16.23
C PRO B 634 -24.78 20.61 -17.52
N LEU B 635 -24.25 20.10 -18.63
CA LEU B 635 -25.01 20.08 -19.89
C LEU B 635 -26.02 18.95 -19.86
N PHE B 636 -25.57 17.74 -19.50
CA PHE B 636 -26.47 16.61 -19.42
C PHE B 636 -27.67 16.93 -18.51
N ASN B 637 -27.37 17.52 -17.36
CA ASN B 637 -28.37 17.78 -16.34
C ASN B 637 -29.18 19.07 -16.55
N GLY B 638 -28.79 19.89 -17.52
CA GLY B 638 -29.58 21.07 -17.88
C GLY B 638 -29.29 22.31 -17.07
N ALA B 639 -28.18 22.30 -16.33
CA ALA B 639 -27.83 23.39 -15.42
C ALA B 639 -27.01 24.50 -16.12
N ALA B 640 -26.31 24.14 -17.20
CA ALA B 640 -25.43 25.08 -17.88
C ALA B 640 -26.20 26.25 -18.50
N THR B 641 -25.55 27.41 -18.57
CA THR B 641 -26.05 28.47 -19.43
C THR B 641 -25.68 28.08 -20.87
N GLN B 642 -26.38 28.65 -21.84
CA GLN B 642 -26.09 28.37 -23.25
C GLN B 642 -24.63 28.70 -23.56
N ALA B 643 -24.19 29.88 -23.13
CA ALA B 643 -22.81 30.33 -23.38
C ALA B 643 -21.78 29.36 -22.81
N ASN B 644 -21.98 28.92 -21.57
CA ASN B 644 -21.07 27.93 -20.97
C ASN B 644 -21.14 26.56 -21.68
N ALA B 645 -22.33 26.16 -22.12
CA ALA B 645 -22.48 24.91 -22.89
C ALA B 645 -21.72 24.99 -24.22
N ASP B 646 -21.85 26.13 -24.91
CA ASP B 646 -21.16 26.33 -26.18
C ASP B 646 -19.66 26.10 -26.03
N ALA B 647 -19.12 26.62 -24.93
CA ALA B 647 -17.70 26.49 -24.63
C ALA B 647 -17.33 25.03 -24.40
N VAL B 648 -18.12 24.33 -23.59
CA VAL B 648 -17.83 22.92 -23.28
C VAL B 648 -17.88 22.03 -24.53
N VAL B 649 -18.86 22.24 -25.38
CA VAL B 649 -19.00 21.41 -26.59
C VAL B 649 -17.78 21.55 -27.50
N LYS B 650 -17.19 22.74 -27.58
CA LYS B 650 -15.97 22.97 -28.36
C LYS B 650 -14.81 22.12 -27.84
N VAL B 651 -14.73 21.95 -26.53
CA VAL B 651 -13.75 21.04 -25.92
C VAL B 651 -14.06 19.57 -26.18
N MET B 652 -15.32 19.18 -26.01
CA MET B 652 -15.74 17.79 -26.26
C MET B 652 -15.44 17.36 -27.71
N LEU B 653 -15.60 18.28 -28.67
CA LEU B 653 -15.43 17.95 -30.10
C LEU B 653 -14.00 18.12 -30.59
N ASP B 654 -13.10 18.52 -29.69
CA ASP B 654 -11.67 18.63 -29.99
C ASP B 654 -11.05 17.24 -29.95
N PRO B 655 -10.52 16.76 -31.10
CA PRO B 655 -9.92 15.43 -31.10
C PRO B 655 -8.71 15.25 -30.18
N LYS B 656 -8.10 16.35 -29.76
CA LYS B 656 -6.94 16.29 -28.88
C LYS B 656 -7.31 16.42 -27.40
N GLU B 657 -8.62 16.55 -27.13
CA GLU B 657 -9.17 16.54 -25.77
C GLU B 657 -9.98 15.25 -25.58
N PHE B 658 -11.21 15.23 -26.11
CA PHE B 658 -12.15 14.11 -25.92
C PHE B 658 -12.66 13.47 -27.22
N ASN B 659 -12.51 14.13 -28.36
CA ASN B 659 -13.09 13.59 -29.59
C ASN B 659 -12.18 12.56 -30.26
N THR B 660 -12.00 11.45 -29.55
CA THR B 660 -11.05 10.40 -29.91
C THR B 660 -11.69 9.35 -30.81
N PHE B 661 -10.90 8.36 -31.23
CA PHE B 661 -11.38 7.30 -32.15
C PHE B 661 -12.69 6.70 -31.64
N VAL B 662 -12.70 6.33 -30.35
CA VAL B 662 -13.95 6.15 -29.63
C VAL B 662 -14.01 7.36 -28.70
N PRO B 663 -14.98 8.25 -28.89
CA PRO B 663 -14.95 9.57 -28.26
C PRO B 663 -15.56 9.65 -26.85
N LEU B 664 -15.23 10.74 -26.18
CA LEU B 664 -15.80 11.16 -24.87
C LEU B 664 -15.43 10.23 -23.70
N GLY B 665 -14.13 10.02 -23.56
CA GLY B 665 -13.58 9.19 -22.51
C GLY B 665 -13.55 9.84 -21.12
N THR B 666 -12.98 9.12 -20.16
CA THR B 666 -13.11 9.49 -18.74
C THR B 666 -12.00 10.38 -18.23
N ALA B 667 -11.07 10.71 -19.12
CA ALA B 667 -10.13 11.81 -18.90
C ALA B 667 -9.68 12.30 -20.26
N ALA B 668 -9.52 13.61 -20.39
CA ALA B 668 -9.01 14.18 -21.63
C ALA B 668 -7.60 13.68 -21.93
N LEU B 669 -7.24 13.62 -23.20
CA LEU B 669 -5.90 13.19 -23.58
C LEU B 669 -4.86 14.09 -22.92
N THR B 670 -5.26 15.33 -22.62
CA THR B 670 -4.40 16.34 -21.98
C THR B 670 -4.31 16.24 -20.46
N ASN B 671 -5.09 15.35 -19.85
CA ASN B 671 -5.14 15.26 -18.39
C ASN B 671 -3.83 14.65 -17.90
N PRO B 672 -3.19 15.27 -16.87
CA PRO B 672 -1.93 14.78 -16.32
C PRO B 672 -1.96 13.34 -15.86
N ALA B 673 -3.15 12.86 -15.47
CA ALA B 673 -3.31 11.50 -14.98
C ALA B 673 -3.90 10.53 -16.01
N PHE B 674 -3.92 10.93 -17.28
CA PHE B 674 -4.53 10.14 -18.35
C PHE B 674 -3.77 8.86 -18.65
N GLY B 675 -4.52 7.81 -18.98
CA GLY B 675 -3.99 6.60 -19.60
C GLY B 675 -5.13 5.92 -20.32
N ALA B 676 -4.90 5.47 -21.56
CA ALA B 676 -5.94 4.86 -22.37
C ALA B 676 -6.57 3.62 -21.72
N ASP B 677 -5.83 2.95 -20.83
CA ASP B 677 -6.32 1.75 -20.17
C ASP B 677 -6.65 1.99 -18.68
N ILE B 678 -6.51 3.22 -18.20
CA ILE B 678 -6.71 3.48 -16.76
C ILE B 678 -8.21 3.62 -16.49
N TYR B 679 -8.71 2.78 -15.58
CA TYR B 679 -10.15 2.51 -15.42
C TYR B 679 -11.05 3.74 -15.64
N TRP B 680 -10.90 4.75 -14.78
CA TRP B 680 -11.68 6.01 -14.86
C TRP B 680 -10.80 7.23 -15.14
N ARG B 681 -9.66 7.01 -15.79
CA ARG B 681 -8.77 8.12 -16.17
C ARG B 681 -8.35 7.99 -17.62
N GLY B 682 -9.28 7.58 -18.47
CA GLY B 682 -9.03 7.53 -19.91
C GLY B 682 -9.94 6.59 -20.68
N ARG B 683 -10.29 5.45 -20.08
CA ARG B 683 -11.18 4.51 -20.75
C ARG B 683 -12.49 5.20 -21.14
N VAL B 684 -13.06 4.79 -22.27
CA VAL B 684 -14.37 5.30 -22.67
C VAL B 684 -15.47 4.39 -22.13
N TRP B 685 -16.28 4.96 -21.23
CA TRP B 685 -17.47 4.30 -20.72
C TRP B 685 -18.69 4.82 -21.47
N VAL B 686 -19.66 3.94 -21.70
CA VAL B 686 -20.81 4.28 -22.53
C VAL B 686 -21.73 5.24 -21.81
N ASP B 687 -21.80 5.18 -20.47
CA ASP B 687 -22.69 6.10 -19.76
C ASP B 687 -22.24 7.55 -19.92
N GLN B 688 -20.97 7.83 -19.64
CA GLN B 688 -20.43 9.17 -19.71
C GLN B 688 -20.50 9.71 -21.14
N PHE B 689 -20.30 8.81 -22.10
CA PHE B 689 -20.45 9.13 -23.52
C PHE B 689 -21.91 9.57 -23.78
N TRP B 690 -22.87 8.78 -23.31
CA TRP B 690 -24.29 9.11 -23.53
C TRP B 690 -24.69 10.41 -22.79
N PHE B 691 -24.22 10.60 -21.56
CA PHE B 691 -24.47 11.86 -20.85
C PHE B 691 -23.96 13.05 -21.69
N GLY B 692 -22.80 12.89 -22.30
CA GLY B 692 -22.25 13.90 -23.17
C GLY B 692 -23.10 14.20 -24.40
N LEU B 693 -23.57 13.14 -25.07
CA LEU B 693 -24.48 13.29 -26.24
C LEU B 693 -25.80 13.97 -25.87
N LYS B 694 -26.40 13.56 -24.75
CA LYS B 694 -27.61 14.20 -24.28
C LYS B 694 -27.39 15.67 -23.91
N GLY B 695 -26.26 15.95 -23.25
CA GLY B 695 -25.91 17.34 -22.95
C GLY B 695 -25.76 18.18 -24.21
N MET B 696 -25.01 17.66 -25.18
CA MET B 696 -24.85 18.34 -26.47
C MET B 696 -26.24 18.63 -27.09
N GLU B 697 -27.04 17.57 -27.18
CA GLU B 697 -28.38 17.66 -27.74
C GLU B 697 -29.24 18.72 -27.04
N ARG B 698 -29.21 18.73 -25.71
CA ARG B 698 -29.98 19.70 -24.93
C ARG B 698 -29.61 21.16 -25.22
N TYR B 699 -28.38 21.43 -25.69
CA TYR B 699 -27.91 22.78 -25.92
C TYR B 699 -27.75 23.14 -27.40
N GLY B 700 -28.38 22.37 -28.28
CA GLY B 700 -28.45 22.71 -29.69
C GLY B 700 -27.53 21.94 -30.61
N TYR B 701 -26.84 20.94 -30.10
CA TYR B 701 -25.83 20.23 -30.88
C TYR B 701 -26.23 18.79 -31.19
N ARG B 702 -27.52 18.56 -31.40
CA ARG B 702 -27.99 17.22 -31.72
C ARG B 702 -27.32 16.63 -32.98
N ASP B 703 -27.14 17.45 -34.00
CA ASP B 703 -26.48 16.98 -35.23
C ASP B 703 -25.07 16.42 -34.96
N ASP B 704 -24.32 17.09 -34.10
CA ASP B 704 -23.00 16.63 -33.72
C ASP B 704 -23.12 15.34 -32.92
N ALA B 705 -24.14 15.24 -32.06
CA ALA B 705 -24.37 14.03 -31.29
C ALA B 705 -24.66 12.85 -32.19
N LEU B 706 -25.46 13.07 -33.23
CA LEU B 706 -25.75 12.02 -34.20
C LEU B 706 -24.48 11.47 -34.84
N LYS B 707 -23.54 12.35 -35.17
CA LYS B 707 -22.27 11.93 -35.75
C LYS B 707 -21.47 11.11 -34.74
N LEU B 708 -21.39 11.56 -33.50
CA LEU B 708 -20.66 10.83 -32.48
C LEU B 708 -21.28 9.47 -32.19
N ALA B 709 -22.61 9.37 -32.21
CA ALA B 709 -23.30 8.09 -31.98
C ALA B 709 -22.91 7.04 -33.04
N ASP B 710 -22.88 7.49 -34.29
CA ASP B 710 -22.55 6.60 -35.41
C ASP B 710 -21.11 6.12 -35.25
N THR B 711 -20.24 7.05 -34.91
CA THR B 711 -18.81 6.78 -34.69
C THR B 711 -18.60 5.75 -33.60
N PHE B 712 -19.30 5.90 -32.48
CA PHE B 712 -19.18 4.95 -31.39
C PHE B 712 -19.61 3.54 -31.80
N PHE B 713 -20.77 3.44 -32.45
CA PHE B 713 -21.31 2.14 -32.87
C PHE B 713 -20.34 1.39 -33.78
N ARG B 714 -19.72 2.13 -34.69
CA ARG B 714 -18.79 1.52 -35.64
C ARG B 714 -17.45 1.13 -35.02
N HIS B 715 -16.92 1.98 -34.11
CA HIS B 715 -15.54 1.87 -33.65
C HIS B 715 -15.34 1.09 -32.36
N ALA B 716 -16.39 0.96 -31.55
CA ALA B 716 -16.33 0.15 -30.34
C ALA B 716 -16.25 -1.31 -30.77
N LYS B 717 -15.11 -1.95 -30.51
CA LYS B 717 -14.81 -3.25 -31.09
C LYS B 717 -15.81 -4.34 -30.72
N GLY B 718 -16.33 -5.02 -31.74
CA GLY B 718 -17.22 -6.15 -31.53
C GLY B 718 -18.70 -5.81 -31.47
N LEU B 719 -19.02 -4.53 -31.36
CA LEU B 719 -20.40 -4.09 -31.12
C LEU B 719 -21.32 -4.41 -32.29
N THR B 720 -20.89 -4.08 -33.51
CA THR B 720 -21.68 -4.41 -34.70
C THR B 720 -21.46 -5.84 -35.20
N ALA B 721 -20.41 -6.49 -34.71
CA ALA B 721 -20.19 -7.92 -34.93
C ALA B 721 -20.89 -8.73 -33.83
N ASP B 722 -20.28 -9.85 -33.42
CA ASP B 722 -20.91 -10.73 -32.41
C ASP B 722 -20.25 -10.62 -31.03
N GLY B 723 -19.55 -9.51 -30.78
CA GLY B 723 -18.89 -9.35 -29.50
C GLY B 723 -19.87 -8.96 -28.42
N PRO B 724 -19.55 -9.28 -27.15
CA PRO B 724 -20.41 -8.77 -26.07
C PRO B 724 -20.25 -7.26 -25.91
N ILE B 725 -21.21 -6.63 -25.25
CA ILE B 725 -21.13 -5.22 -24.92
C ILE B 725 -20.22 -5.02 -23.72
N GLN B 726 -19.24 -4.14 -23.85
CA GLN B 726 -18.20 -4.01 -22.84
C GLN B 726 -18.45 -2.87 -21.86
N GLU B 727 -17.88 -3.03 -20.68
CA GLU B 727 -17.81 -1.98 -19.66
C GLU B 727 -17.12 -0.72 -20.18
N ASN B 728 -16.05 -0.89 -20.97
CA ASN B 728 -15.36 0.26 -21.54
C ASN B 728 -14.68 -0.09 -22.87
N TYR B 729 -14.26 0.96 -23.57
CA TYR B 729 -13.50 0.81 -24.82
C TYR B 729 -12.31 1.75 -24.82
N ASN B 730 -11.21 1.30 -25.40
CA ASN B 730 -10.03 2.13 -25.53
C ASN B 730 -10.35 3.31 -26.46
N PRO B 731 -10.09 4.55 -25.99
CA PRO B 731 -10.37 5.75 -26.79
C PRO B 731 -9.56 5.88 -28.10
N LEU B 732 -8.39 5.26 -28.15
CA LEU B 732 -7.51 5.39 -29.33
C LEU B 732 -7.72 4.25 -30.33
N THR B 733 -7.96 3.05 -29.83
CA THR B 733 -8.06 1.86 -30.69
C THR B 733 -9.45 1.24 -30.79
N GLY B 734 -10.33 1.61 -29.86
CA GLY B 734 -11.65 0.99 -29.74
C GLY B 734 -11.65 -0.40 -29.13
N ALA B 735 -10.48 -0.85 -28.66
CA ALA B 735 -10.35 -2.21 -28.15
C ALA B 735 -11.28 -2.43 -26.96
N GLN B 736 -11.82 -3.65 -26.86
CA GLN B 736 -12.64 -4.07 -25.72
C GLN B 736 -11.86 -3.95 -24.39
N GLN B 737 -12.51 -3.40 -23.38
CA GLN B 737 -11.92 -3.30 -22.03
C GLN B 737 -12.94 -3.67 -20.97
N GLY B 738 -12.45 -4.08 -19.81
CA GLY B 738 -13.29 -4.33 -18.64
C GLY B 738 -14.25 -5.49 -18.83
N ALA B 739 -15.34 -5.48 -18.07
CA ALA B 739 -16.28 -6.60 -18.07
C ALA B 739 -17.11 -6.73 -19.34
N PRO B 740 -17.16 -7.95 -19.91
CA PRO B 740 -18.09 -8.21 -21.00
C PRO B 740 -19.52 -8.33 -20.47
N ASN B 741 -20.50 -8.04 -21.33
CA ASN B 741 -21.92 -8.10 -20.97
C ASN B 741 -22.22 -7.14 -19.83
N PHE B 742 -21.80 -5.89 -20.01
CA PHE B 742 -21.97 -4.86 -18.98
C PHE B 742 -23.30 -4.11 -19.11
N SER B 743 -24.13 -4.20 -18.06
CA SER B 743 -25.52 -3.72 -18.10
C SER B 743 -25.72 -2.28 -18.49
N TRP B 744 -25.04 -1.32 -17.85
CA TRP B 744 -25.32 0.08 -18.19
C TRP B 744 -24.81 0.45 -19.56
N SER B 745 -23.79 -0.25 -20.05
CA SER B 745 -23.37 -0.05 -21.42
C SER B 745 -24.56 -0.41 -22.33
N ALA B 746 -25.20 -1.54 -22.06
CA ALA B 746 -26.37 -1.97 -22.82
C ALA B 746 -27.53 -0.97 -22.68
N ALA B 747 -27.76 -0.46 -21.47
CA ALA B 747 -28.85 0.51 -21.25
C ALA B 747 -28.67 1.75 -22.12
N HIS B 748 -27.48 2.31 -22.09
CA HIS B 748 -27.18 3.52 -22.84
C HIS B 748 -27.07 3.26 -24.34
N LEU B 749 -26.60 2.08 -24.73
CA LEU B 749 -26.62 1.74 -26.17
C LEU B 749 -28.06 1.60 -26.67
N TYR B 750 -28.93 1.05 -25.84
CA TYR B 750 -30.35 1.00 -26.18
C TYR B 750 -30.90 2.42 -26.40
N MET B 751 -30.62 3.33 -25.47
CA MET B 751 -31.07 4.73 -25.55
CA MET B 751 -31.14 4.69 -25.59
C MET B 751 -30.58 5.37 -26.84
N LEU B 752 -29.31 5.12 -27.16
CA LEU B 752 -28.70 5.65 -28.39
C LEU B 752 -29.37 5.12 -29.66
N TYR B 753 -29.62 3.81 -29.70
CA TYR B 753 -30.40 3.21 -30.78
C TYR B 753 -31.75 3.90 -30.92
N ASN B 754 -32.43 4.10 -29.80
CA ASN B 754 -33.79 4.60 -29.89
C ASN B 754 -33.84 6.07 -30.34
N ASP B 755 -32.89 6.88 -29.86
CA ASP B 755 -32.97 8.33 -29.96
C ASP B 755 -31.94 9.02 -30.88
N PHE B 756 -30.79 8.38 -31.12
CA PHE B 756 -29.69 9.03 -31.85
C PHE B 756 -29.30 8.36 -33.16
N PHE B 757 -30.29 7.76 -33.81
CA PHE B 757 -30.16 7.32 -35.20
C PHE B 757 -31.42 7.72 -35.95
N ARG B 758 -31.25 8.51 -37.01
CA ARG B 758 -32.35 9.01 -37.81
C ARG B 758 -31.90 9.10 -39.27
N LYS B 759 -32.85 9.00 -40.20
CA LYS B 759 -32.55 9.16 -41.64
C LYS B 759 -32.52 10.63 -42.00
#